data_1LR0
# 
_entry.id   1LR0 
# 
_audit_conform.dict_name       mmcif_pdbx.dic 
_audit_conform.dict_version    5.397 
_audit_conform.dict_location   http://mmcif.pdb.org/dictionaries/ascii/mmcif_pdbx.dic 
# 
loop_
_database_2.database_id 
_database_2.database_code 
_database_2.pdbx_database_accession 
_database_2.pdbx_DOI 
PDB   1LR0         pdb_00001lr0 10.2210/pdb1lr0/pdb 
RCSB  RCSB016202   ?            ?                   
WWPDB D_1000016202 ?            ?                   
# 
loop_
_pdbx_audit_revision_history.ordinal 
_pdbx_audit_revision_history.data_content_type 
_pdbx_audit_revision_history.major_revision 
_pdbx_audit_revision_history.minor_revision 
_pdbx_audit_revision_history.revision_date 
1 'Structure model' 1 0 2002-05-29 
2 'Structure model' 1 1 2007-10-16 
3 'Structure model' 1 2 2011-07-13 
4 'Structure model' 1 3 2022-12-21 
5 'Structure model' 1 4 2024-10-30 
# 
_pdbx_audit_revision_details.ordinal             1 
_pdbx_audit_revision_details.revision_ordinal    1 
_pdbx_audit_revision_details.data_content_type   'Structure model' 
_pdbx_audit_revision_details.provider            repository 
_pdbx_audit_revision_details.type                'Initial release' 
_pdbx_audit_revision_details.description         ? 
_pdbx_audit_revision_details.details             ? 
# 
loop_
_pdbx_audit_revision_group.ordinal 
_pdbx_audit_revision_group.revision_ordinal 
_pdbx_audit_revision_group.data_content_type 
_pdbx_audit_revision_group.group 
1 2 'Structure model' 'Version format compliance' 
2 3 'Structure model' 'Derived calculations'      
3 3 'Structure model' 'Version format compliance' 
4 4 'Structure model' 'Database references'       
5 4 'Structure model' 'Derived calculations'      
6 5 'Structure model' 'Data collection'           
7 5 'Structure model' 'Structure summary'         
# 
loop_
_pdbx_audit_revision_category.ordinal 
_pdbx_audit_revision_category.revision_ordinal 
_pdbx_audit_revision_category.data_content_type 
_pdbx_audit_revision_category.category 
1 4 'Structure model' database_2                
2 4 'Structure model' struct_conn               
3 4 'Structure model' struct_conn_type          
4 4 'Structure model' struct_ref_seq_dif        
5 4 'Structure model' struct_site               
6 5 'Structure model' chem_comp_atom            
7 5 'Structure model' chem_comp_bond            
8 5 'Structure model' pdbx_entry_details        
9 5 'Structure model' pdbx_modification_feature 
# 
loop_
_pdbx_audit_revision_item.ordinal 
_pdbx_audit_revision_item.revision_ordinal 
_pdbx_audit_revision_item.data_content_type 
_pdbx_audit_revision_item.item 
1  4 'Structure model' '_database_2.pdbx_DOI'                
2  4 'Structure model' '_database_2.pdbx_database_accession' 
3  4 'Structure model' '_struct_conn.conn_type_id'           
4  4 'Structure model' '_struct_conn.id'                     
5  4 'Structure model' '_struct_conn.pdbx_dist_value'        
6  4 'Structure model' '_struct_conn.pdbx_leaving_atom_flag' 
7  4 'Structure model' '_struct_conn.ptnr1_auth_comp_id'     
8  4 'Structure model' '_struct_conn.ptnr1_auth_seq_id'      
9  4 'Structure model' '_struct_conn.ptnr1_label_atom_id'    
10 4 'Structure model' '_struct_conn.ptnr1_label_comp_id'    
11 4 'Structure model' '_struct_conn.ptnr1_label_seq_id'     
12 4 'Structure model' '_struct_conn.ptnr2_auth_comp_id'     
13 4 'Structure model' '_struct_conn.ptnr2_auth_seq_id'      
14 4 'Structure model' '_struct_conn.ptnr2_label_asym_id'    
15 4 'Structure model' '_struct_conn.ptnr2_label_atom_id'    
16 4 'Structure model' '_struct_conn.ptnr2_label_comp_id'    
17 4 'Structure model' '_struct_conn.ptnr2_label_seq_id'     
18 4 'Structure model' '_struct_conn_type.id'                
19 4 'Structure model' '_struct_ref_seq_dif.details'         
20 4 'Structure model' '_struct_site.pdbx_auth_asym_id'      
21 4 'Structure model' '_struct_site.pdbx_auth_comp_id'      
22 4 'Structure model' '_struct_site.pdbx_auth_seq_id'       
# 
_pdbx_database_status.status_code                     REL 
_pdbx_database_status.entry_id                        1LR0 
_pdbx_database_status.recvd_initial_deposition_date   2002-05-14 
_pdbx_database_status.deposit_site                    RCSB 
_pdbx_database_status.process_site                    RCSB 
_pdbx_database_status.status_code_sf                  REL 
_pdbx_database_status.SG_entry                        . 
_pdbx_database_status.pdb_format_compatible           Y 
_pdbx_database_status.status_code_mr                  ? 
_pdbx_database_status.status_code_cs                  ? 
_pdbx_database_status.status_code_nmr_data            ? 
_pdbx_database_status.methods_development_category    ? 
# 
loop_
_audit_author.name 
_audit_author.pdbx_ordinal 
'Witty, M.'      1 
'Sanz, C.'       2 
'Shah, A.'       3 
'Grossman, J.G.' 4 
'Mizuguchi, K.'  5 
'Perham, R.N.'   6 
'Luisi, B.'      7 
# 
_citation.id                        primary 
_citation.title                     
;Structure of the periplasmic domain of Pseudomonas aeruginosa TolA: evidence for an evolutionary relationship with the TonB transporter protein.
;
_citation.journal_abbrev            'EMBO J.' 
_citation.journal_volume            21 
_citation.page_first                4207 
_citation.page_last                 4218 
_citation.year                      2002 
_citation.journal_id_ASTM           EMJODG 
_citation.country                   UK 
_citation.journal_id_ISSN           0261-4189 
_citation.journal_id_CSD            0897 
_citation.book_publisher            ? 
_citation.pdbx_database_id_PubMed   12169623 
_citation.pdbx_database_id_DOI      10.1093/emboj/cdf417 
# 
loop_
_citation_author.citation_id 
_citation_author.name 
_citation_author.ordinal 
_citation_author.identifier_ORCID 
primary 'Witty, M.'       1 ? 
primary 'Sanz, C.'        2 ? 
primary 'Shah, A.'        3 ? 
primary 'Grossmann, J.G.' 4 ? 
primary 'Mizuguchi, K.'   5 ? 
primary 'Perham, R.N.'    6 ? 
primary 'Luisi, B.'       7 ? 
# 
loop_
_entity.id 
_entity.type 
_entity.src_method 
_entity.pdbx_description 
_entity.formula_weight 
_entity.pdbx_number_of_molecules 
_entity.pdbx_ec 
_entity.pdbx_mutation 
_entity.pdbx_fragment 
_entity.details 
1 polymer     man 'TolA protein'                           14616.770 1   ? ? 'Periplasmic Domain (residues 226-347)' ? 
2 non-polymer syn 'ZINC ION'                               65.409    2   ? ? ?                                       ? 
3 non-polymer syn 2-AMINO-2-HYDROXYMETHYL-PROPANE-1,3-DIOL 122.143   1   ? ? ?                                       ? 
4 water       nat water                                    18.015    122 ? ? ?                                       ? 
# 
_entity_poly.entity_id                      1 
_entity_poly.type                           'polypeptide(L)' 
_entity_poly.nstd_linkage                   no 
_entity_poly.nstd_monomer                   yes 
_entity_poly.pdbx_seq_one_letter_code       
;(MSE)RALAELLSDTTERQQALADEVGSEVTGSLDDLIVNLVSQQWRRPPSARNG(MSE)SVEVLIE(MSE)LPDGTITN
ASVSRSSGDKPFDSSAVAAVRNVGRIPE(MSE)QQLPRATFDSLYRQRRIIFKPEDLSLHHHHHH
;
_entity_poly.pdbx_seq_one_letter_code_can   
;MRALAELLSDTTERQQALADEVGSEVTGSLDDLIVNLVSQQWRRPPSARNGMSVEVLIEMLPDGTITNASVSRSSGDKPF
DSSAVAAVRNVGRIPEMQQLPRATFDSLYRQRRIIFKPEDLSLHHHHHH
;
_entity_poly.pdbx_strand_id                 A 
_entity_poly.pdbx_target_identifier         ? 
# 
loop_
_pdbx_entity_nonpoly.entity_id 
_pdbx_entity_nonpoly.name 
_pdbx_entity_nonpoly.comp_id 
2 'ZINC ION'                               ZN  
3 2-AMINO-2-HYDROXYMETHYL-PROPANE-1,3-DIOL TRS 
4 water                                    HOH 
# 
loop_
_entity_poly_seq.entity_id 
_entity_poly_seq.num 
_entity_poly_seq.mon_id 
_entity_poly_seq.hetero 
1 1   MSE n 
1 2   ARG n 
1 3   ALA n 
1 4   LEU n 
1 5   ALA n 
1 6   GLU n 
1 7   LEU n 
1 8   LEU n 
1 9   SER n 
1 10  ASP n 
1 11  THR n 
1 12  THR n 
1 13  GLU n 
1 14  ARG n 
1 15  GLN n 
1 16  GLN n 
1 17  ALA n 
1 18  LEU n 
1 19  ALA n 
1 20  ASP n 
1 21  GLU n 
1 22  VAL n 
1 23  GLY n 
1 24  SER n 
1 25  GLU n 
1 26  VAL n 
1 27  THR n 
1 28  GLY n 
1 29  SER n 
1 30  LEU n 
1 31  ASP n 
1 32  ASP n 
1 33  LEU n 
1 34  ILE n 
1 35  VAL n 
1 36  ASN n 
1 37  LEU n 
1 38  VAL n 
1 39  SER n 
1 40  GLN n 
1 41  GLN n 
1 42  TRP n 
1 43  ARG n 
1 44  ARG n 
1 45  PRO n 
1 46  PRO n 
1 47  SER n 
1 48  ALA n 
1 49  ARG n 
1 50  ASN n 
1 51  GLY n 
1 52  MSE n 
1 53  SER n 
1 54  VAL n 
1 55  GLU n 
1 56  VAL n 
1 57  LEU n 
1 58  ILE n 
1 59  GLU n 
1 60  MSE n 
1 61  LEU n 
1 62  PRO n 
1 63  ASP n 
1 64  GLY n 
1 65  THR n 
1 66  ILE n 
1 67  THR n 
1 68  ASN n 
1 69  ALA n 
1 70  SER n 
1 71  VAL n 
1 72  SER n 
1 73  ARG n 
1 74  SER n 
1 75  SER n 
1 76  GLY n 
1 77  ASP n 
1 78  LYS n 
1 79  PRO n 
1 80  PHE n 
1 81  ASP n 
1 82  SER n 
1 83  SER n 
1 84  ALA n 
1 85  VAL n 
1 86  ALA n 
1 87  ALA n 
1 88  VAL n 
1 89  ARG n 
1 90  ASN n 
1 91  VAL n 
1 92  GLY n 
1 93  ARG n 
1 94  ILE n 
1 95  PRO n 
1 96  GLU n 
1 97  MSE n 
1 98  GLN n 
1 99  GLN n 
1 100 LEU n 
1 101 PRO n 
1 102 ARG n 
1 103 ALA n 
1 104 THR n 
1 105 PHE n 
1 106 ASP n 
1 107 SER n 
1 108 LEU n 
1 109 TYR n 
1 110 ARG n 
1 111 GLN n 
1 112 ARG n 
1 113 ARG n 
1 114 ILE n 
1 115 ILE n 
1 116 PHE n 
1 117 LYS n 
1 118 PRO n 
1 119 GLU n 
1 120 ASP n 
1 121 LEU n 
1 122 SER n 
1 123 LEU n 
1 124 HIS n 
1 125 HIS n 
1 126 HIS n 
1 127 HIS n 
1 128 HIS n 
1 129 HIS n 
# 
_entity_src_gen.entity_id                          1 
_entity_src_gen.pdbx_src_id                        1 
_entity_src_gen.pdbx_alt_source_flag               sample 
_entity_src_gen.pdbx_seq_type                      ? 
_entity_src_gen.pdbx_beg_seq_num                   ? 
_entity_src_gen.pdbx_end_seq_num                   ? 
_entity_src_gen.gene_src_common_name               ? 
_entity_src_gen.gene_src_genus                     Pseudomonas 
_entity_src_gen.pdbx_gene_src_gene                 TOLA 
_entity_src_gen.gene_src_species                   ? 
_entity_src_gen.gene_src_strain                    ? 
_entity_src_gen.gene_src_tissue                    ? 
_entity_src_gen.gene_src_tissue_fraction           ? 
_entity_src_gen.gene_src_details                   ? 
_entity_src_gen.pdbx_gene_src_fragment             ? 
_entity_src_gen.pdbx_gene_src_scientific_name      'Pseudomonas aeruginosa' 
_entity_src_gen.pdbx_gene_src_ncbi_taxonomy_id     287 
_entity_src_gen.pdbx_gene_src_variant              ? 
_entity_src_gen.pdbx_gene_src_cell_line            ? 
_entity_src_gen.pdbx_gene_src_atcc                 ? 
_entity_src_gen.pdbx_gene_src_organ                ? 
_entity_src_gen.pdbx_gene_src_organelle            ? 
_entity_src_gen.pdbx_gene_src_cell                 ? 
_entity_src_gen.pdbx_gene_src_cellular_location    ? 
_entity_src_gen.host_org_common_name               ? 
_entity_src_gen.pdbx_host_org_scientific_name      'Escherichia coli' 
_entity_src_gen.pdbx_host_org_ncbi_taxonomy_id     562 
_entity_src_gen.host_org_genus                     Escherichia 
_entity_src_gen.pdbx_host_org_gene                 ? 
_entity_src_gen.pdbx_host_org_organ                ? 
_entity_src_gen.host_org_species                   ? 
_entity_src_gen.pdbx_host_org_tissue               ? 
_entity_src_gen.pdbx_host_org_tissue_fraction      ? 
_entity_src_gen.pdbx_host_org_strain               'BL21(DE3)pLysS' 
_entity_src_gen.pdbx_host_org_variant              ? 
_entity_src_gen.pdbx_host_org_cell_line            ? 
_entity_src_gen.pdbx_host_org_atcc                 ? 
_entity_src_gen.pdbx_host_org_culture_collection   ? 
_entity_src_gen.pdbx_host_org_cell                 ? 
_entity_src_gen.pdbx_host_org_organelle            ? 
_entity_src_gen.pdbx_host_org_cellular_location    ? 
_entity_src_gen.pdbx_host_org_vector_type          plasmid 
_entity_src_gen.pdbx_host_org_vector               ? 
_entity_src_gen.host_org_details                   ? 
_entity_src_gen.expression_system_id               ? 
_entity_src_gen.plasmid_name                       pET-11c 
_entity_src_gen.plasmid_details                    ? 
_entity_src_gen.pdbx_description                   ? 
# 
loop_
_chem_comp.id 
_chem_comp.type 
_chem_comp.mon_nstd_flag 
_chem_comp.name 
_chem_comp.pdbx_synonyms 
_chem_comp.formula 
_chem_comp.formula_weight 
ALA 'L-peptide linking' y ALANINE                                  ?             'C3 H7 N O2'     89.093  
ARG 'L-peptide linking' y ARGININE                                 ?             'C6 H15 N4 O2 1' 175.209 
ASN 'L-peptide linking' y ASPARAGINE                               ?             'C4 H8 N2 O3'    132.118 
ASP 'L-peptide linking' y 'ASPARTIC ACID'                          ?             'C4 H7 N O4'     133.103 
GLN 'L-peptide linking' y GLUTAMINE                                ?             'C5 H10 N2 O3'   146.144 
GLU 'L-peptide linking' y 'GLUTAMIC ACID'                          ?             'C5 H9 N O4'     147.129 
GLY 'peptide linking'   y GLYCINE                                  ?             'C2 H5 N O2'     75.067  
HIS 'L-peptide linking' y HISTIDINE                                ?             'C6 H10 N3 O2 1' 156.162 
HOH non-polymer         . WATER                                    ?             'H2 O'           18.015  
ILE 'L-peptide linking' y ISOLEUCINE                               ?             'C6 H13 N O2'    131.173 
LEU 'L-peptide linking' y LEUCINE                                  ?             'C6 H13 N O2'    131.173 
LYS 'L-peptide linking' y LYSINE                                   ?             'C6 H15 N2 O2 1' 147.195 
MET 'L-peptide linking' y METHIONINE                               ?             'C5 H11 N O2 S'  149.211 
MSE 'L-peptide linking' n SELENOMETHIONINE                         ?             'C5 H11 N O2 Se' 196.106 
PHE 'L-peptide linking' y PHENYLALANINE                            ?             'C9 H11 N O2'    165.189 
PRO 'L-peptide linking' y PROLINE                                  ?             'C5 H9 N O2'     115.130 
SER 'L-peptide linking' y SERINE                                   ?             'C3 H7 N O3'     105.093 
THR 'L-peptide linking' y THREONINE                                ?             'C4 H9 N O3'     119.119 
TRP 'L-peptide linking' y TRYPTOPHAN                               ?             'C11 H12 N2 O2'  204.225 
TRS non-polymer         . 2-AMINO-2-HYDROXYMETHYL-PROPANE-1,3-DIOL 'TRIS BUFFER' 'C4 H12 N O3 1'  122.143 
TYR 'L-peptide linking' y TYROSINE                                 ?             'C9 H11 N O3'    181.189 
VAL 'L-peptide linking' y VALINE                                   ?             'C5 H11 N O2'    117.146 
ZN  non-polymer         . 'ZINC ION'                               ?             'Zn 2'           65.409  
# 
loop_
_pdbx_poly_seq_scheme.asym_id 
_pdbx_poly_seq_scheme.entity_id 
_pdbx_poly_seq_scheme.seq_id 
_pdbx_poly_seq_scheme.mon_id 
_pdbx_poly_seq_scheme.ndb_seq_num 
_pdbx_poly_seq_scheme.pdb_seq_num 
_pdbx_poly_seq_scheme.auth_seq_num 
_pdbx_poly_seq_scheme.pdb_mon_id 
_pdbx_poly_seq_scheme.auth_mon_id 
_pdbx_poly_seq_scheme.pdb_strand_id 
_pdbx_poly_seq_scheme.pdb_ins_code 
_pdbx_poly_seq_scheme.hetero 
A 1 1   MSE 1   1   ?   ?   ?   A . n 
A 1 2   ARG 2   2   ?   ?   ?   A . n 
A 1 3   ALA 3   3   3   ALA ALA A . n 
A 1 4   LEU 4   4   4   LEU LEU A . n 
A 1 5   ALA 5   5   5   ALA ALA A . n 
A 1 6   GLU 6   6   6   GLU ALA A . n 
A 1 7   LEU 7   7   7   LEU LEU A . n 
A 1 8   LEU 8   8   8   LEU LEU A . n 
A 1 9   SER 9   9   9   SER SER A . n 
A 1 10  ASP 10  10  10  ASP ASP A . n 
A 1 11  THR 11  11  11  THR THR A . n 
A 1 12  THR 12  12  12  THR THR A . n 
A 1 13  GLU 13  13  13  GLU ALA A . n 
A 1 14  ARG 14  14  14  ARG ALA A . n 
A 1 15  GLN 15  15  15  GLN GLN A . n 
A 1 16  GLN 16  16  16  GLN GLN A . n 
A 1 17  ALA 17  17  17  ALA ALA A . n 
A 1 18  LEU 18  18  18  LEU LEU A . n 
A 1 19  ALA 19  19  19  ALA ALA A . n 
A 1 20  ASP 20  20  20  ASP ASP A . n 
A 1 21  GLU 21  21  21  GLU GLU A . n 
A 1 22  VAL 22  22  22  VAL VAL A . n 
A 1 23  GLY 23  23  23  GLY GLY A . n 
A 1 24  SER 24  24  24  SER SER A . n 
A 1 25  GLU 25  25  25  GLU GLU A . n 
A 1 26  VAL 26  26  26  VAL VAL A . n 
A 1 27  THR 27  27  27  THR THR A . n 
A 1 28  GLY 28  28  28  GLY GLY A . n 
A 1 29  SER 29  29  29  SER SER A . n 
A 1 30  LEU 30  30  30  LEU LEU A . n 
A 1 31  ASP 31  31  31  ASP ASP A . n 
A 1 32  ASP 32  32  32  ASP ASP A . n 
A 1 33  LEU 33  33  33  LEU LEU A . n 
A 1 34  ILE 34  34  34  ILE ILE A . n 
A 1 35  VAL 35  35  35  VAL VAL A . n 
A 1 36  ASN 36  36  36  ASN ASN A . n 
A 1 37  LEU 37  37  37  LEU LEU A . n 
A 1 38  VAL 38  38  38  VAL VAL A . n 
A 1 39  SER 39  39  39  SER SER A . n 
A 1 40  GLN 40  40  40  GLN GLN A . n 
A 1 41  GLN 41  41  41  GLN GLN A . n 
A 1 42  TRP 42  42  42  TRP TRP A . n 
A 1 43  ARG 43  43  43  ARG ARG A . n 
A 1 44  ARG 44  44  44  ARG ARG A . n 
A 1 45  PRO 45  45  45  PRO PRO A . n 
A 1 46  PRO 46  46  46  PRO PRO A . n 
A 1 47  SER 47  47  47  SER SER A . n 
A 1 48  ALA 48  48  48  ALA ALA A . n 
A 1 49  ARG 49  49  49  ARG ARG A . n 
A 1 50  ASN 50  50  50  ASN ASN A . n 
A 1 51  GLY 51  51  51  GLY GLY A . n 
A 1 52  MSE 52  52  52  MSE MSE A . n 
A 1 53  SER 53  53  53  SER SER A . n 
A 1 54  VAL 54  54  54  VAL VAL A . n 
A 1 55  GLU 55  55  55  GLU GLU A . n 
A 1 56  VAL 56  56  56  VAL VAL A . n 
A 1 57  LEU 57  57  57  LEU LEU A . n 
A 1 58  ILE 58  58  58  ILE ILE A . n 
A 1 59  GLU 59  59  59  GLU GLU A . n 
A 1 60  MSE 60  60  60  MSE MSE A . n 
A 1 61  LEU 61  61  61  LEU LEU A . n 
A 1 62  PRO 62  62  62  PRO PRO A . n 
A 1 63  ASP 63  63  63  ASP ASP A . n 
A 1 64  GLY 64  64  64  GLY GLY A . n 
A 1 65  THR 65  65  65  THR THR A . n 
A 1 66  ILE 66  66  66  ILE ILE A . n 
A 1 67  THR 67  67  67  THR THR A . n 
A 1 68  ASN 68  68  68  ASN ASN A . n 
A 1 69  ALA 69  69  69  ALA ALA A . n 
A 1 70  SER 70  70  70  SER SER A . n 
A 1 71  VAL 71  71  71  VAL VAL A . n 
A 1 72  SER 72  72  72  SER SER A . n 
A 1 73  ARG 73  73  73  ARG ARG A . n 
A 1 74  SER 74  74  74  SER SER A . n 
A 1 75  SER 75  75  75  SER SER A . n 
A 1 76  GLY 76  76  76  GLY GLY A . n 
A 1 77  ASP 77  77  77  ASP ASP A . n 
A 1 78  LYS 78  78  78  LYS LYS A . n 
A 1 79  PRO 79  79  79  PRO PRO A . n 
A 1 80  PHE 80  80  80  PHE PHE A . n 
A 1 81  ASP 81  81  81  ASP ASP A . n 
A 1 82  SER 82  82  82  SER SER A . n 
A 1 83  SER 83  83  83  SER SER A . n 
A 1 84  ALA 84  84  84  ALA ALA A . n 
A 1 85  VAL 85  85  85  VAL VAL A . n 
A 1 86  ALA 86  86  86  ALA ALA A . n 
A 1 87  ALA 87  87  87  ALA ALA A . n 
A 1 88  VAL 88  88  88  VAL VAL A . n 
A 1 89  ARG 89  89  89  ARG ARG A . n 
A 1 90  ASN 90  90  90  ASN ASN A . n 
A 1 91  VAL 91  91  91  VAL VAL A . n 
A 1 92  GLY 92  92  92  GLY GLY A . n 
A 1 93  ARG 93  93  93  ARG ARG A . n 
A 1 94  ILE 94  94  94  ILE ILE A . n 
A 1 95  PRO 95  95  95  PRO PRO A . n 
A 1 96  GLU 96  96  96  GLU GLU A . n 
A 1 97  MSE 97  97  97  MSE MSE A . n 
A 1 98  GLN 98  98  98  GLN GLN A . n 
A 1 99  GLN 99  99  99  GLN GLN A . n 
A 1 100 LEU 100 100 100 LEU LEU A . n 
A 1 101 PRO 101 101 101 PRO PRO A . n 
A 1 102 ARG 102 102 102 ARG ARG A . n 
A 1 103 ALA 103 103 103 ALA ALA A . n 
A 1 104 THR 104 104 104 THR THR A . n 
A 1 105 PHE 105 105 105 PHE PHE A . n 
A 1 106 ASP 106 106 106 ASP ASP A . n 
A 1 107 SER 107 107 107 SER SER A . n 
A 1 108 LEU 108 108 108 LEU LEU A . n 
A 1 109 TYR 109 109 109 TYR TYR A . n 
A 1 110 ARG 110 110 110 ARG ARG A . n 
A 1 111 GLN 111 111 111 GLN GLN A . n 
A 1 112 ARG 112 112 112 ARG ARG A . n 
A 1 113 ARG 113 113 113 ARG ARG A . n 
A 1 114 ILE 114 114 114 ILE ILE A . n 
A 1 115 ILE 115 115 115 ILE ILE A . n 
A 1 116 PHE 116 116 116 PHE PHE A . n 
A 1 117 LYS 117 117 117 LYS LYS A . n 
A 1 118 PRO 118 118 118 PRO PRO A . n 
A 1 119 GLU 119 119 119 GLU GLU A . n 
A 1 120 ASP 120 120 120 ASP ASP A . n 
A 1 121 LEU 121 121 121 LEU LEU A . n 
A 1 122 SER 122 122 122 SER SER A . n 
A 1 123 LEU 123 123 123 LEU LEU A . n 
A 1 124 HIS 124 124 124 HIS HIS A . n 
A 1 125 HIS 125 125 125 HIS HIS A . n 
A 1 126 HIS 126 126 126 HIS HIS A . n 
A 1 127 HIS 127 127 127 HIS HIS A . n 
A 1 128 HIS 128 128 128 HIS HIS A . n 
A 1 129 HIS 129 129 ?   ?   ?   A . n 
# 
loop_
_pdbx_nonpoly_scheme.asym_id 
_pdbx_nonpoly_scheme.entity_id 
_pdbx_nonpoly_scheme.mon_id 
_pdbx_nonpoly_scheme.ndb_seq_num 
_pdbx_nonpoly_scheme.pdb_seq_num 
_pdbx_nonpoly_scheme.auth_seq_num 
_pdbx_nonpoly_scheme.pdb_mon_id 
_pdbx_nonpoly_scheme.auth_mon_id 
_pdbx_nonpoly_scheme.pdb_strand_id 
_pdbx_nonpoly_scheme.pdb_ins_code 
B 2 ZN  1   130 129 ZN  ZN  A . 
C 2 ZN  1   131 130 ZN  ZN  A . 
D 3 TRS 1   303 3   TRS TRS A . 
E 4 HOH 1   304 2   HOH HOH A . 
E 4 HOH 2   305 3   HOH HOH A . 
E 4 HOH 3   306 4   HOH HOH A . 
E 4 HOH 4   307 5   HOH HOH A . 
E 4 HOH 5   308 6   HOH HOH A . 
E 4 HOH 6   309 7   HOH HOH A . 
E 4 HOH 7   310 8   HOH HOH A . 
E 4 HOH 8   311 9   HOH HOH A . 
E 4 HOH 9   312 10  HOH HOH A . 
E 4 HOH 10  313 11  HOH HOH A . 
E 4 HOH 11  314 12  HOH HOH A . 
E 4 HOH 12  315 13  HOH HOH A . 
E 4 HOH 13  316 14  HOH HOH A . 
E 4 HOH 14  317 15  HOH HOH A . 
E 4 HOH 15  318 16  HOH HOH A . 
E 4 HOH 16  319 17  HOH HOH A . 
E 4 HOH 17  320 18  HOH HOH A . 
E 4 HOH 18  321 19  HOH HOH A . 
E 4 HOH 19  322 20  HOH HOH A . 
E 4 HOH 20  323 21  HOH HOH A . 
E 4 HOH 21  324 22  HOH HOH A . 
E 4 HOH 22  325 23  HOH HOH A . 
E 4 HOH 23  326 24  HOH HOH A . 
E 4 HOH 24  327 25  HOH HOH A . 
E 4 HOH 25  328 26  HOH HOH A . 
E 4 HOH 26  329 27  HOH HOH A . 
E 4 HOH 27  330 28  HOH HOH A . 
E 4 HOH 28  331 29  HOH HOH A . 
E 4 HOH 29  332 30  HOH HOH A . 
E 4 HOH 30  333 31  HOH HOH A . 
E 4 HOH 31  334 32  HOH HOH A . 
E 4 HOH 32  335 33  HOH HOH A . 
E 4 HOH 33  336 34  HOH HOH A . 
E 4 HOH 34  337 35  HOH HOH A . 
E 4 HOH 35  338 36  HOH HOH A . 
E 4 HOH 36  339 37  HOH HOH A . 
E 4 HOH 37  340 38  HOH HOH A . 
E 4 HOH 38  341 39  HOH HOH A . 
E 4 HOH 39  342 40  HOH HOH A . 
E 4 HOH 40  343 41  HOH HOH A . 
E 4 HOH 41  344 42  HOH HOH A . 
E 4 HOH 42  345 43  HOH HOH A . 
E 4 HOH 43  346 44  HOH HOH A . 
E 4 HOH 44  347 45  HOH HOH A . 
E 4 HOH 45  348 46  HOH HOH A . 
E 4 HOH 46  349 47  HOH HOH A . 
E 4 HOH 47  350 48  HOH HOH A . 
E 4 HOH 48  351 49  HOH HOH A . 
E 4 HOH 49  352 50  HOH HOH A . 
E 4 HOH 50  353 51  HOH HOH A . 
E 4 HOH 51  354 52  HOH HOH A . 
E 4 HOH 52  355 53  HOH HOH A . 
E 4 HOH 53  356 54  HOH HOH A . 
E 4 HOH 54  357 55  HOH HOH A . 
E 4 HOH 55  358 56  HOH HOH A . 
E 4 HOH 56  359 57  HOH HOH A . 
E 4 HOH 57  360 58  HOH HOH A . 
E 4 HOH 58  361 59  HOH HOH A . 
E 4 HOH 59  362 60  HOH HOH A . 
E 4 HOH 60  363 61  HOH HOH A . 
E 4 HOH 61  364 62  HOH HOH A . 
E 4 HOH 62  365 63  HOH HOH A . 
E 4 HOH 63  366 64  HOH HOH A . 
E 4 HOH 64  367 65  HOH HOH A . 
E 4 HOH 65  368 66  HOH HOH A . 
E 4 HOH 66  369 67  HOH HOH A . 
E 4 HOH 67  370 68  HOH HOH A . 
E 4 HOH 68  371 69  HOH HOH A . 
E 4 HOH 69  372 71  HOH HOH A . 
E 4 HOH 70  373 72  HOH HOH A . 
E 4 HOH 71  374 73  HOH HOH A . 
E 4 HOH 72  375 74  HOH HOH A . 
E 4 HOH 73  376 75  HOH HOH A . 
E 4 HOH 74  377 76  HOH HOH A . 
E 4 HOH 75  378 77  HOH HOH A . 
E 4 HOH 76  379 78  HOH HOH A . 
E 4 HOH 77  380 79  HOH HOH A . 
E 4 HOH 78  381 80  HOH HOH A . 
E 4 HOH 79  382 81  HOH HOH A . 
E 4 HOH 80  383 82  HOH HOH A . 
E 4 HOH 81  384 84  HOH HOH A . 
E 4 HOH 82  385 85  HOH HOH A . 
E 4 HOH 83  386 86  HOH HOH A . 
E 4 HOH 84  387 88  HOH HOH A . 
E 4 HOH 85  388 89  HOH HOH A . 
E 4 HOH 86  389 90  HOH HOH A . 
E 4 HOH 87  390 91  HOH HOH A . 
E 4 HOH 88  391 92  HOH HOH A . 
E 4 HOH 89  392 93  HOH HOH A . 
E 4 HOH 90  393 95  HOH HOH A . 
E 4 HOH 91  394 96  HOH HOH A . 
E 4 HOH 92  395 97  HOH HOH A . 
E 4 HOH 93  396 98  HOH HOH A . 
E 4 HOH 94  397 99  HOH HOH A . 
E 4 HOH 95  398 100 HOH HOH A . 
E 4 HOH 96  399 101 HOH HOH A . 
E 4 HOH 97  400 102 HOH HOH A . 
E 4 HOH 98  401 103 HOH HOH A . 
E 4 HOH 99  402 104 HOH HOH A . 
E 4 HOH 100 403 105 HOH HOH A . 
E 4 HOH 101 404 106 HOH HOH A . 
E 4 HOH 102 405 107 HOH HOH A . 
E 4 HOH 103 406 108 HOH HOH A . 
E 4 HOH 104 407 109 HOH HOH A . 
E 4 HOH 105 408 110 HOH HOH A . 
E 4 HOH 106 409 112 HOH HOH A . 
E 4 HOH 107 410 113 HOH HOH A . 
E 4 HOH 108 411 115 HOH HOH A . 
E 4 HOH 109 412 116 HOH HOH A . 
E 4 HOH 110 413 117 HOH HOH A . 
E 4 HOH 111 414 119 HOH HOH A . 
E 4 HOH 112 415 122 HOH HOH A . 
E 4 HOH 113 416 123 HOH HOH A . 
E 4 HOH 114 417 124 HOH HOH A . 
E 4 HOH 115 418 126 HOH HOH A . 
E 4 HOH 116 419 129 HOH HOH A . 
E 4 HOH 117 420 133 HOH HOH A . 
E 4 HOH 118 421 134 HOH HOH A . 
E 4 HOH 119 422 135 HOH HOH A . 
E 4 HOH 120 423 136 HOH HOH A . 
E 4 HOH 121 424 137 HOH HOH A . 
E 4 HOH 122 425 4   HOH HOH A . 
# 
loop_
_pdbx_unobs_or_zero_occ_atoms.id 
_pdbx_unobs_or_zero_occ_atoms.PDB_model_num 
_pdbx_unobs_or_zero_occ_atoms.polymer_flag 
_pdbx_unobs_or_zero_occ_atoms.occupancy_flag 
_pdbx_unobs_or_zero_occ_atoms.auth_asym_id 
_pdbx_unobs_or_zero_occ_atoms.auth_comp_id 
_pdbx_unobs_or_zero_occ_atoms.auth_seq_id 
_pdbx_unobs_or_zero_occ_atoms.PDB_ins_code 
_pdbx_unobs_or_zero_occ_atoms.auth_atom_id 
_pdbx_unobs_or_zero_occ_atoms.label_alt_id 
_pdbx_unobs_or_zero_occ_atoms.label_asym_id 
_pdbx_unobs_or_zero_occ_atoms.label_comp_id 
_pdbx_unobs_or_zero_occ_atoms.label_seq_id 
_pdbx_unobs_or_zero_occ_atoms.label_atom_id 
1  1 Y 1 A GLU 6  ? CG  ? A GLU 6  CG  
2  1 Y 1 A GLU 6  ? CD  ? A GLU 6  CD  
3  1 Y 1 A GLU 6  ? OE1 ? A GLU 6  OE1 
4  1 Y 1 A GLU 6  ? OE2 ? A GLU 6  OE2 
5  1 Y 1 A GLU 13 ? CG  ? A GLU 13 CG  
6  1 Y 1 A GLU 13 ? CD  ? A GLU 13 CD  
7  1 Y 1 A GLU 13 ? OE1 ? A GLU 13 OE1 
8  1 Y 1 A GLU 13 ? OE2 ? A GLU 13 OE2 
9  1 Y 1 A ARG 14 ? CG  ? A ARG 14 CG  
10 1 Y 1 A ARG 14 ? CD  ? A ARG 14 CD  
11 1 Y 1 A ARG 14 ? NE  ? A ARG 14 NE  
12 1 Y 1 A ARG 14 ? CZ  ? A ARG 14 CZ  
13 1 Y 1 A ARG 14 ? NH1 ? A ARG 14 NH1 
14 1 Y 1 A ARG 14 ? NH2 ? A ARG 14 NH2 
# 
loop_
_software.name 
_software.classification 
_software.version 
_software.citation_id 
_software.pdbx_ordinal 
MLPHARE   phasing          .   ? 1 
REFMAC    refinement       5.0 ? 2 
HKL-2000  'data reduction' .   ? 3 
SCALEPACK 'data scaling'   .   ? 4 
# 
_cell.entry_id           1LR0 
_cell.length_a           78.477 
_cell.length_b           78.477 
_cell.length_c           97.674 
_cell.angle_alpha        90.00 
_cell.angle_beta         90.00 
_cell.angle_gamma        120.00 
_cell.Z_PDB              12 
_cell.pdbx_unique_axis   ? 
# 
_symmetry.entry_id                         1LR0 
_symmetry.space_group_name_H-M             'P 63 2 2' 
_symmetry.pdbx_full_space_group_name_H-M   ? 
_symmetry.cell_setting                     ? 
_symmetry.Int_Tables_number                182 
# 
_exptl.entry_id          1LR0 
_exptl.method            'X-RAY DIFFRACTION' 
_exptl.crystals_number   1 
# 
_exptl_crystal.id                    1 
_exptl_crystal.density_meas          ? 
_exptl_crystal.density_percent_sol   58.57 
_exptl_crystal.density_Matthews      2.97 
_exptl_crystal.description           ? 
# 
_exptl_crystal_grow.crystal_id      1 
_exptl_crystal_grow.method          'VAPOR DIFFUSION, HANGING DROP' 
_exptl_crystal_grow.temp            293 
_exptl_crystal_grow.temp_details    ? 
_exptl_crystal_grow.pH              8.0 
_exptl_crystal_grow.pdbx_details    
'5% wt/v PEG 6000, 100 mM TrisCl, pH 8.0, and 1 mM ZnSO4, VAPOR DIFFUSION, HANGING DROP, temperature 293K' 
_exptl_crystal_grow.pdbx_pH_range   . 
# 
_diffrn.id                     1 
_diffrn.ambient_temp           100 
_diffrn.ambient_temp_details   ? 
_diffrn.crystal_id             1 
# 
_diffrn_detector.diffrn_id              1 
_diffrn_detector.detector               CCD 
_diffrn_detector.type                   'ADSC QUANTUM 4' 
_diffrn_detector.pdbx_collection_date   2001-04-30 
_diffrn_detector.details                ? 
# 
_diffrn_radiation.diffrn_id                        1 
_diffrn_radiation.wavelength_id                    1 
_diffrn_radiation.pdbx_monochromatic_or_laue_m_l   M 
_diffrn_radiation.monochromator                    'Double-crystal Si(111)' 
_diffrn_radiation.pdbx_diffrn_protocol             MAD 
_diffrn_radiation.pdbx_scattering_type             x-ray 
# 
loop_
_diffrn_radiation_wavelength.id 
_diffrn_radiation_wavelength.wavelength 
_diffrn_radiation_wavelength.wt 
1 0.9791 1.0 
2 0.9611 1.0 
# 
_diffrn_source.diffrn_id                   1 
_diffrn_source.source                      SYNCHROTRON 
_diffrn_source.type                        'ALS BEAMLINE 5.0.2' 
_diffrn_source.pdbx_synchrotron_site       ALS 
_diffrn_source.pdbx_synchrotron_beamline   5.0.2 
_diffrn_source.pdbx_wavelength             ? 
_diffrn_source.pdbx_wavelength_list        '0.9791, 0.9611' 
# 
_reflns.entry_id                     1LR0 
_reflns.observed_criterion_sigma_F   ? 
_reflns.observed_criterion_sigma_I   0 
_reflns.d_resolution_high            1.914 
_reflns.d_resolution_low             19.84 
_reflns.number_all                   13441 
_reflns.number_obs                   13441 
_reflns.percent_possible_obs         98.8 
_reflns.pdbx_Rmerge_I_obs            0.0830000 
_reflns.pdbx_Rsym_value              0.0830000 
_reflns.pdbx_netI_over_sigmaI        16.1 
_reflns.B_iso_Wilson_estimate        19.0 
_reflns.pdbx_redundancy              ? 
_reflns.R_free_details               ? 
_reflns.limit_h_max                  ? 
_reflns.limit_h_min                  ? 
_reflns.limit_k_max                  ? 
_reflns.limit_k_min                  ? 
_reflns.limit_l_max                  ? 
_reflns.limit_l_min                  ? 
_reflns.observed_criterion_F_max     ? 
_reflns.observed_criterion_F_min     ? 
_reflns.pdbx_ordinal                 1 
_reflns.pdbx_diffrn_id               1 
# 
_reflns_shell.d_res_high             1.914 
_reflns_shell.d_res_low              2.01 
_reflns_shell.percent_possible_all   94.3 
_reflns_shell.Rmerge_I_obs           0.3220000 
_reflns_shell.pdbx_Rsym_value        0.3220000 
_reflns_shell.meanI_over_sigI_obs    2.7 
_reflns_shell.pdbx_redundancy        ? 
_reflns_shell.percent_possible_obs   ? 
_reflns_shell.number_unique_all      ? 
_reflns_shell.pdbx_ordinal           1 
_reflns_shell.pdbx_diffrn_id         1 
# 
_refine.entry_id                                 1LR0 
_refine.ls_number_reflns_obs                     13441 
_refine.ls_number_reflns_all                     13441 
_refine.pdbx_ls_sigma_I                          ? 
_refine.pdbx_ls_sigma_F                          0.0 
_refine.pdbx_data_cutoff_high_absF               ? 
_refine.pdbx_data_cutoff_low_absF                ? 
_refine.ls_d_res_low                             19.84 
_refine.ls_d_res_high                            1.914 
_refine.ls_percent_reflns_obs                    95.32 
_refine.ls_R_factor_obs                          0.1832500 
_refine.ls_R_factor_all                          0.1832500 
_refine.ls_R_factor_R_work                       0.1812400 
_refine.ls_R_factor_R_free                       0.2227500 
_refine.ls_R_factor_R_free_error                 ? 
_refine.ls_R_factor_R_free_error_details         ? 
_refine.ls_percent_reflns_R_free                 4.9 
_refine.ls_number_reflns_R_free                  664 
_refine.ls_number_parameters                     ? 
_refine.ls_number_restraints                     ? 
_refine.occupancy_min                            ? 
_refine.occupancy_max                            ? 
_refine.correlation_coeff_Fo_to_Fc               0.943 
_refine.correlation_coeff_Fo_to_Fc_free          0.916 
_refine.B_iso_mean                               23.390 
_refine.aniso_B[1][1]                            0.00 
_refine.aniso_B[2][2]                            0.00 
_refine.aniso_B[3][3]                            -0.01 
_refine.aniso_B[1][2]                            0.00 
_refine.aniso_B[1][3]                            0.00 
_refine.aniso_B[2][3]                            0.00 
_refine.solvent_model_details                    'BABINET MODEL WITH MASK' 
_refine.solvent_model_param_ksol                 ? 
_refine.solvent_model_param_bsol                 ? 
_refine.pdbx_solvent_vdw_probe_radii             1.40 
_refine.pdbx_solvent_ion_probe_radii             0.80 
_refine.pdbx_solvent_shrinkage_radii             0.80 
_refine.pdbx_ls_cross_valid_method               THROUGHOUT 
_refine.details                                  'HYDROGENS HAVE BEEN ADDED IN THE RIDING POSITIONS' 
_refine.pdbx_starting_model                      ? 
_refine.pdbx_method_to_determine_struct          MAD 
_refine.pdbx_isotropic_thermal_model             ? 
_refine.pdbx_stereochemistry_target_values       'MAXIMUM LIKELIHOOD' 
_refine.pdbx_stereochem_target_val_spec_case     ? 
_refine.pdbx_R_Free_selection_details            RANDOM 
_refine.pdbx_overall_ESU_R_Free                  0.129 
_refine.overall_SU_B                             3.797 
_refine.ls_redundancy_reflns_obs                 ? 
_refine.B_iso_min                                ? 
_refine.B_iso_max                                ? 
_refine.overall_SU_R_Cruickshank_DPI             ? 
_refine.overall_SU_R_free                        ? 
_refine.overall_SU_ML                            0.111 
_refine.pdbx_overall_ESU_R                       0.130 
_refine.pdbx_data_cutoff_high_rms_absF           ? 
_refine.pdbx_refine_id                           'X-RAY DIFFRACTION' 
_refine.pdbx_diffrn_id                           1 
_refine.pdbx_TLS_residual_ADP_flag               ? 
_refine.pdbx_overall_phase_error                 ? 
_refine.pdbx_overall_SU_R_free_Cruickshank_DPI   ? 
_refine.pdbx_overall_SU_R_Blow_DPI               ? 
_refine.pdbx_overall_SU_R_free_Blow_DPI          ? 
# 
_refine_hist.pdbx_refine_id                   'X-RAY DIFFRACTION' 
_refine_hist.cycle_id                         LAST 
_refine_hist.pdbx_number_atoms_protein        968 
_refine_hist.pdbx_number_atoms_nucleic_acid   0 
_refine_hist.pdbx_number_atoms_ligand         10 
_refine_hist.number_atoms_solvent             122 
_refine_hist.number_atoms_total               1100 
_refine_hist.d_res_high                       1.914 
_refine_hist.d_res_low                        19.84 
# 
loop_
_refine_ls_restr.type 
_refine_ls_restr.dev_ideal 
_refine_ls_restr.dev_ideal_target 
_refine_ls_restr.weight 
_refine_ls_restr.number 
_refine_ls_restr.pdbx_refine_id 
_refine_ls_restr.pdbx_restraint_function 
r_bond_refined_d         0.025  0.021 ? 993  'X-RAY DIFFRACTION' ? 
r_bond_other_d           0.001  0.020 ? 910  'X-RAY DIFFRACTION' ? 
r_angle_refined_deg      2.155  1.955 ? 1348 'X-RAY DIFFRACTION' ? 
r_angle_other_deg        0.983  3.000 ? 2111 'X-RAY DIFFRACTION' ? 
r_dihedral_angle_1_deg   5.851  3.000 ? 125  'X-RAY DIFFRACTION' ? 
r_dihedral_angle_3_deg   16.586 15.00 ? 175  'X-RAY DIFFRACTION' ? 
r_chiral_restr           0.138  0.200 ? 156  'X-RAY DIFFRACTION' ? 
r_gen_planes_refined     0.010  0.020 ? 1109 'X-RAY DIFFRACTION' ? 
r_gen_planes_other       0.003  0.020 ? 192  'X-RAY DIFFRACTION' ? 
r_nbd_refined            0.263  0.300 ? 231  'X-RAY DIFFRACTION' ? 
r_nbd_other              0.211  0.300 ? 862  'X-RAY DIFFRACTION' ? 
r_xyhbond_nbd_refined    0.156  0.500 ? 90   'X-RAY DIFFRACTION' ? 
r_xyhbond_nbd_other      0.088  0.500 ? 1    'X-RAY DIFFRACTION' ? 
r_symmetry_vdw_refined   0.346  0.300 ? 14   'X-RAY DIFFRACTION' ? 
r_symmetry_vdw_other     0.260  0.300 ? 29   'X-RAY DIFFRACTION' ? 
r_symmetry_hbond_refined 0.334  0.500 ? 19   'X-RAY DIFFRACTION' ? 
r_symmetry_hbond_other   0.011  0.500 ? 1    'X-RAY DIFFRACTION' ? 
r_mcbond_it              1.725  1.500 ? 635  'X-RAY DIFFRACTION' ? 
r_mcangle_it             2.999  2.000 ? 1024 'X-RAY DIFFRACTION' ? 
r_scbond_it              4.810  3.000 ? 358  'X-RAY DIFFRACTION' ? 
r_scangle_it             7.727  4.500 ? 324  'X-RAY DIFFRACTION' ? 
# 
_refine_ls_shell.pdbx_total_number_of_bins_used   20 
_refine_ls_shell.d_res_high                       1.914 
_refine_ls_shell.d_res_low                        1.964 
_refine_ls_shell.number_reflns_R_work             294 
_refine_ls_shell.R_factor_R_work                  0.2360000 
_refine_ls_shell.percent_reflns_obs               ? 
_refine_ls_shell.R_factor_R_free                  0.3740000 
_refine_ls_shell.R_factor_R_free_error            ? 
_refine_ls_shell.percent_reflns_R_free            ? 
_refine_ls_shell.number_reflns_R_free             24 
_refine_ls_shell.number_reflns_obs                ? 
_refine_ls_shell.redundancy_reflns_obs            ? 
_refine_ls_shell.number_reflns_all                ? 
_refine_ls_shell.pdbx_refine_id                   'X-RAY DIFFRACTION' 
_refine_ls_shell.R_factor_all                     ? 
# 
_struct.entry_id                  1LR0 
_struct.title                     'Pseudomonas aeruginosa TolA Domain III, Seleno-methionine Derivative' 
_struct.pdbx_model_details        ? 
_struct.pdbx_CASP_flag            ? 
_struct.pdbx_model_type_details   ? 
# 
_struct_keywords.entry_id        1LR0 
_struct_keywords.pdbx_keywords   'PROTEIN TRANSPORT' 
_struct_keywords.text            'Domain-Swapping, TolA, TonB, PROTEIN TRANSPORT' 
# 
loop_
_struct_asym.id 
_struct_asym.pdbx_blank_PDB_chainid_flag 
_struct_asym.pdbx_modified 
_struct_asym.entity_id 
_struct_asym.details 
A N N 1 ? 
B N N 2 ? 
C N N 2 ? 
D N N 3 ? 
E N N 4 ? 
# 
_struct_ref.id                         1 
_struct_ref.db_name                    UNP 
_struct_ref.db_code                    TOLA_PSEAE 
_struct_ref.entity_id                  1 
_struct_ref.pdbx_seq_one_letter_code   
;RALAELLSDTTERQQALADEVGSEVTGSLDDLIVNLVSQQWRRPPSARNGMSVEVLIEMLPDGTITNASVSRSSGDKPFD
SSAVAAVRNVGRIPEMQQLPRATFDSLYRQRRIIFKPEDLSL
;
_struct_ref.pdbx_align_begin           226 
_struct_ref.pdbx_db_accession          P50600 
_struct_ref.pdbx_db_isoform            ? 
# 
_struct_ref_seq.align_id                      1 
_struct_ref_seq.ref_id                        1 
_struct_ref_seq.pdbx_PDB_id_code              1LR0 
_struct_ref_seq.pdbx_strand_id                A 
_struct_ref_seq.seq_align_beg                 2 
_struct_ref_seq.pdbx_seq_align_beg_ins_code   ? 
_struct_ref_seq.seq_align_end                 123 
_struct_ref_seq.pdbx_seq_align_end_ins_code   ? 
_struct_ref_seq.pdbx_db_accession             P50600 
_struct_ref_seq.db_align_beg                  226 
_struct_ref_seq.pdbx_db_align_beg_ins_code    ? 
_struct_ref_seq.db_align_end                  347 
_struct_ref_seq.pdbx_db_align_end_ins_code    ? 
_struct_ref_seq.pdbx_auth_seq_align_beg       2 
_struct_ref_seq.pdbx_auth_seq_align_end       123 
# 
loop_
_struct_ref_seq_dif.align_id 
_struct_ref_seq_dif.pdbx_pdb_id_code 
_struct_ref_seq_dif.mon_id 
_struct_ref_seq_dif.pdbx_pdb_strand_id 
_struct_ref_seq_dif.seq_num 
_struct_ref_seq_dif.pdbx_pdb_ins_code 
_struct_ref_seq_dif.pdbx_seq_db_name 
_struct_ref_seq_dif.pdbx_seq_db_accession_code 
_struct_ref_seq_dif.db_mon_id 
_struct_ref_seq_dif.pdbx_seq_db_seq_num 
_struct_ref_seq_dif.details 
_struct_ref_seq_dif.pdbx_auth_seq_num 
_struct_ref_seq_dif.pdbx_ordinal 
1 1LR0 MSE A 1   ? UNP P50600 ?   ?   'initiating methionine' 1   1  
1 1LR0 MSE A 52  ? UNP P50600 MET 276 'modified residue'      52  2  
1 1LR0 MSE A 60  ? UNP P50600 MET 284 'modified residue'      60  3  
1 1LR0 MSE A 97  ? UNP P50600 MET 321 'modified residue'      97  4  
1 1LR0 HIS A 124 ? UNP P50600 ?   ?   'expression tag'        124 5  
1 1LR0 HIS A 125 ? UNP P50600 ?   ?   'expression tag'        125 6  
1 1LR0 HIS A 126 ? UNP P50600 ?   ?   'expression tag'        126 7  
1 1LR0 HIS A 127 ? UNP P50600 ?   ?   'expression tag'        127 8  
1 1LR0 HIS A 128 ? UNP P50600 ?   ?   'expression tag'        128 9  
1 1LR0 HIS A 129 ? UNP P50600 ?   ?   'expression tag'        129 10 
# 
loop_
_pdbx_struct_assembly.id 
_pdbx_struct_assembly.details 
_pdbx_struct_assembly.method_details 
_pdbx_struct_assembly.oligomeric_details 
_pdbx_struct_assembly.oligomeric_count 
1 author_defined_assembly   ?        monomeric 1 
2 software_defined_assembly PISA,PQS trimeric  3 
# 
loop_
_pdbx_struct_assembly_prop.biol_id 
_pdbx_struct_assembly_prop.type 
_pdbx_struct_assembly_prop.value 
_pdbx_struct_assembly_prop.details 
2 'ABSA (A^2)' 4300  ? 
2 MORE         -257  ? 
2 'SSA (A^2)'  20350 ? 
# 
loop_
_pdbx_struct_assembly_gen.assembly_id 
_pdbx_struct_assembly_gen.oper_expression 
_pdbx_struct_assembly_gen.asym_id_list 
1 1     A,B,C,D,E 
2 1,2,3 A,B,C,D,E 
# 
loop_
_pdbx_struct_oper_list.id 
_pdbx_struct_oper_list.type 
_pdbx_struct_oper_list.name 
_pdbx_struct_oper_list.symmetry_operation 
_pdbx_struct_oper_list.matrix[1][1] 
_pdbx_struct_oper_list.matrix[1][2] 
_pdbx_struct_oper_list.matrix[1][3] 
_pdbx_struct_oper_list.vector[1] 
_pdbx_struct_oper_list.matrix[2][1] 
_pdbx_struct_oper_list.matrix[2][2] 
_pdbx_struct_oper_list.matrix[2][3] 
_pdbx_struct_oper_list.vector[2] 
_pdbx_struct_oper_list.matrix[3][1] 
_pdbx_struct_oper_list.matrix[3][2] 
_pdbx_struct_oper_list.matrix[3][3] 
_pdbx_struct_oper_list.vector[3] 
1 'identity operation'         1_555 x,y,z         1.0000000000  0.0000000000  0.0000000000  0.0000000000  0.0000000000  1.0000000000 0.0000000000  0.0000000000  0.0000000000  0.0000000000  1.0000000000  0.0000000000  
2 'crystal symmetry operation' 2_655 -y+1,x-y,z    -0.4917626892 -0.1232802817 -0.8619579048 26.0965117065 -0.0984002395 0.9914531810 -0.0856620267 2.2796346023  0.8651513454  0.0426914756  -0.4996904918 23.6172964675 
3 'crystal symmetry operation' 3_665 -x+y+1,-x+1,z -0.4917626892 -0.0984002395 0.8651513454  -7.3749284454 -0.1232802817 0.9914531810 0.0426914756  -0.0512229010 -0.8619579048 -0.0856620267 -0.4996904918 34.4907111596 
# 
_struct_biol.id                    1 
_struct_biol.pdbx_parent_biol_id   ? 
_struct_biol.details               ? 
# 
loop_
_struct_conf.conf_type_id 
_struct_conf.id 
_struct_conf.pdbx_PDB_helix_id 
_struct_conf.beg_label_comp_id 
_struct_conf.beg_label_asym_id 
_struct_conf.beg_label_seq_id 
_struct_conf.pdbx_beg_PDB_ins_code 
_struct_conf.end_label_comp_id 
_struct_conf.end_label_asym_id 
_struct_conf.end_label_seq_id 
_struct_conf.pdbx_end_PDB_ins_code 
_struct_conf.beg_auth_comp_id 
_struct_conf.beg_auth_asym_id 
_struct_conf.beg_auth_seq_id 
_struct_conf.end_auth_comp_id 
_struct_conf.end_auth_asym_id 
_struct_conf.end_auth_seq_id 
_struct_conf.pdbx_PDB_helix_class 
_struct_conf.details 
_struct_conf.pdbx_PDB_helix_length 
HELX_P HELX_P1 1 ALA A 3   ? TRP A 42  ? ALA A 3   TRP A 42  1 ? 40 
HELX_P HELX_P2 2 ASP A 77  ? GLY A 92  ? ASP A 77  GLY A 92  1 ? 16 
HELX_P HELX_P3 3 ILE A 94  ? LEU A 100 ? ILE A 94  LEU A 100 5 ? 7  
HELX_P HELX_P4 4 PRO A 101 ? TYR A 109 ? PRO A 101 TYR A 109 1 ? 9  
HELX_P HELX_P5 5 LYS A 117 ? HIS A 124 ? LYS A 117 HIS A 124 1 ? 8  
# 
_struct_conf_type.id          HELX_P 
_struct_conf_type.criteria    ? 
_struct_conf_type.reference   ? 
# 
loop_
_struct_conn.id 
_struct_conn.conn_type_id 
_struct_conn.pdbx_leaving_atom_flag 
_struct_conn.pdbx_PDB_id 
_struct_conn.ptnr1_label_asym_id 
_struct_conn.ptnr1_label_comp_id 
_struct_conn.ptnr1_label_seq_id 
_struct_conn.ptnr1_label_atom_id 
_struct_conn.pdbx_ptnr1_label_alt_id 
_struct_conn.pdbx_ptnr1_PDB_ins_code 
_struct_conn.pdbx_ptnr1_standard_comp_id 
_struct_conn.ptnr1_symmetry 
_struct_conn.ptnr2_label_asym_id 
_struct_conn.ptnr2_label_comp_id 
_struct_conn.ptnr2_label_seq_id 
_struct_conn.ptnr2_label_atom_id 
_struct_conn.pdbx_ptnr2_label_alt_id 
_struct_conn.pdbx_ptnr2_PDB_ins_code 
_struct_conn.ptnr1_auth_asym_id 
_struct_conn.ptnr1_auth_comp_id 
_struct_conn.ptnr1_auth_seq_id 
_struct_conn.ptnr2_auth_asym_id 
_struct_conn.ptnr2_auth_comp_id 
_struct_conn.ptnr2_auth_seq_id 
_struct_conn.ptnr2_symmetry 
_struct_conn.pdbx_ptnr3_label_atom_id 
_struct_conn.pdbx_ptnr3_label_seq_id 
_struct_conn.pdbx_ptnr3_label_comp_id 
_struct_conn.pdbx_ptnr3_label_asym_id 
_struct_conn.pdbx_ptnr3_label_alt_id 
_struct_conn.pdbx_ptnr3_PDB_ins_code 
_struct_conn.details 
_struct_conn.pdbx_dist_value 
_struct_conn.pdbx_value_order 
_struct_conn.pdbx_role 
covale1 covale both ? A GLY 51  C   ? ? ? 1_555 A MSE 52 N  ? ? A GLY 51  A MSE 52  1_555 ? ? ? ? ? ? ? 1.335 ? ? 
covale2 covale both ? A MSE 52  C   ? ? ? 1_555 A SER 53 N  ? ? A MSE 52  A SER 53  1_555 ? ? ? ? ? ? ? 1.353 ? ? 
covale3 covale both ? A GLU 59  C   ? ? ? 1_555 A MSE 60 N  ? ? A GLU 59  A MSE 60  1_555 ? ? ? ? ? ? ? 1.333 ? ? 
covale4 covale both ? A MSE 60  C   ? ? ? 1_555 A LEU 61 N  ? ? A MSE 60  A LEU 61  1_555 ? ? ? ? ? ? ? 1.329 ? ? 
covale5 covale both ? A GLU 96  C   ? ? ? 1_555 A MSE 97 N  ? ? A GLU 96  A MSE 97  1_555 ? ? ? ? ? ? ? 1.339 ? ? 
covale6 covale both ? A MSE 97  C   ? ? ? 1_555 A GLN 98 N  ? ? A MSE 97  A GLN 98  1_555 ? ? ? ? ? ? ? 1.318 ? ? 
metalc1 metalc ?    ? A HIS 125 NE2 ? ? ? 1_555 B ZN  .  ZN ? ? A HIS 125 A ZN  130 1_555 ? ? ? ? ? ? ? 2.031 ? ? 
metalc2 metalc ?    ? B ZN  .   ZN  ? ? ? 1_555 E HOH .  O  ? ? A ZN  130 A HOH 421 1_555 ? ? ? ? ? ? ? 2.537 ? ? 
# 
loop_
_struct_conn_type.id 
_struct_conn_type.criteria 
_struct_conn_type.reference 
covale ? ? 
metalc ? ? 
# 
_pdbx_struct_conn_angle.id                    1 
_pdbx_struct_conn_angle.ptnr1_label_atom_id   NE2 
_pdbx_struct_conn_angle.ptnr1_label_alt_id    ? 
_pdbx_struct_conn_angle.ptnr1_label_asym_id   A 
_pdbx_struct_conn_angle.ptnr1_label_comp_id   HIS 
_pdbx_struct_conn_angle.ptnr1_label_seq_id    125 
_pdbx_struct_conn_angle.ptnr1_auth_atom_id    ? 
_pdbx_struct_conn_angle.ptnr1_auth_asym_id    A 
_pdbx_struct_conn_angle.ptnr1_auth_comp_id    HIS 
_pdbx_struct_conn_angle.ptnr1_auth_seq_id     125 
_pdbx_struct_conn_angle.ptnr1_PDB_ins_code    ? 
_pdbx_struct_conn_angle.ptnr1_symmetry        1_555 
_pdbx_struct_conn_angle.ptnr2_label_atom_id   ZN 
_pdbx_struct_conn_angle.ptnr2_label_alt_id    ? 
_pdbx_struct_conn_angle.ptnr2_label_asym_id   B 
_pdbx_struct_conn_angle.ptnr2_label_comp_id   ZN 
_pdbx_struct_conn_angle.ptnr2_label_seq_id    . 
_pdbx_struct_conn_angle.ptnr2_auth_atom_id    ? 
_pdbx_struct_conn_angle.ptnr2_auth_asym_id    A 
_pdbx_struct_conn_angle.ptnr2_auth_comp_id    ZN 
_pdbx_struct_conn_angle.ptnr2_auth_seq_id     130 
_pdbx_struct_conn_angle.ptnr2_PDB_ins_code    ? 
_pdbx_struct_conn_angle.ptnr2_symmetry        1_555 
_pdbx_struct_conn_angle.ptnr3_label_atom_id   O 
_pdbx_struct_conn_angle.ptnr3_label_alt_id    ? 
_pdbx_struct_conn_angle.ptnr3_label_asym_id   E 
_pdbx_struct_conn_angle.ptnr3_label_comp_id   HOH 
_pdbx_struct_conn_angle.ptnr3_label_seq_id    . 
_pdbx_struct_conn_angle.ptnr3_auth_atom_id    ? 
_pdbx_struct_conn_angle.ptnr3_auth_asym_id    A 
_pdbx_struct_conn_angle.ptnr3_auth_comp_id    HOH 
_pdbx_struct_conn_angle.ptnr3_auth_seq_id     421 
_pdbx_struct_conn_angle.ptnr3_PDB_ins_code    ? 
_pdbx_struct_conn_angle.ptnr3_symmetry        1_555 
_pdbx_struct_conn_angle.value                 102.7 
_pdbx_struct_conn_angle.value_esd             ? 
# 
loop_
_pdbx_modification_feature.ordinal 
_pdbx_modification_feature.label_comp_id 
_pdbx_modification_feature.label_asym_id 
_pdbx_modification_feature.label_seq_id 
_pdbx_modification_feature.label_alt_id 
_pdbx_modification_feature.modified_residue_label_comp_id 
_pdbx_modification_feature.modified_residue_label_asym_id 
_pdbx_modification_feature.modified_residue_label_seq_id 
_pdbx_modification_feature.modified_residue_label_alt_id 
_pdbx_modification_feature.auth_comp_id 
_pdbx_modification_feature.auth_asym_id 
_pdbx_modification_feature.auth_seq_id 
_pdbx_modification_feature.PDB_ins_code 
_pdbx_modification_feature.symmetry 
_pdbx_modification_feature.modified_residue_auth_comp_id 
_pdbx_modification_feature.modified_residue_auth_asym_id 
_pdbx_modification_feature.modified_residue_auth_seq_id 
_pdbx_modification_feature.modified_residue_PDB_ins_code 
_pdbx_modification_feature.modified_residue_symmetry 
_pdbx_modification_feature.comp_id_linking_atom 
_pdbx_modification_feature.modified_residue_id_linking_atom 
_pdbx_modification_feature.modified_residue_id 
_pdbx_modification_feature.ref_pcm_id 
_pdbx_modification_feature.ref_comp_id 
_pdbx_modification_feature.type 
_pdbx_modification_feature.category 
1 MSE A 52 ? . . . . MSE A 52 ? 1_555 . . . . . . . MET 1 MSE Selenomethionine 'Named protein modification' 
2 MSE A 60 ? . . . . MSE A 60 ? 1_555 . . . . . . . MET 1 MSE Selenomethionine 'Named protein modification' 
3 MSE A 97 ? . . . . MSE A 97 ? 1_555 . . . . . . . MET 1 MSE Selenomethionine 'Named protein modification' 
# 
_struct_sheet.id               A 
_struct_sheet.type             ? 
_struct_sheet.number_strands   3 
_struct_sheet.details          ? 
# 
loop_
_struct_sheet_order.sheet_id 
_struct_sheet_order.range_id_1 
_struct_sheet_order.range_id_2 
_struct_sheet_order.offset 
_struct_sheet_order.sense 
A 1 2 ? anti-parallel 
A 2 3 ? anti-parallel 
# 
loop_
_struct_sheet_range.sheet_id 
_struct_sheet_range.id 
_struct_sheet_range.beg_label_comp_id 
_struct_sheet_range.beg_label_asym_id 
_struct_sheet_range.beg_label_seq_id 
_struct_sheet_range.pdbx_beg_PDB_ins_code 
_struct_sheet_range.end_label_comp_id 
_struct_sheet_range.end_label_asym_id 
_struct_sheet_range.end_label_seq_id 
_struct_sheet_range.pdbx_end_PDB_ins_code 
_struct_sheet_range.beg_auth_comp_id 
_struct_sheet_range.beg_auth_asym_id 
_struct_sheet_range.beg_auth_seq_id 
_struct_sheet_range.end_auth_comp_id 
_struct_sheet_range.end_auth_asym_id 
_struct_sheet_range.end_auth_seq_id 
A 1 ILE A 66  ? ARG A 73  ? ILE A 66  ARG A 73  
A 2 VAL A 54  ? MSE A 60  ? VAL A 54  MSE A 60  
A 3 GLN A 111 ? PHE A 116 ? GLN A 111 PHE A 116 
# 
loop_
_pdbx_struct_sheet_hbond.sheet_id 
_pdbx_struct_sheet_hbond.range_id_1 
_pdbx_struct_sheet_hbond.range_id_2 
_pdbx_struct_sheet_hbond.range_1_label_atom_id 
_pdbx_struct_sheet_hbond.range_1_label_comp_id 
_pdbx_struct_sheet_hbond.range_1_label_asym_id 
_pdbx_struct_sheet_hbond.range_1_label_seq_id 
_pdbx_struct_sheet_hbond.range_1_PDB_ins_code 
_pdbx_struct_sheet_hbond.range_1_auth_atom_id 
_pdbx_struct_sheet_hbond.range_1_auth_comp_id 
_pdbx_struct_sheet_hbond.range_1_auth_asym_id 
_pdbx_struct_sheet_hbond.range_1_auth_seq_id 
_pdbx_struct_sheet_hbond.range_2_label_atom_id 
_pdbx_struct_sheet_hbond.range_2_label_comp_id 
_pdbx_struct_sheet_hbond.range_2_label_asym_id 
_pdbx_struct_sheet_hbond.range_2_label_seq_id 
_pdbx_struct_sheet_hbond.range_2_PDB_ins_code 
_pdbx_struct_sheet_hbond.range_2_auth_atom_id 
_pdbx_struct_sheet_hbond.range_2_auth_comp_id 
_pdbx_struct_sheet_hbond.range_2_auth_asym_id 
_pdbx_struct_sheet_hbond.range_2_auth_seq_id 
A 1 2 O SER A 72 ? O SER A 72 N GLU A 55  ? N GLU A 55  
A 2 3 N VAL A 54 ? N VAL A 54 O PHE A 116 ? O PHE A 116 
# 
loop_
_struct_site.id 
_struct_site.pdbx_evidence_code 
_struct_site.pdbx_auth_asym_id 
_struct_site.pdbx_auth_comp_id 
_struct_site.pdbx_auth_seq_id 
_struct_site.pdbx_auth_ins_code 
_struct_site.pdbx_num_residues 
_struct_site.details 
AC1 Software A ZN  130 ? 2 'BINDING SITE FOR RESIDUE ZN A 130'  
AC2 Software A ZN  131 ? 2 'BINDING SITE FOR RESIDUE ZN A 131'  
AC3 Software A TRS 303 ? 9 'BINDING SITE FOR RESIDUE TRS A 303' 
# 
loop_
_struct_site_gen.id 
_struct_site_gen.site_id 
_struct_site_gen.pdbx_num_res 
_struct_site_gen.label_comp_id 
_struct_site_gen.label_asym_id 
_struct_site_gen.label_seq_id 
_struct_site_gen.pdbx_auth_ins_code 
_struct_site_gen.auth_comp_id 
_struct_site_gen.auth_asym_id 
_struct_site_gen.auth_seq_id 
_struct_site_gen.label_atom_id 
_struct_site_gen.label_alt_id 
_struct_site_gen.symmetry 
_struct_site_gen.details 
1  AC1 2 HIS A 125 ? HIS A 125 . ? 1_555 ? 
2  AC1 2 HOH E .   ? HOH A 421 . ? 1_555 ? 
3  AC2 2 HIS A 126 ? HIS A 126 . ? 1_555 ? 
4  AC2 2 HIS A 126 ? HIS A 126 . ? 2_655 ? 
5  AC3 9 ASN A 50  ? ASN A 50  . ? 2_655 ? 
6  AC3 9 ASN A 50  ? ASN A 50  . ? 1_555 ? 
7  AC3 9 ASN A 50  ? ASN A 50  . ? 3_665 ? 
8  AC3 9 GLU A 119 ? GLU A 119 . ? 2_655 ? 
9  AC3 9 GLU A 119 ? GLU A 119 . ? 3_665 ? 
10 AC3 9 GLU A 119 ? GLU A 119 . ? 1_555 ? 
11 AC3 9 HOH E .   ? HOH A 342 . ? 2_655 ? 
12 AC3 9 HOH E .   ? HOH A 342 . ? 3_665 ? 
13 AC3 9 HOH E .   ? HOH A 342 . ? 1_555 ? 
# 
_pdbx_entry_details.entry_id                   1LR0 
_pdbx_entry_details.compound_details           ? 
_pdbx_entry_details.source_details             ? 
_pdbx_entry_details.nonpolymer_details         ? 
_pdbx_entry_details.sequence_details           ? 
_pdbx_entry_details.has_ligand_of_interest     ? 
_pdbx_entry_details.has_protein_modification   Y 
# 
loop_
_pdbx_validate_symm_contact.id 
_pdbx_validate_symm_contact.PDB_model_num 
_pdbx_validate_symm_contact.auth_atom_id_1 
_pdbx_validate_symm_contact.auth_asym_id_1 
_pdbx_validate_symm_contact.auth_comp_id_1 
_pdbx_validate_symm_contact.auth_seq_id_1 
_pdbx_validate_symm_contact.PDB_ins_code_1 
_pdbx_validate_symm_contact.label_alt_id_1 
_pdbx_validate_symm_contact.site_symmetry_1 
_pdbx_validate_symm_contact.auth_atom_id_2 
_pdbx_validate_symm_contact.auth_asym_id_2 
_pdbx_validate_symm_contact.auth_comp_id_2 
_pdbx_validate_symm_contact.auth_seq_id_2 
_pdbx_validate_symm_contact.PDB_ins_code_2 
_pdbx_validate_symm_contact.label_alt_id_2 
_pdbx_validate_symm_contact.site_symmetry_2 
_pdbx_validate_symm_contact.dist 
1 1 O A HOH 389 ? ? 1_555 O A HOH 421 ? ? 2_655 1.73 
2 1 O A HOH 384 ? ? 1_555 O A HOH 384 ? ? 7_556 1.95 
# 
loop_
_pdbx_validate_rmsd_angle.id 
_pdbx_validate_rmsd_angle.PDB_model_num 
_pdbx_validate_rmsd_angle.auth_atom_id_1 
_pdbx_validate_rmsd_angle.auth_asym_id_1 
_pdbx_validate_rmsd_angle.auth_comp_id_1 
_pdbx_validate_rmsd_angle.auth_seq_id_1 
_pdbx_validate_rmsd_angle.PDB_ins_code_1 
_pdbx_validate_rmsd_angle.label_alt_id_1 
_pdbx_validate_rmsd_angle.auth_atom_id_2 
_pdbx_validate_rmsd_angle.auth_asym_id_2 
_pdbx_validate_rmsd_angle.auth_comp_id_2 
_pdbx_validate_rmsd_angle.auth_seq_id_2 
_pdbx_validate_rmsd_angle.PDB_ins_code_2 
_pdbx_validate_rmsd_angle.label_alt_id_2 
_pdbx_validate_rmsd_angle.auth_atom_id_3 
_pdbx_validate_rmsd_angle.auth_asym_id_3 
_pdbx_validate_rmsd_angle.auth_comp_id_3 
_pdbx_validate_rmsd_angle.auth_seq_id_3 
_pdbx_validate_rmsd_angle.PDB_ins_code_3 
_pdbx_validate_rmsd_angle.label_alt_id_3 
_pdbx_validate_rmsd_angle.angle_value 
_pdbx_validate_rmsd_angle.angle_target_value 
_pdbx_validate_rmsd_angle.angle_deviation 
_pdbx_validate_rmsd_angle.angle_standard_deviation 
_pdbx_validate_rmsd_angle.linker_flag 
1 1 CB A ASP 10  ? ? CG A ASP 10  ? ? OD2 A ASP 10  ? ? 126.22 118.30 7.92  0.90 N 
2 1 CB A ASP 20  ? ? CG A ASP 20  ? ? OD2 A ASP 20  ? ? 124.84 118.30 6.54  0.90 N 
3 1 CB A ASP 81  ? ? CG A ASP 81  ? ? OD2 A ASP 81  ? ? 126.29 118.30 7.99  0.90 N 
4 1 NE A ARG 89  ? ? CZ A ARG 89  ? ? NH2 A ARG 89  ? ? 116.22 120.30 -4.08 0.50 N 
5 1 NE A ARG 102 ? ? CZ A ARG 102 ? ? NH2 A ARG 102 ? ? 117.26 120.30 -3.04 0.50 N 
# 
loop_
_pdbx_struct_mod_residue.id 
_pdbx_struct_mod_residue.label_asym_id 
_pdbx_struct_mod_residue.label_comp_id 
_pdbx_struct_mod_residue.label_seq_id 
_pdbx_struct_mod_residue.auth_asym_id 
_pdbx_struct_mod_residue.auth_comp_id 
_pdbx_struct_mod_residue.auth_seq_id 
_pdbx_struct_mod_residue.PDB_ins_code 
_pdbx_struct_mod_residue.parent_comp_id 
_pdbx_struct_mod_residue.details 
1 A MSE 52 A MSE 52 ? MET SELENOMETHIONINE 
2 A MSE 60 A MSE 60 ? MET SELENOMETHIONINE 
3 A MSE 97 A MSE 97 ? MET SELENOMETHIONINE 
# 
_pdbx_struct_special_symmetry.id              1 
_pdbx_struct_special_symmetry.PDB_model_num   1 
_pdbx_struct_special_symmetry.auth_asym_id    A 
_pdbx_struct_special_symmetry.auth_comp_id    HOH 
_pdbx_struct_special_symmetry.auth_seq_id     418 
_pdbx_struct_special_symmetry.PDB_ins_code    ? 
_pdbx_struct_special_symmetry.label_asym_id   E 
_pdbx_struct_special_symmetry.label_comp_id   HOH 
_pdbx_struct_special_symmetry.label_seq_id    . 
# 
loop_
_pdbx_unobs_or_zero_occ_residues.id 
_pdbx_unobs_or_zero_occ_residues.PDB_model_num 
_pdbx_unobs_or_zero_occ_residues.polymer_flag 
_pdbx_unobs_or_zero_occ_residues.occupancy_flag 
_pdbx_unobs_or_zero_occ_residues.auth_asym_id 
_pdbx_unobs_or_zero_occ_residues.auth_comp_id 
_pdbx_unobs_or_zero_occ_residues.auth_seq_id 
_pdbx_unobs_or_zero_occ_residues.PDB_ins_code 
_pdbx_unobs_or_zero_occ_residues.label_asym_id 
_pdbx_unobs_or_zero_occ_residues.label_comp_id 
_pdbx_unobs_or_zero_occ_residues.label_seq_id 
1 1 Y 1 A MSE 1   ? A MSE 1   
2 1 Y 1 A ARG 2   ? A ARG 2   
3 1 Y 1 A HIS 129 ? A HIS 129 
# 
loop_
_chem_comp_atom.comp_id 
_chem_comp_atom.atom_id 
_chem_comp_atom.type_symbol 
_chem_comp_atom.pdbx_aromatic_flag 
_chem_comp_atom.pdbx_stereo_config 
_chem_comp_atom.pdbx_ordinal 
ALA N    N  N N 1   
ALA CA   C  N S 2   
ALA C    C  N N 3   
ALA O    O  N N 4   
ALA CB   C  N N 5   
ALA OXT  O  N N 6   
ALA H    H  N N 7   
ALA H2   H  N N 8   
ALA HA   H  N N 9   
ALA HB1  H  N N 10  
ALA HB2  H  N N 11  
ALA HB3  H  N N 12  
ALA HXT  H  N N 13  
ARG N    N  N N 14  
ARG CA   C  N S 15  
ARG C    C  N N 16  
ARG O    O  N N 17  
ARG CB   C  N N 18  
ARG CG   C  N N 19  
ARG CD   C  N N 20  
ARG NE   N  N N 21  
ARG CZ   C  N N 22  
ARG NH1  N  N N 23  
ARG NH2  N  N N 24  
ARG OXT  O  N N 25  
ARG H    H  N N 26  
ARG H2   H  N N 27  
ARG HA   H  N N 28  
ARG HB2  H  N N 29  
ARG HB3  H  N N 30  
ARG HG2  H  N N 31  
ARG HG3  H  N N 32  
ARG HD2  H  N N 33  
ARG HD3  H  N N 34  
ARG HE   H  N N 35  
ARG HH11 H  N N 36  
ARG HH12 H  N N 37  
ARG HH21 H  N N 38  
ARG HH22 H  N N 39  
ARG HXT  H  N N 40  
ASN N    N  N N 41  
ASN CA   C  N S 42  
ASN C    C  N N 43  
ASN O    O  N N 44  
ASN CB   C  N N 45  
ASN CG   C  N N 46  
ASN OD1  O  N N 47  
ASN ND2  N  N N 48  
ASN OXT  O  N N 49  
ASN H    H  N N 50  
ASN H2   H  N N 51  
ASN HA   H  N N 52  
ASN HB2  H  N N 53  
ASN HB3  H  N N 54  
ASN HD21 H  N N 55  
ASN HD22 H  N N 56  
ASN HXT  H  N N 57  
ASP N    N  N N 58  
ASP CA   C  N S 59  
ASP C    C  N N 60  
ASP O    O  N N 61  
ASP CB   C  N N 62  
ASP CG   C  N N 63  
ASP OD1  O  N N 64  
ASP OD2  O  N N 65  
ASP OXT  O  N N 66  
ASP H    H  N N 67  
ASP H2   H  N N 68  
ASP HA   H  N N 69  
ASP HB2  H  N N 70  
ASP HB3  H  N N 71  
ASP HD2  H  N N 72  
ASP HXT  H  N N 73  
GLN N    N  N N 74  
GLN CA   C  N S 75  
GLN C    C  N N 76  
GLN O    O  N N 77  
GLN CB   C  N N 78  
GLN CG   C  N N 79  
GLN CD   C  N N 80  
GLN OE1  O  N N 81  
GLN NE2  N  N N 82  
GLN OXT  O  N N 83  
GLN H    H  N N 84  
GLN H2   H  N N 85  
GLN HA   H  N N 86  
GLN HB2  H  N N 87  
GLN HB3  H  N N 88  
GLN HG2  H  N N 89  
GLN HG3  H  N N 90  
GLN HE21 H  N N 91  
GLN HE22 H  N N 92  
GLN HXT  H  N N 93  
GLU N    N  N N 94  
GLU CA   C  N S 95  
GLU C    C  N N 96  
GLU O    O  N N 97  
GLU CB   C  N N 98  
GLU CG   C  N N 99  
GLU CD   C  N N 100 
GLU OE1  O  N N 101 
GLU OE2  O  N N 102 
GLU OXT  O  N N 103 
GLU H    H  N N 104 
GLU H2   H  N N 105 
GLU HA   H  N N 106 
GLU HB2  H  N N 107 
GLU HB3  H  N N 108 
GLU HG2  H  N N 109 
GLU HG3  H  N N 110 
GLU HE2  H  N N 111 
GLU HXT  H  N N 112 
GLY N    N  N N 113 
GLY CA   C  N N 114 
GLY C    C  N N 115 
GLY O    O  N N 116 
GLY OXT  O  N N 117 
GLY H    H  N N 118 
GLY H2   H  N N 119 
GLY HA2  H  N N 120 
GLY HA3  H  N N 121 
GLY HXT  H  N N 122 
HIS N    N  N N 123 
HIS CA   C  N S 124 
HIS C    C  N N 125 
HIS O    O  N N 126 
HIS CB   C  N N 127 
HIS CG   C  Y N 128 
HIS ND1  N  Y N 129 
HIS CD2  C  Y N 130 
HIS CE1  C  Y N 131 
HIS NE2  N  Y N 132 
HIS OXT  O  N N 133 
HIS H    H  N N 134 
HIS H2   H  N N 135 
HIS HA   H  N N 136 
HIS HB2  H  N N 137 
HIS HB3  H  N N 138 
HIS HD1  H  N N 139 
HIS HD2  H  N N 140 
HIS HE1  H  N N 141 
HIS HE2  H  N N 142 
HIS HXT  H  N N 143 
HOH O    O  N N 144 
HOH H1   H  N N 145 
HOH H2   H  N N 146 
ILE N    N  N N 147 
ILE CA   C  N S 148 
ILE C    C  N N 149 
ILE O    O  N N 150 
ILE CB   C  N S 151 
ILE CG1  C  N N 152 
ILE CG2  C  N N 153 
ILE CD1  C  N N 154 
ILE OXT  O  N N 155 
ILE H    H  N N 156 
ILE H2   H  N N 157 
ILE HA   H  N N 158 
ILE HB   H  N N 159 
ILE HG12 H  N N 160 
ILE HG13 H  N N 161 
ILE HG21 H  N N 162 
ILE HG22 H  N N 163 
ILE HG23 H  N N 164 
ILE HD11 H  N N 165 
ILE HD12 H  N N 166 
ILE HD13 H  N N 167 
ILE HXT  H  N N 168 
LEU N    N  N N 169 
LEU CA   C  N S 170 
LEU C    C  N N 171 
LEU O    O  N N 172 
LEU CB   C  N N 173 
LEU CG   C  N N 174 
LEU CD1  C  N N 175 
LEU CD2  C  N N 176 
LEU OXT  O  N N 177 
LEU H    H  N N 178 
LEU H2   H  N N 179 
LEU HA   H  N N 180 
LEU HB2  H  N N 181 
LEU HB3  H  N N 182 
LEU HG   H  N N 183 
LEU HD11 H  N N 184 
LEU HD12 H  N N 185 
LEU HD13 H  N N 186 
LEU HD21 H  N N 187 
LEU HD22 H  N N 188 
LEU HD23 H  N N 189 
LEU HXT  H  N N 190 
LYS N    N  N N 191 
LYS CA   C  N S 192 
LYS C    C  N N 193 
LYS O    O  N N 194 
LYS CB   C  N N 195 
LYS CG   C  N N 196 
LYS CD   C  N N 197 
LYS CE   C  N N 198 
LYS NZ   N  N N 199 
LYS OXT  O  N N 200 
LYS H    H  N N 201 
LYS H2   H  N N 202 
LYS HA   H  N N 203 
LYS HB2  H  N N 204 
LYS HB3  H  N N 205 
LYS HG2  H  N N 206 
LYS HG3  H  N N 207 
LYS HD2  H  N N 208 
LYS HD3  H  N N 209 
LYS HE2  H  N N 210 
LYS HE3  H  N N 211 
LYS HZ1  H  N N 212 
LYS HZ2  H  N N 213 
LYS HZ3  H  N N 214 
LYS HXT  H  N N 215 
MET N    N  N N 216 
MET CA   C  N S 217 
MET C    C  N N 218 
MET O    O  N N 219 
MET CB   C  N N 220 
MET CG   C  N N 221 
MET SD   S  N N 222 
MET CE   C  N N 223 
MET OXT  O  N N 224 
MET H    H  N N 225 
MET H2   H  N N 226 
MET HA   H  N N 227 
MET HB2  H  N N 228 
MET HB3  H  N N 229 
MET HG2  H  N N 230 
MET HG3  H  N N 231 
MET HE1  H  N N 232 
MET HE2  H  N N 233 
MET HE3  H  N N 234 
MET HXT  H  N N 235 
MSE N    N  N N 236 
MSE CA   C  N S 237 
MSE C    C  N N 238 
MSE O    O  N N 239 
MSE OXT  O  N N 240 
MSE CB   C  N N 241 
MSE CG   C  N N 242 
MSE SE   SE N N 243 
MSE CE   C  N N 244 
MSE H    H  N N 245 
MSE H2   H  N N 246 
MSE HA   H  N N 247 
MSE HXT  H  N N 248 
MSE HB2  H  N N 249 
MSE HB3  H  N N 250 
MSE HG2  H  N N 251 
MSE HG3  H  N N 252 
MSE HE1  H  N N 253 
MSE HE2  H  N N 254 
MSE HE3  H  N N 255 
PHE N    N  N N 256 
PHE CA   C  N S 257 
PHE C    C  N N 258 
PHE O    O  N N 259 
PHE CB   C  N N 260 
PHE CG   C  Y N 261 
PHE CD1  C  Y N 262 
PHE CD2  C  Y N 263 
PHE CE1  C  Y N 264 
PHE CE2  C  Y N 265 
PHE CZ   C  Y N 266 
PHE OXT  O  N N 267 
PHE H    H  N N 268 
PHE H2   H  N N 269 
PHE HA   H  N N 270 
PHE HB2  H  N N 271 
PHE HB3  H  N N 272 
PHE HD1  H  N N 273 
PHE HD2  H  N N 274 
PHE HE1  H  N N 275 
PHE HE2  H  N N 276 
PHE HZ   H  N N 277 
PHE HXT  H  N N 278 
PRO N    N  N N 279 
PRO CA   C  N S 280 
PRO C    C  N N 281 
PRO O    O  N N 282 
PRO CB   C  N N 283 
PRO CG   C  N N 284 
PRO CD   C  N N 285 
PRO OXT  O  N N 286 
PRO H    H  N N 287 
PRO HA   H  N N 288 
PRO HB2  H  N N 289 
PRO HB3  H  N N 290 
PRO HG2  H  N N 291 
PRO HG3  H  N N 292 
PRO HD2  H  N N 293 
PRO HD3  H  N N 294 
PRO HXT  H  N N 295 
SER N    N  N N 296 
SER CA   C  N S 297 
SER C    C  N N 298 
SER O    O  N N 299 
SER CB   C  N N 300 
SER OG   O  N N 301 
SER OXT  O  N N 302 
SER H    H  N N 303 
SER H2   H  N N 304 
SER HA   H  N N 305 
SER HB2  H  N N 306 
SER HB3  H  N N 307 
SER HG   H  N N 308 
SER HXT  H  N N 309 
THR N    N  N N 310 
THR CA   C  N S 311 
THR C    C  N N 312 
THR O    O  N N 313 
THR CB   C  N R 314 
THR OG1  O  N N 315 
THR CG2  C  N N 316 
THR OXT  O  N N 317 
THR H    H  N N 318 
THR H2   H  N N 319 
THR HA   H  N N 320 
THR HB   H  N N 321 
THR HG1  H  N N 322 
THR HG21 H  N N 323 
THR HG22 H  N N 324 
THR HG23 H  N N 325 
THR HXT  H  N N 326 
TRP N    N  N N 327 
TRP CA   C  N S 328 
TRP C    C  N N 329 
TRP O    O  N N 330 
TRP CB   C  N N 331 
TRP CG   C  Y N 332 
TRP CD1  C  Y N 333 
TRP CD2  C  Y N 334 
TRP NE1  N  Y N 335 
TRP CE2  C  Y N 336 
TRP CE3  C  Y N 337 
TRP CZ2  C  Y N 338 
TRP CZ3  C  Y N 339 
TRP CH2  C  Y N 340 
TRP OXT  O  N N 341 
TRP H    H  N N 342 
TRP H2   H  N N 343 
TRP HA   H  N N 344 
TRP HB2  H  N N 345 
TRP HB3  H  N N 346 
TRP HD1  H  N N 347 
TRP HE1  H  N N 348 
TRP HE3  H  N N 349 
TRP HZ2  H  N N 350 
TRP HZ3  H  N N 351 
TRP HH2  H  N N 352 
TRP HXT  H  N N 353 
TRS C    C  N N 354 
TRS C1   C  N N 355 
TRS C2   C  N N 356 
TRS C3   C  N N 357 
TRS N    N  N N 358 
TRS O1   O  N N 359 
TRS O2   O  N N 360 
TRS O3   O  N N 361 
TRS H11  H  N N 362 
TRS H12  H  N N 363 
TRS H21  H  N N 364 
TRS H22  H  N N 365 
TRS H31  H  N N 366 
TRS H32  H  N N 367 
TRS HN1  H  N N 368 
TRS HN2  H  N N 369 
TRS HN3  H  N N 370 
TRS HO1  H  N N 371 
TRS HO2  H  N N 372 
TRS HO3  H  N N 373 
TYR N    N  N N 374 
TYR CA   C  N S 375 
TYR C    C  N N 376 
TYR O    O  N N 377 
TYR CB   C  N N 378 
TYR CG   C  Y N 379 
TYR CD1  C  Y N 380 
TYR CD2  C  Y N 381 
TYR CE1  C  Y N 382 
TYR CE2  C  Y N 383 
TYR CZ   C  Y N 384 
TYR OH   O  N N 385 
TYR OXT  O  N N 386 
TYR H    H  N N 387 
TYR H2   H  N N 388 
TYR HA   H  N N 389 
TYR HB2  H  N N 390 
TYR HB3  H  N N 391 
TYR HD1  H  N N 392 
TYR HD2  H  N N 393 
TYR HE1  H  N N 394 
TYR HE2  H  N N 395 
TYR HH   H  N N 396 
TYR HXT  H  N N 397 
VAL N    N  N N 398 
VAL CA   C  N S 399 
VAL C    C  N N 400 
VAL O    O  N N 401 
VAL CB   C  N N 402 
VAL CG1  C  N N 403 
VAL CG2  C  N N 404 
VAL OXT  O  N N 405 
VAL H    H  N N 406 
VAL H2   H  N N 407 
VAL HA   H  N N 408 
VAL HB   H  N N 409 
VAL HG11 H  N N 410 
VAL HG12 H  N N 411 
VAL HG13 H  N N 412 
VAL HG21 H  N N 413 
VAL HG22 H  N N 414 
VAL HG23 H  N N 415 
VAL HXT  H  N N 416 
ZN  ZN   ZN N N 417 
# 
loop_
_chem_comp_bond.comp_id 
_chem_comp_bond.atom_id_1 
_chem_comp_bond.atom_id_2 
_chem_comp_bond.value_order 
_chem_comp_bond.pdbx_aromatic_flag 
_chem_comp_bond.pdbx_stereo_config 
_chem_comp_bond.pdbx_ordinal 
ALA N   CA   sing N N 1   
ALA N   H    sing N N 2   
ALA N   H2   sing N N 3   
ALA CA  C    sing N N 4   
ALA CA  CB   sing N N 5   
ALA CA  HA   sing N N 6   
ALA C   O    doub N N 7   
ALA C   OXT  sing N N 8   
ALA CB  HB1  sing N N 9   
ALA CB  HB2  sing N N 10  
ALA CB  HB3  sing N N 11  
ALA OXT HXT  sing N N 12  
ARG N   CA   sing N N 13  
ARG N   H    sing N N 14  
ARG N   H2   sing N N 15  
ARG CA  C    sing N N 16  
ARG CA  CB   sing N N 17  
ARG CA  HA   sing N N 18  
ARG C   O    doub N N 19  
ARG C   OXT  sing N N 20  
ARG CB  CG   sing N N 21  
ARG CB  HB2  sing N N 22  
ARG CB  HB3  sing N N 23  
ARG CG  CD   sing N N 24  
ARG CG  HG2  sing N N 25  
ARG CG  HG3  sing N N 26  
ARG CD  NE   sing N N 27  
ARG CD  HD2  sing N N 28  
ARG CD  HD3  sing N N 29  
ARG NE  CZ   sing N N 30  
ARG NE  HE   sing N N 31  
ARG CZ  NH1  sing N N 32  
ARG CZ  NH2  doub N N 33  
ARG NH1 HH11 sing N N 34  
ARG NH1 HH12 sing N N 35  
ARG NH2 HH21 sing N N 36  
ARG NH2 HH22 sing N N 37  
ARG OXT HXT  sing N N 38  
ASN N   CA   sing N N 39  
ASN N   H    sing N N 40  
ASN N   H2   sing N N 41  
ASN CA  C    sing N N 42  
ASN CA  CB   sing N N 43  
ASN CA  HA   sing N N 44  
ASN C   O    doub N N 45  
ASN C   OXT  sing N N 46  
ASN CB  CG   sing N N 47  
ASN CB  HB2  sing N N 48  
ASN CB  HB3  sing N N 49  
ASN CG  OD1  doub N N 50  
ASN CG  ND2  sing N N 51  
ASN ND2 HD21 sing N N 52  
ASN ND2 HD22 sing N N 53  
ASN OXT HXT  sing N N 54  
ASP N   CA   sing N N 55  
ASP N   H    sing N N 56  
ASP N   H2   sing N N 57  
ASP CA  C    sing N N 58  
ASP CA  CB   sing N N 59  
ASP CA  HA   sing N N 60  
ASP C   O    doub N N 61  
ASP C   OXT  sing N N 62  
ASP CB  CG   sing N N 63  
ASP CB  HB2  sing N N 64  
ASP CB  HB3  sing N N 65  
ASP CG  OD1  doub N N 66  
ASP CG  OD2  sing N N 67  
ASP OD2 HD2  sing N N 68  
ASP OXT HXT  sing N N 69  
GLN N   CA   sing N N 70  
GLN N   H    sing N N 71  
GLN N   H2   sing N N 72  
GLN CA  C    sing N N 73  
GLN CA  CB   sing N N 74  
GLN CA  HA   sing N N 75  
GLN C   O    doub N N 76  
GLN C   OXT  sing N N 77  
GLN CB  CG   sing N N 78  
GLN CB  HB2  sing N N 79  
GLN CB  HB3  sing N N 80  
GLN CG  CD   sing N N 81  
GLN CG  HG2  sing N N 82  
GLN CG  HG3  sing N N 83  
GLN CD  OE1  doub N N 84  
GLN CD  NE2  sing N N 85  
GLN NE2 HE21 sing N N 86  
GLN NE2 HE22 sing N N 87  
GLN OXT HXT  sing N N 88  
GLU N   CA   sing N N 89  
GLU N   H    sing N N 90  
GLU N   H2   sing N N 91  
GLU CA  C    sing N N 92  
GLU CA  CB   sing N N 93  
GLU CA  HA   sing N N 94  
GLU C   O    doub N N 95  
GLU C   OXT  sing N N 96  
GLU CB  CG   sing N N 97  
GLU CB  HB2  sing N N 98  
GLU CB  HB3  sing N N 99  
GLU CG  CD   sing N N 100 
GLU CG  HG2  sing N N 101 
GLU CG  HG3  sing N N 102 
GLU CD  OE1  doub N N 103 
GLU CD  OE2  sing N N 104 
GLU OE2 HE2  sing N N 105 
GLU OXT HXT  sing N N 106 
GLY N   CA   sing N N 107 
GLY N   H    sing N N 108 
GLY N   H2   sing N N 109 
GLY CA  C    sing N N 110 
GLY CA  HA2  sing N N 111 
GLY CA  HA3  sing N N 112 
GLY C   O    doub N N 113 
GLY C   OXT  sing N N 114 
GLY OXT HXT  sing N N 115 
HIS N   CA   sing N N 116 
HIS N   H    sing N N 117 
HIS N   H2   sing N N 118 
HIS CA  C    sing N N 119 
HIS CA  CB   sing N N 120 
HIS CA  HA   sing N N 121 
HIS C   O    doub N N 122 
HIS C   OXT  sing N N 123 
HIS CB  CG   sing N N 124 
HIS CB  HB2  sing N N 125 
HIS CB  HB3  sing N N 126 
HIS CG  ND1  sing Y N 127 
HIS CG  CD2  doub Y N 128 
HIS ND1 CE1  doub Y N 129 
HIS ND1 HD1  sing N N 130 
HIS CD2 NE2  sing Y N 131 
HIS CD2 HD2  sing N N 132 
HIS CE1 NE2  sing Y N 133 
HIS CE1 HE1  sing N N 134 
HIS NE2 HE2  sing N N 135 
HIS OXT HXT  sing N N 136 
HOH O   H1   sing N N 137 
HOH O   H2   sing N N 138 
ILE N   CA   sing N N 139 
ILE N   H    sing N N 140 
ILE N   H2   sing N N 141 
ILE CA  C    sing N N 142 
ILE CA  CB   sing N N 143 
ILE CA  HA   sing N N 144 
ILE C   O    doub N N 145 
ILE C   OXT  sing N N 146 
ILE CB  CG1  sing N N 147 
ILE CB  CG2  sing N N 148 
ILE CB  HB   sing N N 149 
ILE CG1 CD1  sing N N 150 
ILE CG1 HG12 sing N N 151 
ILE CG1 HG13 sing N N 152 
ILE CG2 HG21 sing N N 153 
ILE CG2 HG22 sing N N 154 
ILE CG2 HG23 sing N N 155 
ILE CD1 HD11 sing N N 156 
ILE CD1 HD12 sing N N 157 
ILE CD1 HD13 sing N N 158 
ILE OXT HXT  sing N N 159 
LEU N   CA   sing N N 160 
LEU N   H    sing N N 161 
LEU N   H2   sing N N 162 
LEU CA  C    sing N N 163 
LEU CA  CB   sing N N 164 
LEU CA  HA   sing N N 165 
LEU C   O    doub N N 166 
LEU C   OXT  sing N N 167 
LEU CB  CG   sing N N 168 
LEU CB  HB2  sing N N 169 
LEU CB  HB3  sing N N 170 
LEU CG  CD1  sing N N 171 
LEU CG  CD2  sing N N 172 
LEU CG  HG   sing N N 173 
LEU CD1 HD11 sing N N 174 
LEU CD1 HD12 sing N N 175 
LEU CD1 HD13 sing N N 176 
LEU CD2 HD21 sing N N 177 
LEU CD2 HD22 sing N N 178 
LEU CD2 HD23 sing N N 179 
LEU OXT HXT  sing N N 180 
LYS N   CA   sing N N 181 
LYS N   H    sing N N 182 
LYS N   H2   sing N N 183 
LYS CA  C    sing N N 184 
LYS CA  CB   sing N N 185 
LYS CA  HA   sing N N 186 
LYS C   O    doub N N 187 
LYS C   OXT  sing N N 188 
LYS CB  CG   sing N N 189 
LYS CB  HB2  sing N N 190 
LYS CB  HB3  sing N N 191 
LYS CG  CD   sing N N 192 
LYS CG  HG2  sing N N 193 
LYS CG  HG3  sing N N 194 
LYS CD  CE   sing N N 195 
LYS CD  HD2  sing N N 196 
LYS CD  HD3  sing N N 197 
LYS CE  NZ   sing N N 198 
LYS CE  HE2  sing N N 199 
LYS CE  HE3  sing N N 200 
LYS NZ  HZ1  sing N N 201 
LYS NZ  HZ2  sing N N 202 
LYS NZ  HZ3  sing N N 203 
LYS OXT HXT  sing N N 204 
MET N   CA   sing N N 205 
MET N   H    sing N N 206 
MET N   H2   sing N N 207 
MET CA  C    sing N N 208 
MET CA  CB   sing N N 209 
MET CA  HA   sing N N 210 
MET C   O    doub N N 211 
MET C   OXT  sing N N 212 
MET CB  CG   sing N N 213 
MET CB  HB2  sing N N 214 
MET CB  HB3  sing N N 215 
MET CG  SD   sing N N 216 
MET CG  HG2  sing N N 217 
MET CG  HG3  sing N N 218 
MET SD  CE   sing N N 219 
MET CE  HE1  sing N N 220 
MET CE  HE2  sing N N 221 
MET CE  HE3  sing N N 222 
MET OXT HXT  sing N N 223 
MSE N   CA   sing N N 224 
MSE N   H    sing N N 225 
MSE N   H2   sing N N 226 
MSE CA  C    sing N N 227 
MSE CA  CB   sing N N 228 
MSE CA  HA   sing N N 229 
MSE C   O    doub N N 230 
MSE C   OXT  sing N N 231 
MSE OXT HXT  sing N N 232 
MSE CB  CG   sing N N 233 
MSE CB  HB2  sing N N 234 
MSE CB  HB3  sing N N 235 
MSE CG  SE   sing N N 236 
MSE CG  HG2  sing N N 237 
MSE CG  HG3  sing N N 238 
MSE SE  CE   sing N N 239 
MSE CE  HE1  sing N N 240 
MSE CE  HE2  sing N N 241 
MSE CE  HE3  sing N N 242 
PHE N   CA   sing N N 243 
PHE N   H    sing N N 244 
PHE N   H2   sing N N 245 
PHE CA  C    sing N N 246 
PHE CA  CB   sing N N 247 
PHE CA  HA   sing N N 248 
PHE C   O    doub N N 249 
PHE C   OXT  sing N N 250 
PHE CB  CG   sing N N 251 
PHE CB  HB2  sing N N 252 
PHE CB  HB3  sing N N 253 
PHE CG  CD1  doub Y N 254 
PHE CG  CD2  sing Y N 255 
PHE CD1 CE1  sing Y N 256 
PHE CD1 HD1  sing N N 257 
PHE CD2 CE2  doub Y N 258 
PHE CD2 HD2  sing N N 259 
PHE CE1 CZ   doub Y N 260 
PHE CE1 HE1  sing N N 261 
PHE CE2 CZ   sing Y N 262 
PHE CE2 HE2  sing N N 263 
PHE CZ  HZ   sing N N 264 
PHE OXT HXT  sing N N 265 
PRO N   CA   sing N N 266 
PRO N   CD   sing N N 267 
PRO N   H    sing N N 268 
PRO CA  C    sing N N 269 
PRO CA  CB   sing N N 270 
PRO CA  HA   sing N N 271 
PRO C   O    doub N N 272 
PRO C   OXT  sing N N 273 
PRO CB  CG   sing N N 274 
PRO CB  HB2  sing N N 275 
PRO CB  HB3  sing N N 276 
PRO CG  CD   sing N N 277 
PRO CG  HG2  sing N N 278 
PRO CG  HG3  sing N N 279 
PRO CD  HD2  sing N N 280 
PRO CD  HD3  sing N N 281 
PRO OXT HXT  sing N N 282 
SER N   CA   sing N N 283 
SER N   H    sing N N 284 
SER N   H2   sing N N 285 
SER CA  C    sing N N 286 
SER CA  CB   sing N N 287 
SER CA  HA   sing N N 288 
SER C   O    doub N N 289 
SER C   OXT  sing N N 290 
SER CB  OG   sing N N 291 
SER CB  HB2  sing N N 292 
SER CB  HB3  sing N N 293 
SER OG  HG   sing N N 294 
SER OXT HXT  sing N N 295 
THR N   CA   sing N N 296 
THR N   H    sing N N 297 
THR N   H2   sing N N 298 
THR CA  C    sing N N 299 
THR CA  CB   sing N N 300 
THR CA  HA   sing N N 301 
THR C   O    doub N N 302 
THR C   OXT  sing N N 303 
THR CB  OG1  sing N N 304 
THR CB  CG2  sing N N 305 
THR CB  HB   sing N N 306 
THR OG1 HG1  sing N N 307 
THR CG2 HG21 sing N N 308 
THR CG2 HG22 sing N N 309 
THR CG2 HG23 sing N N 310 
THR OXT HXT  sing N N 311 
TRP N   CA   sing N N 312 
TRP N   H    sing N N 313 
TRP N   H2   sing N N 314 
TRP CA  C    sing N N 315 
TRP CA  CB   sing N N 316 
TRP CA  HA   sing N N 317 
TRP C   O    doub N N 318 
TRP C   OXT  sing N N 319 
TRP CB  CG   sing N N 320 
TRP CB  HB2  sing N N 321 
TRP CB  HB3  sing N N 322 
TRP CG  CD1  doub Y N 323 
TRP CG  CD2  sing Y N 324 
TRP CD1 NE1  sing Y N 325 
TRP CD1 HD1  sing N N 326 
TRP CD2 CE2  doub Y N 327 
TRP CD2 CE3  sing Y N 328 
TRP NE1 CE2  sing Y N 329 
TRP NE1 HE1  sing N N 330 
TRP CE2 CZ2  sing Y N 331 
TRP CE3 CZ3  doub Y N 332 
TRP CE3 HE3  sing N N 333 
TRP CZ2 CH2  doub Y N 334 
TRP CZ2 HZ2  sing N N 335 
TRP CZ3 CH2  sing Y N 336 
TRP CZ3 HZ3  sing N N 337 
TRP CH2 HH2  sing N N 338 
TRP OXT HXT  sing N N 339 
TRS C   C1   sing N N 340 
TRS C   C2   sing N N 341 
TRS C   C3   sing N N 342 
TRS C   N    sing N N 343 
TRS C1  O1   sing N N 344 
TRS C1  H11  sing N N 345 
TRS C1  H12  sing N N 346 
TRS C2  O2   sing N N 347 
TRS C2  H21  sing N N 348 
TRS C2  H22  sing N N 349 
TRS C3  O3   sing N N 350 
TRS C3  H31  sing N N 351 
TRS C3  H32  sing N N 352 
TRS N   HN1  sing N N 353 
TRS N   HN2  sing N N 354 
TRS N   HN3  sing N N 355 
TRS O1  HO1  sing N N 356 
TRS O2  HO2  sing N N 357 
TRS O3  HO3  sing N N 358 
TYR N   CA   sing N N 359 
TYR N   H    sing N N 360 
TYR N   H2   sing N N 361 
TYR CA  C    sing N N 362 
TYR CA  CB   sing N N 363 
TYR CA  HA   sing N N 364 
TYR C   O    doub N N 365 
TYR C   OXT  sing N N 366 
TYR CB  CG   sing N N 367 
TYR CB  HB2  sing N N 368 
TYR CB  HB3  sing N N 369 
TYR CG  CD1  doub Y N 370 
TYR CG  CD2  sing Y N 371 
TYR CD1 CE1  sing Y N 372 
TYR CD1 HD1  sing N N 373 
TYR CD2 CE2  doub Y N 374 
TYR CD2 HD2  sing N N 375 
TYR CE1 CZ   doub Y N 376 
TYR CE1 HE1  sing N N 377 
TYR CE2 CZ   sing Y N 378 
TYR CE2 HE2  sing N N 379 
TYR CZ  OH   sing N N 380 
TYR OH  HH   sing N N 381 
TYR OXT HXT  sing N N 382 
VAL N   CA   sing N N 383 
VAL N   H    sing N N 384 
VAL N   H2   sing N N 385 
VAL CA  C    sing N N 386 
VAL CA  CB   sing N N 387 
VAL CA  HA   sing N N 388 
VAL C   O    doub N N 389 
VAL C   OXT  sing N N 390 
VAL CB  CG1  sing N N 391 
VAL CB  CG2  sing N N 392 
VAL CB  HB   sing N N 393 
VAL CG1 HG11 sing N N 394 
VAL CG1 HG12 sing N N 395 
VAL CG1 HG13 sing N N 396 
VAL CG2 HG21 sing N N 397 
VAL CG2 HG22 sing N N 398 
VAL CG2 HG23 sing N N 399 
VAL OXT HXT  sing N N 400 
# 
_atom_sites.entry_id                    1LR0 
_atom_sites.fract_transf_matrix[1][1]   -0.00566884 
_atom_sites.fract_transf_matrix[1][2]   -0.00022571 
_atom_sites.fract_transf_matrix[1][3]   0.01357656 
_atom_sites.fract_transf_matrix[2][1]   -0.01455547 
_atom_sites.fract_transf_matrix[2][2]   -0.00105466 
_atom_sites.fract_transf_matrix[2][3]   0.00187826 
_atom_sites.fract_transf_matrix[3][1]   0.00075869 
_atom_sites.fract_transf_matrix[3][2]   -0.01020879 
_atom_sites.fract_transf_matrix[3][3]   0.00014706 
_atom_sites.fract_transf_vector[1]      0.439260 
_atom_sites.fract_transf_vector[2]      0.388573 
_atom_sites.fract_transf_vector[3]      0.642120 
# 
loop_
_atom_type.symbol 
C  
N  
O  
SE 
ZN 
# 
loop_
_atom_site.group_PDB 
_atom_site.id 
_atom_site.type_symbol 
_atom_site.label_atom_id 
_atom_site.label_alt_id 
_atom_site.label_comp_id 
_atom_site.label_asym_id 
_atom_site.label_entity_id 
_atom_site.label_seq_id 
_atom_site.pdbx_PDB_ins_code 
_atom_site.Cartn_x 
_atom_site.Cartn_y 
_atom_site.Cartn_z 
_atom_site.occupancy 
_atom_site.B_iso_or_equiv 
_atom_site.pdbx_formal_charge 
_atom_site.auth_seq_id 
_atom_site.auth_comp_id 
_atom_site.auth_asym_id 
_atom_site.auth_atom_id 
_atom_site.pdbx_PDB_model_num 
ATOM   1    N  N   . ALA A 1 3   ? 19.903  -22.544 -30.919 1.00 62.57 ? 3   ALA A N   1 
ATOM   2    C  CA  . ALA A 1 3   ? 20.654  -21.788 -29.874 1.00 63.17 ? 3   ALA A CA  1 
ATOM   3    C  C   . ALA A 1 3   ? 19.887  -20.488 -29.567 1.00 63.14 ? 3   ALA A C   1 
ATOM   4    O  O   . ALA A 1 3   ? 19.865  -20.036 -28.419 1.00 61.31 ? 3   ALA A O   1 
ATOM   5    C  CB  . ALA A 1 3   ? 22.124  -21.482 -30.319 1.00 62.60 ? 3   ALA A CB  1 
ATOM   6    N  N   . LEU A 1 4   ? 19.318  -19.873 -30.607 1.00 62.86 ? 4   LEU A N   1 
ATOM   7    C  CA  . LEU A 1 4   ? 18.498  -18.671 -30.427 1.00 63.40 ? 4   LEU A CA  1 
ATOM   8    C  C   . LEU A 1 4   ? 17.427  -18.797 -29.359 1.00 62.57 ? 4   LEU A C   1 
ATOM   9    O  O   . LEU A 1 4   ? 17.213  -17.856 -28.593 1.00 60.81 ? 4   LEU A O   1 
ATOM   10   C  CB  . LEU A 1 4   ? 17.870  -18.190 -31.733 1.00 63.71 ? 4   LEU A CB  1 
ATOM   11   C  CG  . LEU A 1 4   ? 18.008  -16.660 -31.850 1.00 65.31 ? 4   LEU A CG  1 
ATOM   12   C  CD1 . LEU A 1 4   ? 19.485  -16.310 -32.006 1.00 66.82 ? 4   LEU A CD1 1 
ATOM   13   C  CD2 . LEU A 1 4   ? 17.197  -16.089 -33.012 1.00 66.44 ? 4   LEU A CD2 1 
ATOM   14   N  N   . ALA A 1 5   ? 16.750  -19.947 -29.317 1.00 62.86 ? 5   ALA A N   1 
ATOM   15   C  CA  . ALA A 1 5   ? 15.812  -20.247 -28.222 1.00 62.61 ? 5   ALA A CA  1 
ATOM   16   C  C   . ALA A 1 5   ? 16.566  -20.129 -26.863 1.00 61.53 ? 5   ALA A C   1 
ATOM   17   O  O   . ALA A 1 5   ? 16.109  -19.448 -25.935 1.00 60.86 ? 5   ALA A O   1 
ATOM   18   C  CB  . ALA A 1 5   ? 15.201  -21.650 -28.401 1.00 62.91 ? 5   ALA A CB  1 
ATOM   19   N  N   . GLU A 1 6   ? 17.723  -20.780 -26.777 1.00 60.35 ? 6   GLU A N   1 
ATOM   20   C  CA  . GLU A 1 6   ? 18.571  -20.739 -25.592 1.00 60.59 ? 6   GLU A CA  1 
ATOM   21   C  C   . GLU A 1 6   ? 19.011  -19.306 -25.185 1.00 59.85 ? 6   GLU A C   1 
ATOM   22   O  O   . GLU A 1 6   ? 19.069  -18.985 -24.000 1.00 58.74 ? 6   GLU A O   1 
ATOM   23   C  CB  . GLU A 1 6   ? 19.798  -21.631 -25.828 1.00 60.74 ? 6   GLU A CB  1 
ATOM   24   N  N   . LEU A 1 7   ? 19.384  -18.480 -26.158 1.00 60.11 ? 7   LEU A N   1 
ATOM   25   C  CA  . LEU A 1 7   ? 19.800  -17.108 -25.861 1.00 61.12 ? 7   LEU A CA  1 
ATOM   26   C  C   . LEU A 1 7   ? 18.624  -16.377 -25.213 1.00 59.41 ? 7   LEU A C   1 
ATOM   27   O  O   . LEU A 1 7   ? 18.743  -15.564 -24.272 1.00 58.95 ? 7   LEU A O   1 
ATOM   28   C  CB  . LEU A 1 7   ? 20.206  -16.385 -27.152 1.00 62.14 ? 7   LEU A CB  1 
ATOM   29   C  CG  . LEU A 1 7   ? 20.684  -14.937 -26.954 1.00 68.67 ? 7   LEU A CG  1 
ATOM   30   C  CD1 . LEU A 1 7   ? 22.008  -14.847 -26.116 1.00 73.89 ? 7   LEU A CD1 1 
ATOM   31   C  CD2 . LEU A 1 7   ? 20.836  -14.173 -28.288 1.00 71.57 ? 7   LEU A CD2 1 
ATOM   32   N  N   . LEU A 1 8   ? 17.464  -16.696 -25.751 1.00 57.87 ? 8   LEU A N   1 
ATOM   33   C  CA  . LEU A 1 8   ? 16.238  -16.083 -25.295 1.00 56.02 ? 8   LEU A CA  1 
ATOM   34   C  C   . LEU A 1 8   ? 15.987  -16.414 -23.840 1.00 54.11 ? 8   LEU A C   1 
ATOM   35   O  O   . LEU A 1 8   ? 15.763  -15.496 -23.051 1.00 51.39 ? 8   LEU A O   1 
ATOM   36   C  CB  . LEU A 1 8   ? 15.077  -16.537 -26.143 1.00 55.82 ? 8   LEU A CB  1 
ATOM   37   C  CG  . LEU A 1 8   ? 13.802  -15.715 -26.175 1.00 56.40 ? 8   LEU A CG  1 
ATOM   38   C  CD1 . LEU A 1 8   ? 12.753  -16.759 -26.605 1.00 56.20 ? 8   LEU A CD1 1 
ATOM   39   C  CD2 . LEU A 1 8   ? 13.445  -15.025 -24.867 1.00 53.85 ? 8   LEU A CD2 1 
ATOM   40   N  N   . SER A 1 9   ? 16.051  -17.694 -23.477 1.00 52.80 ? 9   SER A N   1 
ATOM   41   C  CA  . SER A 1 9   ? 15.871  -18.074 -22.069 1.00 53.81 ? 9   SER A CA  1 
ATOM   42   C  C   . SER A 1 9   ? 16.805  -17.257 -21.216 1.00 52.04 ? 9   SER A C   1 
ATOM   43   O  O   . SER A 1 9   ? 16.382  -16.515 -20.330 1.00 50.07 ? 9   SER A O   1 
ATOM   44   C  CB  . SER A 1 9   ? 16.103  -19.558 -21.842 1.00 53.84 ? 9   SER A CB  1 
ATOM   45   O  OG  . SER A 1 9   ? 16.064  -20.236 -23.086 1.00 61.03 ? 9   SER A OG  1 
ATOM   46   N  N   . ASP A 1 10  ? 18.083  -17.371 -21.542 1.00 51.21 ? 10  ASP A N   1 
ATOM   47   C  CA  . ASP A 1 10  ? 19.066  -16.596 -20.820 1.00 51.64 ? 10  ASP A CA  1 
ATOM   48   C  C   . ASP A 1 10  ? 18.561  -15.141 -20.687 1.00 49.88 ? 10  ASP A C   1 
ATOM   49   O  O   . ASP A 1 10  ? 18.391  -14.623 -19.576 1.00 48.74 ? 10  ASP A O   1 
ATOM   50   C  CB  . ASP A 1 10  ? 20.429  -16.677 -21.527 1.00 53.18 ? 10  ASP A CB  1 
ATOM   51   C  CG  . ASP A 1 10  ? 21.010  -18.116 -21.484 1.00 58.49 ? 10  ASP A CG  1 
ATOM   52   O  OD1 . ASP A 1 10  ? 20.552  -18.883 -20.597 1.00 65.09 ? 10  ASP A OD1 1 
ATOM   53   O  OD2 . ASP A 1 10  ? 21.881  -18.595 -22.268 1.00 66.69 ? 10  ASP A OD2 1 
ATOM   54   N  N   . THR A 1 11  ? 18.308  -14.486 -21.807 1.00 47.22 ? 11  THR A N   1 
ATOM   55   C  CA  . THR A 1 11  ? 17.874  -13.119 -21.692 1.00 46.50 ? 11  THR A CA  1 
ATOM   56   C  C   . THR A 1 11  ? 16.584  -12.996 -20.832 1.00 46.59 ? 11  THR A C   1 
ATOM   57   O  O   . THR A 1 11  ? 16.429  -12.061 -20.025 1.00 44.54 ? 11  THR A O   1 
ATOM   58   C  CB  . THR A 1 11  ? 17.765  -12.532 -23.096 1.00 46.84 ? 11  THR A CB  1 
ATOM   59   O  OG1 . THR A 1 11  ? 19.119  -12.330 -23.604 1.00 44.55 ? 11  THR A OG1 1 
ATOM   60   C  CG2 . THR A 1 11  ? 17.077  -11.145 -23.060 1.00 46.55 ? 11  THR A CG2 1 
ATOM   61   N  N   . THR A 1 12  ? 15.671  -13.949 -20.955 1.00 45.39 ? 12  THR A N   1 
ATOM   62   C  CA  . THR A 1 12  ? 14.398  -13.827 -20.246 1.00 44.66 ? 12  THR A CA  1 
ATOM   63   C  C   . THR A 1 12  ? 14.659  -13.985 -18.764 1.00 43.79 ? 12  THR A C   1 
ATOM   64   O  O   . THR A 1 12  ? 14.031  -13.328 -17.925 1.00 42.81 ? 12  THR A O   1 
ATOM   65   C  CB  . THR A 1 12  ? 13.354  -14.842 -20.853 1.00 44.49 ? 12  THR A CB  1 
ATOM   66   O  OG1 . THR A 1 12  ? 13.075  -14.393 -22.204 1.00 45.05 ? 12  THR A OG1 1 
ATOM   67   C  CG2 . THR A 1 12  ? 11.952  -14.767 -20.177 1.00 47.62 ? 12  THR A CG2 1 
ATOM   68   N  N   . GLU A 1 13  ? 15.572  -14.881 -18.431 1.00 43.53 ? 13  GLU A N   1 
ATOM   69   C  CA  . GLU A 1 13  ? 15.855  -15.125 -17.026 1.00 44.11 ? 13  GLU A CA  1 
ATOM   70   C  C   . GLU A 1 13  ? 16.418  -13.837 -16.535 1.00 44.69 ? 13  GLU A C   1 
ATOM   71   O  O   . GLU A 1 13  ? 16.013  -13.334 -15.496 1.00 44.16 ? 13  GLU A O   1 
ATOM   72   C  CB  . GLU A 1 13  ? 16.852  -16.255 -16.845 1.00 45.08 ? 13  GLU A CB  1 
ATOM   73   N  N   . ARG A 1 14  ? 17.334  -13.284 -17.321 1.00 45.34 ? 14  ARG A N   1 
ATOM   74   C  CA  . ARG A 1 14  ? 17.956  -12.007 -16.972 1.00 46.62 ? 14  ARG A CA  1 
ATOM   75   C  C   . ARG A 1 14  ? 16.920  -10.913 -16.716 1.00 46.88 ? 14  ARG A C   1 
ATOM   76   O  O   . ARG A 1 14  ? 17.006  -10.193 -15.718 1.00 43.74 ? 14  ARG A O   1 
ATOM   77   C  CB  . ARG A 1 14  ? 18.921  -11.534 -18.071 1.00 46.90 ? 14  ARG A CB  1 
ATOM   78   N  N   . GLN A 1 15  ? 15.965  -10.725 -17.603 1.00 47.38 ? 15  GLN A N   1 
ATOM   79   C  CA  . GLN A 1 15  ? 15.126  -9.562  -17.372 1.00 49.22 ? 15  GLN A CA  1 
ATOM   80   C  C   . GLN A 1 15  ? 14.296  -9.846  -16.149 1.00 48.78 ? 15  GLN A C   1 
ATOM   81   O  O   . GLN A 1 15  ? 14.022  -8.948  -15.363 1.00 46.33 ? 15  GLN A O   1 
ATOM   82   C  CB  . GLN A 1 15  ? 14.377  -9.067  -18.620 1.00 49.77 ? 15  GLN A CB  1 
ATOM   83   C  CG  . GLN A 1 15  ? 13.011  -9.651  -18.927 1.00 52.53 ? 15  GLN A CG  1 
ATOM   84   C  CD  . GLN A 1 15  ? 11.925  -9.323  -17.906 1.00 51.92 ? 15  GLN A CD  1 
ATOM   85   O  OE1 . GLN A 1 15  ? 11.603  -10.160 -17.073 1.00 56.63 ? 15  GLN A OE1 1 
ATOM   86   N  NE2 . GLN A 1 15  ? 11.332  -8.134  -18.000 1.00 54.87 ? 15  GLN A NE2 1 
ATOM   87   N  N   . GLN A 1 16  ? 13.926  -11.103 -15.953 1.00 48.87 ? 16  GLN A N   1 
ATOM   88   C  CA  . GLN A 1 16  ? 13.086  -11.422 -14.831 1.00 50.84 ? 16  GLN A CA  1 
ATOM   89   C  C   . GLN A 1 16  ? 13.828  -11.176 -13.517 1.00 51.21 ? 16  GLN A C   1 
ATOM   90   O  O   . GLN A 1 16  ? 13.203  -10.792 -12.509 1.00 49.96 ? 16  GLN A O   1 
ATOM   91   C  CB  . GLN A 1 16  ? 12.585  -12.858 -14.901 1.00 52.01 ? 16  GLN A CB  1 
ATOM   92   C  CG  . GLN A 1 16  ? 11.216  -13.014 -15.574 1.00 57.85 ? 16  GLN A CG  1 
ATOM   93   C  CD  . GLN A 1 16  ? 10.860  -14.487 -15.810 1.00 67.80 ? 16  GLN A CD  1 
ATOM   94   O  OE1 . GLN A 1 16  ? 10.106  -14.825 -16.752 1.00 69.60 ? 16  GLN A OE1 1 
ATOM   95   N  NE2 . GLN A 1 16  ? 11.409  -15.375 -14.952 1.00 72.63 ? 16  GLN A NE2 1 
ATOM   96   N  N   . ALA A 1 17  ? 15.146  -11.367 -13.511 1.00 50.75 ? 17  ALA A N   1 
ATOM   97   C  CA  . ALA A 1 17  ? 15.890  -10.953 -12.314 1.00 51.56 ? 17  ALA A CA  1 
ATOM   98   C  C   . ALA A 1 17  ? 15.769  -9.437  -11.961 1.00 51.73 ? 17  ALA A C   1 
ATOM   99   O  O   . ALA A 1 17  ? 15.359  -9.074  -10.829 1.00 52.30 ? 17  ALA A O   1 
ATOM   100  C  CB  . ALA A 1 17  ? 17.383  -11.383 -12.392 1.00 51.07 ? 17  ALA A CB  1 
ATOM   101  N  N   . LEU A 1 18  ? 16.092  -8.580  -12.920 1.00 51.97 ? 18  LEU A N   1 
ATOM   102  C  CA  . LEU A 1 18  ? 16.137  -7.141  -12.737 1.00 53.50 ? 18  LEU A CA  1 
ATOM   103  C  C   . LEU A 1 18  ? 14.768  -6.535  -12.526 1.00 53.30 ? 18  LEU A C   1 
ATOM   104  O  O   . LEU A 1 18  ? 14.618  -5.529  -11.858 1.00 52.48 ? 18  LEU A O   1 
ATOM   105  C  CB  . LEU A 1 18  ? 16.771  -6.528  -13.979 1.00 53.75 ? 18  LEU A CB  1 
ATOM   106  C  CG  . LEU A 1 18  ? 18.214  -7.006  -14.116 1.00 57.99 ? 18  LEU A CG  1 
ATOM   107  C  CD1 . LEU A 1 18  ? 18.868  -6.411  -15.394 1.00 60.07 ? 18  LEU A CD1 1 
ATOM   108  C  CD2 . LEU A 1 18  ? 19.016  -6.710  -12.817 1.00 60.68 ? 18  LEU A CD2 1 
ATOM   109  N  N   . ALA A 1 19  ? 13.770  -7.151  -13.122 1.00 53.84 ? 19  ALA A N   1 
ATOM   110  C  CA  . ALA A 1 19  ? 12.447  -6.593  -13.122 1.00 54.80 ? 19  ALA A CA  1 
ATOM   111  C  C   . ALA A 1 19  ? 11.874  -6.793  -11.735 1.00 56.10 ? 19  ALA A C   1 
ATOM   112  O  O   . ALA A 1 19  ? 11.044  -6.022  -11.239 1.00 55.05 ? 19  ALA A O   1 
ATOM   113  C  CB  . ALA A 1 19  ? 11.658  -7.294  -14.113 1.00 55.12 ? 19  ALA A CB  1 
ATOM   114  N  N   . ASP A 1 20  ? 12.385  -7.824  -11.094 1.00 56.81 ? 20  ASP A N   1 
ATOM   115  C  CA  . ASP A 1 20  ? 11.925  -8.195  -9.786  1.00 58.29 ? 20  ASP A CA  1 
ATOM   116  C  C   . ASP A 1 20  ? 12.656  -7.449  -8.676  1.00 57.43 ? 20  ASP A C   1 
ATOM   117  O  O   . ASP A 1 20  ? 12.057  -7.103  -7.657  1.00 56.84 ? 20  ASP A O   1 
ATOM   118  C  CB  . ASP A 1 20  ? 11.934  -9.726  -9.643  1.00 59.23 ? 20  ASP A CB  1 
ATOM   119  C  CG  . ASP A 1 20  ? 10.895  -10.378 -10.537 1.00 63.88 ? 20  ASP A CG  1 
ATOM   120  O  OD1 . ASP A 1 20  ? 9.922   -9.711  -10.893 1.00 74.44 ? 20  ASP A OD1 1 
ATOM   121  O  OD2 . ASP A 1 20  ? 10.944  -11.545 -10.942 1.00 70.71 ? 20  ASP A OD2 1 
ATOM   122  N  N   . GLU A 1 21  ? 13.935  -7.169  -8.883  1.00 56.68 ? 21  GLU A N   1 
ATOM   123  C  CA  . GLU A 1 21  ? 14.657  -6.293  -7.977  1.00 56.41 ? 21  GLU A CA  1 
ATOM   124  C  C   . GLU A 1 21  ? 14.141  -4.829  -8.138  1.00 53.99 ? 21  GLU A C   1 
ATOM   125  O  O   . GLU A 1 21  ? 13.918  -4.101  -7.152  1.00 51.97 ? 21  GLU A O   1 
ATOM   126  C  CB  . GLU A 1 21  ? 16.177  -6.409  -8.189  1.00 57.52 ? 21  GLU A CB  1 
ATOM   127  C  CG  . GLU A 1 21  ? 17.031  -5.616  -7.188  1.00 62.47 ? 21  GLU A CG  1 
ATOM   128  C  CD  . GLU A 1 21  ? 16.889  -6.068  -5.721  1.00 69.28 ? 21  GLU A CD  1 
ATOM   129  O  OE1 . GLU A 1 21  ? 16.488  -7.228  -5.466  1.00 72.53 ? 21  GLU A OE1 1 
ATOM   130  O  OE2 . GLU A 1 21  ? 17.188  -5.256  -4.806  1.00 73.21 ? 21  GLU A OE2 1 
ATOM   131  N  N   . VAL A 1 22  ? 13.943  -4.401  -9.375  1.00 50.57 ? 22  VAL A N   1 
ATOM   132  C  CA  . VAL A 1 22  ? 13.351  -3.104  -9.577  1.00 49.23 ? 22  VAL A CA  1 
ATOM   133  C  C   . VAL A 1 22  ? 11.904  -3.116  -9.037  1.00 48.35 ? 22  VAL A C   1 
ATOM   134  O  O   . VAL A 1 22  ? 11.485  -2.187  -8.323  1.00 46.65 ? 22  VAL A O   1 
ATOM   135  C  CB  . VAL A 1 22  ? 13.395  -2.693  -11.059 1.00 49.53 ? 22  VAL A CB  1 
ATOM   136  C  CG1 . VAL A 1 22  ? 12.619  -1.411  -11.275 1.00 49.79 ? 22  VAL A CG1 1 
ATOM   137  C  CG2 . VAL A 1 22  ? 14.837  -2.508  -11.490 1.00 49.93 ? 22  VAL A CG2 1 
ATOM   138  N  N   . GLY A 1 23  ? 11.161  -4.181  -9.361  1.00 46.26 ? 23  GLY A N   1 
ATOM   139  C  CA  . GLY A 1 23  ? 9.766   -4.273  -8.996  1.00 45.60 ? 23  GLY A CA  1 
ATOM   140  C  C   . GLY A 1 23  ? 9.579   -4.145  -7.490  1.00 45.44 ? 23  GLY A C   1 
ATOM   141  O  O   . GLY A 1 23  ? 8.639   -3.465  -7.011  1.00 43.98 ? 23  GLY A O   1 
ATOM   142  N  N   . SER A 1 24  ? 10.462  -4.813  -6.750  1.00 42.82 ? 24  SER A N   1 
ATOM   143  C  CA  . SER A 1 24  ? 10.366  -4.856  -5.302  1.00 41.87 ? 24  SER A CA  1 
ATOM   144  C  C   . SER A 1 24  ? 10.727  -3.483  -4.704  1.00 39.95 ? 24  SER A C   1 
ATOM   145  O  O   . SER A 1 24  ? 10.092  -3.028  -3.736  1.00 37.89 ? 24  SER A O   1 
ATOM   146  C  CB  . SER A 1 24  ? 11.285  -5.929  -4.769  1.00 42.60 ? 24  SER A CB  1 
ATOM   147  O  OG  . SER A 1 24  ? 12.617  -5.530  -5.064  1.00 48.49 ? 24  SER A OG  1 
ATOM   148  N  N   . GLU A 1 25  ? 11.698  -2.800  -5.295  1.00 38.44 ? 25  GLU A N   1 
ATOM   149  C  CA  . GLU A 1 25  ? 12.030  -1.440  -4.851  1.00 40.34 ? 25  GLU A CA  1 
ATOM   150  C  C   . GLU A 1 25  ? 10.809  -0.450  -5.050  1.00 38.91 ? 25  GLU A C   1 
ATOM   151  O  O   . GLU A 1 25  ? 10.560  0.472   -4.248  1.00 33.22 ? 25  GLU A O   1 
ATOM   152  C  CB  . GLU A 1 25  ? 13.279  -0.972  -5.593  1.00 41.33 ? 25  GLU A CB  1 
ATOM   153  C  CG  . GLU A 1 25  ? 13.802  0.401   -5.158  1.00 51.52 ? 25  GLU A CG  1 
ATOM   154  C  CD  . GLU A 1 25  ? 15.148  0.825   -5.836  1.00 60.68 ? 25  GLU A CD  1 
ATOM   155  O  OE1 . GLU A 1 25  ? 15.789  0.008   -6.602  1.00 62.37 ? 25  GLU A OE1 1 
ATOM   156  O  OE2 . GLU A 1 25  ? 15.555  2.006   -5.604  1.00 66.23 ? 25  GLU A OE2 1 
ATOM   157  N  N   . VAL A 1 26  ? 10.013  -0.710  -6.094  1.00 36.97 ? 26  VAL A N   1 
ATOM   158  C  CA  . VAL A 1 26  ? 8.935   0.169   -6.488  1.00 35.63 ? 26  VAL A CA  1 
ATOM   159  C  C   . VAL A 1 26  ? 7.751   -0.026  -5.579  1.00 32.84 ? 26  VAL A C   1 
ATOM   160  O  O   . VAL A 1 26  ? 7.194   0.899   -5.066  1.00 32.49 ? 26  VAL A O   1 
ATOM   161  C  CB  . VAL A 1 26  ? 8.519   -0.101  -7.997  1.00 36.50 ? 26  VAL A CB  1 
ATOM   162  C  CG1 . VAL A 1 26  ? 7.240   0.604   -8.342  1.00 37.72 ? 26  VAL A CG1 1 
ATOM   163  C  CG2 . VAL A 1 26  ? 9.634   0.431   -8.921  1.00 38.99 ? 26  VAL A CG2 1 
ATOM   164  N  N   . THR A 1 27  ? 7.360   -1.249  -5.430  1.00 30.26 ? 27  THR A N   1 
ATOM   165  C  CA  . THR A 1 27  ? 6.262   -1.600  -4.615  1.00 31.57 ? 27  THR A CA  1 
ATOM   166  C  C   . THR A 1 27  ? 6.562   -1.267  -3.125  1.00 30.46 ? 27  THR A C   1 
ATOM   167  O  O   . THR A 1 27  ? 5.657   -0.881  -2.388  1.00 26.88 ? 27  THR A O   1 
ATOM   168  C  CB  . THR A 1 27  ? 5.985   -3.096  -4.889  1.00 34.28 ? 27  THR A CB  1 
ATOM   169  O  OG1 . THR A 1 27  ? 5.399   -3.198  -6.213  1.00 37.41 ? 27  THR A OG1 1 
ATOM   170  C  CG2 . THR A 1 27  ? 4.898   -3.644  -4.047  1.00 38.92 ? 27  THR A CG2 1 
ATOM   171  N  N   . GLY A 1 28  ? 7.835   -1.382  -2.735  1.00 27.62 ? 28  GLY A N   1 
ATOM   172  C  CA  . GLY A 1 28  ? 8.284   -1.070  -1.404  1.00 26.80 ? 28  GLY A CA  1 
ATOM   173  C  C   . GLY A 1 28  ? 8.130   0.409   -1.171  1.00 25.03 ? 28  GLY A C   1 
ATOM   174  O  O   . GLY A 1 28  ? 7.678   0.859   -0.120  1.00 25.18 ? 28  GLY A O   1 
ATOM   175  N  N   . SER A 1 29  ? 8.563   1.183   -2.135  1.00 24.23 ? 29  SER A N   1 
ATOM   176  C  CA  . SER A 1 29  ? 8.529   2.567   -2.048  1.00 23.97 ? 29  SER A CA  1 
ATOM   177  C  C   . SER A 1 29  ? 7.052   3.081   -2.059  1.00 24.49 ? 29  SER A C   1 
ATOM   178  O  O   . SER A 1 29  ? 6.659   3.967   -1.280  1.00 21.00 ? 29  SER A O   1 
ATOM   179  C  CB  . SER A 1 29  ? 9.296   3.141   -3.199  1.00 27.73 ? 29  SER A CB  1 
ATOM   180  O  OG  . SER A 1 29  ? 9.108   4.560   -3.193  1.00 35.91 ? 29  SER A OG  1 
ATOM   181  N  N   . LEU A 1 30  ? 6.221   2.520   -2.908  1.00 21.32 ? 30  LEU A N   1 
ATOM   182  C  CA  . LEU A 1 30  ? 4.822   2.940   -2.914  1.00 21.95 ? 30  LEU A CA  1 
ATOM   183  C  C   . LEU A 1 30  ? 4.011   2.500   -1.651  1.00 20.53 ? 30  LEU A C   1 
ATOM   184  O  O   . LEU A 1 30  ? 3.140   3.238   -1.206  1.00 19.42 ? 30  LEU A O   1 
ATOM   185  C  CB  . LEU A 1 30  ? 4.148   2.454   -4.193  1.00 20.03 ? 30  LEU A CB  1 
ATOM   186  C  CG  . LEU A 1 30  ? 4.558   3.294   -5.403  1.00 28.06 ? 30  LEU A CG  1 
ATOM   187  C  CD1 . LEU A 1 30  ? 4.243   2.519   -6.690  1.00 29.69 ? 30  LEU A CD1 1 
ATOM   188  C  CD2 . LEU A 1 30  ? 3.911   4.746   -5.383  1.00 25.73 ? 30  LEU A CD2 1 
ATOM   189  N  N   . ASP A 1 31  ? 4.280   1.323   -1.110  1.00 18.77 ? 31  ASP A N   1 
ATOM   190  C  CA  . ASP A 1 31  ? 3.617   0.829   0.076   1.00 20.59 ? 31  ASP A CA  1 
ATOM   191  C  C   . ASP A 1 31  ? 4.060   1.691   1.257   1.00 20.27 ? 31  ASP A C   1 
ATOM   192  O  O   . ASP A 1 31  ? 3.229   1.996   2.117   1.00 21.42 ? 31  ASP A O   1 
ATOM   193  C  CB  . ASP A 1 31  ? 3.845   -0.664  0.373   1.00 21.07 ? 31  ASP A CB  1 
ATOM   194  C  CG  . ASP A 1 31  ? 3.093   -1.579  -0.615  1.00 28.82 ? 31  ASP A CG  1 
ATOM   195  O  OD1 . ASP A 1 31  ? 2.276   -1.057  -1.456  1.00 26.79 ? 31  ASP A OD1 1 
ATOM   196  O  OD2 . ASP A 1 31  ? 3.258   -2.814  -0.612  1.00 27.95 ? 31  ASP A OD2 1 
ATOM   197  N  N   . ASP A 1 32  ? 5.323   2.097   1.252   1.00 18.94 ? 32  ASP A N   1 
ATOM   198  C  CA  . ASP A 1 32  ? 5.831   3.013   2.258   1.00 19.16 ? 32  ASP A CA  1 
ATOM   199  C  C   . ASP A 1 32  ? 5.077   4.356   2.194   1.00 17.10 ? 32  ASP A C   1 
ATOM   200  O  O   . ASP A 1 32  ? 4.682   4.888   3.252   1.00 16.03 ? 32  ASP A O   1 
ATOM   201  C  CB  . ASP A 1 32  ? 7.295   3.314   2.112   1.00 16.83 ? 32  ASP A CB  1 
ATOM   202  C  CG  . ASP A 1 32  ? 8.193   2.207   2.556   1.00 23.51 ? 32  ASP A CG  1 
ATOM   203  O  OD1 . ASP A 1 32  ? 7.727   1.319   3.305   1.00 22.27 ? 32  ASP A OD1 1 
ATOM   204  O  OD2 . ASP A 1 32  ? 9.441   2.235   2.180   1.00 25.58 ? 32  ASP A OD2 1 
ATOM   205  N  N   . LEU A 1 33  ? 4.912   4.877   0.981   1.00 17.30 ? 33  LEU A N   1 
ATOM   206  C  CA  . LEU A 1 33  ? 4.160   6.105   0.791   1.00 17.18 ? 33  LEU A CA  1 
ATOM   207  C  C   . LEU A 1 33  ? 2.738   5.930   1.343   1.00 15.40 ? 33  LEU A C   1 
ATOM   208  O  O   . LEU A 1 33  ? 2.268   6.743   2.097   1.00 16.64 ? 33  LEU A O   1 
ATOM   209  C  CB  . LEU A 1 33  ? 4.233   6.581   -0.657  1.00 18.30 ? 33  LEU A CB  1 
ATOM   210  C  CG  . LEU A 1 33  ? 3.414   7.824   -1.048  1.00 17.15 ? 33  LEU A CG  1 
ATOM   211  C  CD1 . LEU A 1 33  ? 4.078   8.967   -0.422  1.00 19.63 ? 33  LEU A CD1 1 
ATOM   212  C  CD2 . LEU A 1 33  ? 3.362   7.977   -2.523  1.00 22.94 ? 33  LEU A CD2 1 
ATOM   213  N  N   . ILE A 1 34  ? 2.067   4.843   1.028   1.00 14.78 ? 34  ILE A N   1 
ATOM   214  C  CA  . ILE A 1 34  ? 0.713   4.678   1.520   1.00 15.94 ? 34  ILE A CA  1 
ATOM   215  C  C   . ILE A 1 34  ? 0.717   4.707   3.036   1.00 16.05 ? 34  ILE A C   1 
ATOM   216  O  O   . ILE A 1 34  ? -0.034  5.432   3.701   1.00 13.82 ? 34  ILE A O   1 
ATOM   217  C  CB  . ILE A 1 34  ? 0.154   3.375   1.021   1.00 15.16 ? 34  ILE A CB  1 
ATOM   218  C  CG1 . ILE A 1 34  ? -0.105  3.433   -0.484  1.00 19.51 ? 34  ILE A CG1 1 
ATOM   219  C  CG2 . ILE A 1 34  ? -1.108  3.002   1.755   1.00 18.25 ? 34  ILE A CG2 1 
ATOM   220  C  CD1 . ILE A 1 34  ? -0.482  2.070   -1.051  1.00 16.86 ? 34  ILE A CD1 1 
ATOM   221  N  N   . VAL A 1 35  ? 1.650   3.963   3.587   1.00 14.60 ? 35  VAL A N   1 
ATOM   222  C  CA  . VAL A 1 35  ? 1.709   3.852   5.025   1.00 15.16 ? 35  VAL A CA  1 
ATOM   223  C  C   . VAL A 1 35  ? 1.991   5.229   5.637   1.00 11.29 ? 35  VAL A C   1 
ATOM   224  O  O   . VAL A 1 35  ? 1.305   5.642   6.590   1.00 12.45 ? 35  VAL A O   1 
ATOM   225  C  CB  . VAL A 1 35  ? 2.752   2.740   5.477   1.00 14.34 ? 35  VAL A CB  1 
ATOM   226  C  CG1 . VAL A 1 35  ? 3.000   2.911   6.935   1.00 17.49 ? 35  VAL A CG1 1 
ATOM   227  C  CG2 . VAL A 1 35  ? 2.123   1.321   5.255   1.00 18.43 ? 35  VAL A CG2 1 
ATOM   228  N  N   . ASN A 1 36  ? 2.930   5.977   5.078   1.00 12.72 ? 36  ASN A N   1 
ATOM   229  C  CA  . ASN A 1 36  ? 3.230   7.275   5.664   1.00 14.44 ? 36  ASN A CA  1 
ATOM   230  C  C   . ASN A 1 36  ? 2.038   8.230   5.558   1.00 13.06 ? 36  ASN A C   1 
ATOM   231  O  O   . ASN A 1 36  ? 1.723   8.960   6.489   1.00 13.84 ? 36  ASN A O   1 
ATOM   232  C  CB  . ASN A 1 36  ? 4.460   7.893   5.043   1.00 15.00 ? 36  ASN A CB  1 
ATOM   233  C  CG  . ASN A 1 36  ? 5.826   7.260   5.625   1.00 24.29 ? 36  ASN A CG  1 
ATOM   234  O  OD1 . ASN A 1 36  ? 6.624   7.980   6.158   1.00 36.31 ? 36  ASN A OD1 1 
ATOM   235  N  ND2 . ASN A 1 36  ? 5.974   5.948   5.596   1.00 15.89 ? 36  ASN A ND2 1 
ATOM   236  N  N   . LEU A 1 37  ? 1.368   8.197   4.412   1.00 14.17 ? 37  LEU A N   1 
ATOM   237  C  CA  . LEU A 1 37  ? 0.237   9.157   4.198   1.00 13.20 ? 37  LEU A CA  1 
ATOM   238  C  C   . LEU A 1 37  ? -0.931  8.850   5.105   1.00 13.17 ? 37  LEU A C   1 
ATOM   239  O  O   . LEU A 1 37  ? -1.548  9.762   5.702   1.00 12.07 ? 37  LEU A O   1 
ATOM   240  C  CB  . LEU A 1 37  ? -0.183  9.165   2.722   1.00 14.30 ? 37  LEU A CB  1 
ATOM   241  C  CG  . LEU A 1 37  ? 0.892   9.673   1.748   1.00 14.20 ? 37  LEU A CG  1 
ATOM   242  C  CD1 . LEU A 1 37  ? 0.334   9.530   0.271   1.00 15.08 ? 37  LEU A CD1 1 
ATOM   243  C  CD2 . LEU A 1 37  ? 1.162   11.068  2.080   1.00 16.66 ? 37  LEU A CD2 1 
ATOM   244  N  N   . VAL A 1 38  ? -1.209  7.551   5.287   1.00 13.64 ? 38  VAL A N   1 
ATOM   245  C  CA  . VAL A 1 38  ? -2.258  7.087   6.199   1.00 10.71 ? 38  VAL A CA  1 
ATOM   246  C  C   . VAL A 1 38  ? -1.844  7.425   7.624   1.00 12.95 ? 38  VAL A C   1 
ATOM   247  O  O   . VAL A 1 38  ? -2.631  7.886   8.396   1.00 12.89 ? 38  VAL A O   1 
ATOM   248  C  CB  . VAL A 1 38  ? -2.516  5.623   6.048   1.00 12.40 ? 38  VAL A CB  1 
ATOM   249  C  CG1 . VAL A 1 38  ? -3.477  5.098   7.084   1.00 12.24 ? 38  VAL A CG1 1 
ATOM   250  C  CG2 . VAL A 1 38  ? -2.987  5.273   4.631   1.00 14.17 ? 38  VAL A CG2 1 
ATOM   251  N  N   . SER A 1 39  ? -0.584  7.296   7.948   1.00 12.04 ? 39  SER A N   1 
ATOM   252  C  CA  . SER A 1 39  ? -0.164  7.603   9.302   1.00 12.29 ? 39  SER A CA  1 
ATOM   253  C  C   . SER A 1 39  ? -0.406  9.083   9.603   1.00 14.53 ? 39  SER A C   1 
ATOM   254  O  O   . SER A 1 39  ? -0.801  9.477   10.692  1.00 11.66 ? 39  SER A O   1 
ATOM   255  C  CB  . SER A 1 39  ? 1.353   7.308   9.456   1.00 11.72 ? 39  SER A CB  1 
ATOM   256  O  OG  . SER A 1 39  ? 1.642   5.913   9.330   1.00 10.67 ? 39  SER A OG  1 
ATOM   257  N  N   . GLN A 1 40  ? -0.140  9.939   8.638   1.00 14.66 ? 40  GLN A N   1 
ATOM   258  C  CA  . GLN A 1 40  ? -0.328  11.344  8.848   1.00 14.94 ? 40  GLN A CA  1 
ATOM   259  C  C   . GLN A 1 40  ? -1.744  11.708  9.057   1.00 13.98 ? 40  GLN A C   1 
ATOM   260  O  O   . GLN A 1 40  ? -2.056  12.604  9.858   1.00 14.63 ? 40  GLN A O   1 
ATOM   261  C  CB  . GLN A 1 40  ? 0.067   12.084  7.582   1.00 16.40 ? 40  GLN A CB  1 
ATOM   262  C  CG  . GLN A 1 40  ? 1.485   12.431  7.523   1.00 22.82 ? 40  GLN A CG  1 
ATOM   263  C  CD  . GLN A 1 40  ? 1.934   12.643  6.080   1.00 33.80 ? 40  GLN A CD  1 
ATOM   264  O  OE1 . GLN A 1 40  ? 3.060   12.267  5.774   1.00 40.42 ? 40  GLN A OE1 1 
ATOM   265  N  NE2 . GLN A 1 40  ? 1.081   13.257  5.224   1.00 31.50 ? 40  GLN A NE2 1 
ATOM   266  N  N   . GLN A 1 41  ? -2.620  10.996  8.403   1.00 12.06 ? 41  GLN A N   1 
ATOM   267  C  CA  . GLN A 1 41  ? -4.009  11.246  8.656   1.00 11.76 ? 41  GLN A CA  1 
ATOM   268  C  C   . GLN A 1 41  ? -4.660  10.624  9.922   1.00 14.16 ? 41  GLN A C   1 
ATOM   269  O  O   . GLN A 1 41  ? -5.737  11.019  10.391  1.00 14.46 ? 41  GLN A O   1 
ATOM   270  C  CB  . GLN A 1 41  ? -4.871  10.749  7.555   1.00 12.00 ? 41  GLN A CB  1 
ATOM   271  C  CG  . GLN A 1 41  ? -4.573  11.480  6.225   1.00 15.89 ? 41  GLN A CG  1 
ATOM   272  C  CD  . GLN A 1 41  ? -5.105  12.969  6.212   1.00 18.65 ? 41  GLN A CD  1 
ATOM   273  O  OE1 . GLN A 1 41  ? -6.039  13.310  6.916   1.00 16.04 ? 41  GLN A OE1 1 
ATOM   274  N  NE2 . GLN A 1 41  ? -4.502  13.792  5.436   1.00 21.30 ? 41  GLN A NE2 1 
ATOM   275  N  N   . TRP A 1 42  ? -4.001  9.626   10.449  1.00 11.77 ? 42  TRP A N   1 
ATOM   276  C  CA  . TRP A 1 42  ? -4.607  8.813   11.492  1.00 11.74 ? 42  TRP A CA  1 
ATOM   277  C  C   . TRP A 1 42  ? -4.889  9.586   12.769  1.00 14.31 ? 42  TRP A C   1 
ATOM   278  O  O   . TRP A 1 42  ? -4.042  10.299  13.313  1.00 12.55 ? 42  TRP A O   1 
ATOM   279  C  CB  . TRP A 1 42  ? -3.637  7.643   11.790  1.00 12.35 ? 42  TRP A CB  1 
ATOM   280  C  CG  . TRP A 1 42  ? -4.113  6.617   12.756  1.00 10.48 ? 42  TRP A CG  1 
ATOM   281  C  CD1 . TRP A 1 42  ? -5.234  5.819   12.633  1.00 13.62 ? 42  TRP A CD1 1 
ATOM   282  C  CD2 . TRP A 1 42  ? -3.421  6.153   13.934  1.00 9.71  ? 42  TRP A CD2 1 
ATOM   283  N  NE1 . TRP A 1 42  ? -5.307  4.967   13.703  1.00 10.52 ? 42  TRP A NE1 1 
ATOM   284  C  CE2 . TRP A 1 42  ? -4.211  5.139   14.504  1.00 11.03 ? 42  TRP A CE2 1 
ATOM   285  C  CE3 . TRP A 1 42  ? -2.232  6.523   14.576  1.00 11.89 ? 42  TRP A CE3 1 
ATOM   286  C  CZ2 . TRP A 1 42  ? -3.806  4.406   15.627  1.00 9.43  ? 42  TRP A CZ2 1 
ATOM   287  C  CZ3 . TRP A 1 42  ? -1.845  5.832   15.722  1.00 9.82  ? 42  TRP A CZ3 1 
ATOM   288  C  CH2 . TRP A 1 42  ? -2.638  4.804   16.233  1.00 8.53  ? 42  TRP A CH2 1 
ATOM   289  N  N   . ARG A 1 43  ? -6.064  9.338   13.286  1.00 13.42 ? 43  ARG A N   1 
ATOM   290  C  CA  . ARG A 1 43  ? -6.505  9.917   14.572  1.00 16.91 ? 43  ARG A CA  1 
ATOM   291  C  C   . ARG A 1 43  ? -6.695  8.727   15.493  1.00 16.42 ? 43  ARG A C   1 
ATOM   292  O  O   . ARG A 1 43  ? -7.620  7.889   15.324  1.00 14.34 ? 43  ARG A O   1 
ATOM   293  C  CB  . ARG A 1 43  ? -7.851  10.649  14.361  1.00 17.97 ? 43  ARG A CB  1 
ATOM   294  C  CG  . ARG A 1 43  ? -7.655  11.717  13.300  1.00 28.45 ? 43  ARG A CG  1 
ATOM   295  C  CD  . ARG A 1 43  ? -8.746  12.776  13.198  1.00 47.13 ? 43  ARG A CD  1 
ATOM   296  N  NE  . ARG A 1 43  ? -8.216  14.075  13.637  1.00 64.09 ? 43  ARG A NE  1 
ATOM   297  C  CZ  . ARG A 1 43  ? -7.222  14.758  13.018  1.00 73.58 ? 43  ARG A CZ  1 
ATOM   298  N  NH1 . ARG A 1 43  ? -6.655  14.282  11.903  1.00 75.39 ? 43  ARG A NH1 1 
ATOM   299  N  NH2 . ARG A 1 43  ? -6.802  15.926  13.527  1.00 76.51 ? 43  ARG A NH2 1 
ATOM   300  N  N   . ARG A 1 44  ? -5.738  8.545   16.397  1.00 15.12 ? 44  ARG A N   1 
ATOM   301  C  CA  . ARG A 1 44  ? -5.737  7.305   17.157  1.00 13.68 ? 44  ARG A CA  1 
ATOM   302  C  C   . ARG A 1 44  ? -6.874  7.207   18.139  1.00 13.55 ? 44  ARG A C   1 
ATOM   303  O  O   . ARG A 1 44  ? -7.144  8.140   18.842  1.00 13.28 ? 44  ARG A O   1 
ATOM   304  C  CB  . ARG A 1 44  ? -4.421  7.118   17.842  1.00 12.71 ? 44  ARG A CB  1 
ATOM   305  C  CG  . ARG A 1 44  ? -4.058  8.192   18.896  1.00 14.66 ? 44  ARG A CG  1 
ATOM   306  C  CD  . ARG A 1 44  ? -2.588  8.244   19.160  1.00 15.40 ? 44  ARG A CD  1 
ATOM   307  N  NE  . ARG A 1 44  ? -1.900  8.782   17.994  1.00 14.10 ? 44  ARG A NE  1 
ATOM   308  C  CZ  . ARG A 1 44  ? -0.613  8.826   17.827  1.00 15.40 ? 44  ARG A CZ  1 
ATOM   309  N  NH1 . ARG A 1 44  ? 0.227   8.375   18.760  1.00 10.49 ? 44  ARG A NH1 1 
ATOM   310  N  NH2 . ARG A 1 44  ? -0.144  9.350   16.719  1.00 14.86 ? 44  ARG A NH2 1 
ATOM   311  N  N   . PRO A 1 45  ? -7.544  6.063   18.234  1.00 12.04 ? 45  PRO A N   1 
ATOM   312  C  CA  . PRO A 1 45  ? -8.576  5.897   19.261  1.00 12.50 ? 45  PRO A CA  1 
ATOM   313  C  C   . PRO A 1 45  ? -7.987  5.385   20.556  1.00 14.53 ? 45  PRO A C   1 
ATOM   314  O  O   . PRO A 1 45  ? -6.895  4.749   20.564  1.00 13.82 ? 45  PRO A O   1 
ATOM   315  C  CB  . PRO A 1 45  ? -9.469  4.848   18.620  1.00 12.27 ? 45  PRO A CB  1 
ATOM   316  C  CG  . PRO A 1 45  ? -8.502  3.967   17.952  1.00 11.11 ? 45  PRO A CG  1 
ATOM   317  C  CD  . PRO A 1 45  ? -7.456  4.860   17.387  1.00 11.48 ? 45  PRO A CD  1 
ATOM   318  N  N   . PRO A 1 46  ? -8.687  5.603   21.674  1.00 16.11 ? 46  PRO A N   1 
ATOM   319  C  CA  . PRO A 1 46  ? -8.161  5.226   23.012  1.00 17.11 ? 46  PRO A CA  1 
ATOM   320  C  C   . PRO A 1 46  ? -7.857  3.764   23.121  1.00 15.12 ? 46  PRO A C   1 
ATOM   321  O  O   . PRO A 1 46  ? -6.968  3.423   23.842  1.00 14.45 ? 46  PRO A O   1 
ATOM   322  C  CB  . PRO A 1 46  ? -9.311  5.578   23.979  1.00 17.76 ? 46  PRO A CB  1 
ATOM   323  C  CG  . PRO A 1 46  ? -10.161 6.517   23.246  1.00 22.00 ? 46  PRO A CG  1 
ATOM   324  C  CD  . PRO A 1 46  ? -10.010 6.249   21.757  1.00 19.68 ? 46  PRO A CD  1 
ATOM   325  N  N   . SER A 1 47  ? -8.502  2.925   22.336  1.00 13.37 ? 47  SER A N   1 
ATOM   326  C  CA  . SER A 1 47  ? -8.289  1.487   22.476  1.00 13.97 ? 47  SER A CA  1 
ATOM   327  C  C   . SER A 1 47  ? -7.100  0.927   21.694  1.00 12.28 ? 47  SER A C   1 
ATOM   328  O  O   . SER A 1 47  ? -6.774  -0.223  21.833  1.00 13.78 ? 47  SER A O   1 
ATOM   329  C  CB  . SER A 1 47  ? -9.560  0.719   22.013  1.00 15.36 ? 47  SER A CB  1 
ATOM   330  O  OG  . SER A 1 47  ? -9.916  1.118   20.675  1.00 14.76 ? 47  SER A OG  1 
ATOM   331  N  N   . ALA A 1 48  ? -6.453  1.743   20.870  1.00 12.83 ? 48  ALA A N   1 
ATOM   332  C  CA  . ALA A 1 48  ? -5.333  1.272   20.125  1.00 12.18 ? 48  ALA A CA  1 
ATOM   333  C  C   . ALA A 1 48  ? -4.227  0.786   20.992  1.00 12.37 ? 48  ALA A C   1 
ATOM   334  O  O   . ALA A 1 48  ? -3.940  1.393   22.020  1.00 11.92 ? 48  ALA A O   1 
ATOM   335  C  CB  . ALA A 1 48  ? -4.842  2.303   19.132  1.00 13.13 ? 48  ALA A CB  1 
ATOM   336  N  N   . ARG A 1 49  ? -3.620  -0.330  20.601  1.00 11.50 ? 49  ARG A N   1 
ATOM   337  C  CA  . ARG A 1 49  ? -2.480  -0.853  21.364  1.00 12.27 ? 49  ARG A CA  1 
ATOM   338  C  C   . ARG A 1 49  ? -1.396  -1.398  20.436  1.00 13.17 ? 49  ARG A C   1 
ATOM   339  O  O   . ARG A 1 49  ? -1.732  -1.962  19.406  1.00 11.24 ? 49  ARG A O   1 
ATOM   340  C  CB  . ARG A 1 49  ? -2.894  -2.001  22.283  1.00 12.12 ? 49  ARG A CB  1 
ATOM   341  C  CG  . ARG A 1 49  ? -3.769  -1.552  23.476  1.00 16.86 ? 49  ARG A CG  1 
ATOM   342  C  CD  . ARG A 1 49  ? -3.142  -0.669  24.458  1.00 20.03 ? 49  ARG A CD  1 
ATOM   343  N  NE  . ARG A 1 49  ? -4.091  -0.572  25.587  1.00 18.75 ? 49  ARG A NE  1 
ATOM   344  C  CZ  . ARG A 1 49  ? -5.062  0.250   25.665  1.00 23.79 ? 49  ARG A CZ  1 
ATOM   345  N  NH1 . ARG A 1 49  ? -5.230  1.160   24.727  1.00 20.90 ? 49  ARG A NH1 1 
ATOM   346  N  NH2 . ARG A 1 49  ? -5.873  0.173   26.699  1.00 24.70 ? 49  ARG A NH2 1 
ATOM   347  N  N   . ASN A 1 50  ? -0.153  -1.320  20.856  1.00 10.54 ? 50  ASN A N   1 
ATOM   348  C  CA  . ASN A 1 50  ? 0.919   -2.074  20.203  1.00 14.01 ? 50  ASN A CA  1 
ATOM   349  C  C   . ASN A 1 50  ? 0.542   -3.555  20.068  1.00 14.07 ? 50  ASN A C   1 
ATOM   350  O  O   . ASN A 1 50  ? -0.019  -4.151  20.998  1.00 12.17 ? 50  ASN A O   1 
ATOM   351  C  CB  . ASN A 1 50  ? 2.228   -1.923  20.962  1.00 13.31 ? 50  ASN A CB  1 
ATOM   352  C  CG  . ASN A 1 50  ? 2.938   -0.629  20.583  1.00 15.80 ? 50  ASN A CG  1 
ATOM   353  O  OD1 . ASN A 1 50  ? 2.465   0.497   20.913  1.00 20.12 ? 50  ASN A OD1 1 
ATOM   354  N  ND2 . ASN A 1 50  ? 4.026   -0.764  19.879  1.00 7.91  ? 50  ASN A ND2 1 
ATOM   355  N  N   . GLY A 1 51  ? 0.858   -4.151  18.931  1.00 13.68 ? 51  GLY A N   1 
ATOM   356  C  CA  . GLY A 1 51  ? 0.567   -5.573  18.768  1.00 12.55 ? 51  GLY A CA  1 
ATOM   357  C  C   . GLY A 1 51  ? -0.621  -5.824  17.889  1.00 14.93 ? 51  GLY A C   1 
ATOM   358  O  O   . GLY A 1 51  ? -0.912  -6.931  17.513  1.00 14.16 ? 51  GLY A O   1 
HETATM 359  N  N   . MSE A 1 52  ? -1.440  -4.790  17.682  1.00 14.18 ? 52  MSE A N   1 
HETATM 360  C  CA  . MSE A 1 52  ? -2.591  -4.935  16.809  1.00 13.87 ? 52  MSE A CA  1 
HETATM 361  C  C   . MSE A 1 52  ? -2.207  -4.779  15.330  1.00 11.98 ? 52  MSE A C   1 
HETATM 362  O  O   . MSE A 1 52  ? -1.249  -4.028  14.983  1.00 11.57 ? 52  MSE A O   1 
HETATM 363  C  CB  . MSE A 1 52  ? -3.692  -3.837  17.182  1.00 14.98 ? 52  MSE A CB  1 
HETATM 364  C  CG  . MSE A 1 52  ? -4.324  -4.009  18.560  1.00 15.69 ? 52  MSE A CG  1 
HETATM 365  SE SE  . MSE A 1 52  ? -5.648  -2.532  18.724  1.00 23.86 ? 52  MSE A SE  1 
HETATM 366  C  CE  . MSE A 1 52  ? -6.447  -3.253  20.421  1.00 20.20 ? 52  MSE A CE  1 
ATOM   367  N  N   . SER A 1 53  ? -3.029  -5.395  14.449  1.00 9.90  ? 53  SER A N   1 
ATOM   368  C  CA  . SER A 1 53  ? -2.872  -5.300  13.019  1.00 12.16 ? 53  SER A CA  1 
ATOM   369  C  C   . SER A 1 53  ? -4.195  -5.304  12.341  1.00 11.31 ? 53  SER A C   1 
ATOM   370  O  O   . SER A 1 53  ? -5.028  -6.131  12.686  1.00 8.99  ? 53  SER A O   1 
ATOM   371  C  CB  . SER A 1 53  ? -2.118  -6.591  12.486  1.00 13.43 ? 53  SER A CB  1 
ATOM   372  O  OG  . SER A 1 53  ? -0.781  -6.453  12.750  1.00 20.22 ? 53  SER A OG  1 
ATOM   373  N  N   . VAL A 1 54  ? -4.452  -4.369  11.444  1.00 12.11 ? 54  VAL A N   1 
ATOM   374  C  CA  . VAL A 1 54  ? -5.652  -4.430  10.636  1.00 12.10 ? 54  VAL A CA  1 
ATOM   375  C  C   . VAL A 1 54  ? -5.279  -4.432  9.162   1.00 12.90 ? 54  VAL A C   1 
ATOM   376  O  O   . VAL A 1 54  ? -4.394  -3.657  8.746   1.00 14.08 ? 54  VAL A O   1 
ATOM   377  C  CB  . VAL A 1 54  ? -6.623  -3.276  10.923  1.00 9.17  ? 54  VAL A CB  1 
ATOM   378  C  CG1 . VAL A 1 54  ? -5.965  -1.875  10.616  1.00 14.53 ? 54  VAL A CG1 1 
ATOM   379  C  CG2 . VAL A 1 54  ? -7.896  -3.398  10.100  1.00 12.84 ? 54  VAL A CG2 1 
ATOM   380  N  N   . GLU A 1 55  ? -5.859  -5.345  8.385   1.00 12.58 ? 55  GLU A N   1 
ATOM   381  C  CA  . GLU A 1 55  ? -5.685  -5.302  6.932   1.00 10.98 ? 55  GLU A CA  1 
ATOM   382  C  C   . GLU A 1 55  ? -6.869  -4.539  6.300   1.00 12.07 ? 55  GLU A C   1 
ATOM   383  O  O   . GLU A 1 55  ? -8.023  -4.870  6.499   1.00 13.60 ? 55  GLU A O   1 
ATOM   384  C  CB  . GLU A 1 55  ? -5.566  -6.675  6.203   1.00 11.71 ? 55  GLU A CB  1 
ATOM   385  C  CG  . GLU A 1 55  ? -5.051  -6.603  4.774   1.00 10.52 ? 55  GLU A CG  1 
ATOM   386  C  CD  . GLU A 1 55  ? -4.944  -8.060  4.271   1.00 19.59 ? 55  GLU A CD  1 
ATOM   387  O  OE1 . GLU A 1 55  ? -5.889  -8.683  4.707   1.00 19.78 ? 55  GLU A OE1 1 
ATOM   388  O  OE2 . GLU A 1 55  ? -4.024  -8.534  3.588   1.00 21.30 ? 55  GLU A OE2 1 
ATOM   389  N  N   . VAL A 1 56  ? -6.537  -3.590  5.454   1.00 12.02 ? 56  VAL A N   1 
ATOM   390  C  CA  . VAL A 1 56  ? -7.500  -2.771  4.781   1.00 13.67 ? 56  VAL A CA  1 
ATOM   391  C  C   . VAL A 1 56  ? -7.362  -2.903  3.301   1.00 15.66 ? 56  VAL A C   1 
ATOM   392  O  O   . VAL A 1 56  ? -6.256  -2.796  2.793   1.00 13.44 ? 56  VAL A O   1 
ATOM   393  C  CB  . VAL A 1 56  ? -7.210  -1.247  5.132   1.00 14.40 ? 56  VAL A CB  1 
ATOM   394  C  CG1 . VAL A 1 56  ? -8.093  -0.376  4.316   1.00 16.86 ? 56  VAL A CG1 1 
ATOM   395  C  CG2 . VAL A 1 56  ? -7.420  -1.023  6.640   1.00 15.15 ? 56  VAL A CG2 1 
ATOM   396  N  N   . LEU A 1 57  ? -8.488  -3.073  2.614   1.00 15.92 ? 57  LEU A N   1 
ATOM   397  C  CA  . LEU A 1 57  ? -8.517  -3.062  1.138   1.00 14.08 ? 57  LEU A CA  1 
ATOM   398  C  C   . LEU A 1 57  ? -8.825  -1.686  0.711   1.00 16.76 ? 57  LEU A C   1 
ATOM   399  O  O   . LEU A 1 57  ? -9.806  -1.110  1.084   1.00 17.74 ? 57  LEU A O   1 
ATOM   400  C  CB  . LEU A 1 57  ? -9.601  -4.033  0.698   1.00 16.41 ? 57  LEU A CB  1 
ATOM   401  C  CG  . LEU A 1 57  ? -9.828  -3.946  -0.791  1.00 21.06 ? 57  LEU A CG  1 
ATOM   402  C  CD1 . LEU A 1 57  ? -8.730  -4.656  -1.519  1.00 24.15 ? 57  LEU A CD1 1 
ATOM   403  C  CD2 . LEU A 1 57  ? -11.195 -4.589  -1.037  1.00 26.06 ? 57  LEU A CD2 1 
ATOM   404  N  N   . ILE A 1 58  ? -7.821  -1.175  0.034   1.00 17.74 ? 58  ILE A N   1 
ATOM   405  C  CA  . ILE A 1 58  ? -7.768  0.107   -0.557  1.00 18.90 ? 58  ILE A CA  1 
ATOM   406  C  C   . ILE A 1 58  ? -8.071  0.016   -2.063  1.00 19.83 ? 58  ILE A C   1 
ATOM   407  O  O   . ILE A 1 58  ? -7.387  -0.709  -2.809  1.00 20.04 ? 58  ILE A O   1 
ATOM   408  C  CB  . ILE A 1 58  ? -6.441  0.715   -0.374  1.00 17.97 ? 58  ILE A CB  1 
ATOM   409  C  CG1 . ILE A 1 58  ? -5.957  0.708   1.085   1.00 18.06 ? 58  ILE A CG1 1 
ATOM   410  C  CG2 . ILE A 1 58  ? -6.493  2.122   -0.838  1.00 20.44 ? 58  ILE A CG2 1 
ATOM   411  C  CD1 . ILE A 1 58  ? -4.644  1.433   1.258   1.00 14.59 ? 58  ILE A CD1 1 
ATOM   412  N  N   . GLU A 1 59  ? -9.037  0.816   -2.482  1.00 17.59 ? 59  GLU A N   1 
ATOM   413  C  CA  . GLU A 1 59  ? -9.449  0.908   -3.915  1.00 20.85 ? 59  GLU A CA  1 
ATOM   414  C  C   . GLU A 1 59  ? -9.091  2.273   -4.471  1.00 18.78 ? 59  GLU A C   1 
ATOM   415  O  O   . GLU A 1 59  ? -9.470  3.281   -3.873  1.00 18.29 ? 59  GLU A O   1 
ATOM   416  C  CB  . GLU A 1 59  ? -10.979 0.676   -4.032  1.00 23.27 ? 59  GLU A CB  1 
ATOM   417  C  CG  . GLU A 1 59  ? -11.350 -0.716  -3.570  1.00 33.53 ? 59  GLU A CG  1 
ATOM   418  C  CD  . GLU A 1 59  ? -12.814 -1.101  -3.704  1.00 43.15 ? 59  GLU A CD  1 
ATOM   419  O  OE1 . GLU A 1 59  ? -13.503 -0.707  -4.707  1.00 45.47 ? 59  GLU A OE1 1 
ATOM   420  O  OE2 . GLU A 1 59  ? -13.258 -1.822  -2.765  1.00 41.92 ? 59  GLU A OE2 1 
HETATM 421  N  N   . MSE A 1 60  ? -8.379  2.282   -5.598  1.00 18.17 ? 60  MSE A N   1 
HETATM 422  C  CA  . MSE A 1 60  ? -7.903  3.460   -6.273  1.00 20.14 ? 60  MSE A CA  1 
HETATM 423  C  C   . MSE A 1 60  ? -8.199  3.482   -7.777  1.00 22.90 ? 60  MSE A C   1 
HETATM 424  O  O   . MSE A 1 60  ? -8.345  2.444   -8.411  1.00 20.59 ? 60  MSE A O   1 
HETATM 425  C  CB  . MSE A 1 60  ? -6.389  3.662   -6.106  1.00 20.64 ? 60  MSE A CB  1 
HETATM 426  C  CG  . MSE A 1 60  ? -6.028  4.114   -4.682  1.00 22.71 ? 60  MSE A CG  1 
HETATM 427  SE SE  . MSE A 1 60  ? -4.159  4.375   -4.424  1.00 36.27 ? 60  MSE A SE  1 
HETATM 428  C  CE  . MSE A 1 60  ? -3.856  2.422   -3.918  1.00 35.10 ? 60  MSE A CE  1 
ATOM   429  N  N   . LEU A 1 61  ? -8.211  4.694   -8.323  1.00 25.45 ? 61  LEU A N   1 
ATOM   430  C  CA  . LEU A 1 61  ? -8.212  4.892   -9.780  1.00 24.23 ? 61  LEU A CA  1 
ATOM   431  C  C   . LEU A 1 61  ? -6.834  5.118   -10.205 1.00 23.65 ? 61  LEU A C   1 
ATOM   432  O  O   . LEU A 1 61  ? -6.002  5.566   -9.426  1.00 21.84 ? 61  LEU A O   1 
ATOM   433  C  CB  . LEU A 1 61  ? -9.010  6.159   -10.134 1.00 25.31 ? 61  LEU A CB  1 
ATOM   434  C  CG  . LEU A 1 61  ? -10.463 6.086   -9.737  1.00 26.01 ? 61  LEU A CG  1 
ATOM   435  C  CD1 . LEU A 1 61  ? -11.296 7.412   -10.010 1.00 30.03 ? 61  LEU A CD1 1 
ATOM   436  C  CD2 . LEU A 1 61  ? -11.108 4.860   -10.386 1.00 32.66 ? 61  LEU A CD2 1 
ATOM   437  N  N   . PRO A 1 62  ? -6.547  4.926   -11.488 1.00 24.22 ? 62  PRO A N   1 
ATOM   438  C  CA  . PRO A 1 62  ? -5.202  5.153   -11.986 1.00 23.16 ? 62  PRO A CA  1 
ATOM   439  C  C   . PRO A 1 62  ? -4.681  6.551   -11.722 1.00 22.68 ? 62  PRO A C   1 
ATOM   440  O  O   . PRO A 1 62  ? -3.459  6.718   -11.680 1.00 22.76 ? 62  PRO A O   1 
ATOM   441  C  CB  . PRO A 1 62  ? -5.367  4.967   -13.487 1.00 24.18 ? 62  PRO A CB  1 
ATOM   442  C  CG  . PRO A 1 62  ? -6.523  4.133   -13.597 1.00 26.65 ? 62  PRO A CG  1 
ATOM   443  C  CD  . PRO A 1 62  ? -7.469  4.452   -12.524 1.00 24.03 ? 62  PRO A CD  1 
ATOM   444  N  N   . ASP A 1 63  ? -5.522  7.563   -11.588 1.00 21.21 ? 63  ASP A N   1 
ATOM   445  C  CA  . ASP A 1 63  ? -4.972  8.885   -11.299 1.00 23.35 ? 63  ASP A CA  1 
ATOM   446  C  C   . ASP A 1 63  ? -4.571  9.053   -9.795  1.00 22.80 ? 63  ASP A C   1 
ATOM   447  O  O   . ASP A 1 63  ? -4.038  10.146  -9.409  1.00 21.27 ? 63  ASP A O   1 
ATOM   448  C  CB  . ASP A 1 63  ? -5.883  10.042  -11.731 1.00 24.31 ? 63  ASP A CB  1 
ATOM   449  C  CG  . ASP A 1 63  ? -7.148  10.099  -10.965 1.00 28.33 ? 63  ASP A CG  1 
ATOM   450  O  OD1 . ASP A 1 63  ? -7.316  9.338   -9.944  1.00 24.07 ? 63  ASP A OD1 1 
ATOM   451  O  OD2 . ASP A 1 63  ? -8.068  10.899  -11.313 1.00 31.50 ? 63  ASP A OD2 1 
ATOM   452  N  N   . GLY A 1 64  ? -4.825  7.995   -9.000  1.00 24.68 ? 64  GLY A N   1 
ATOM   453  C  CA  . GLY A 1 64  ? -4.451  7.985   -7.573  1.00 23.76 ? 64  GLY A CA  1 
ATOM   454  C  C   . GLY A 1 64  ? -5.540  8.311   -6.603  1.00 22.03 ? 64  GLY A C   1 
ATOM   455  O  O   . GLY A 1 64  ? -5.324  8.186   -5.402  1.00 19.47 ? 64  GLY A O   1 
ATOM   456  N  N   . THR A 1 65  ? -6.734  8.688   -7.101  1.00 17.51 ? 65  THR A N   1 
ATOM   457  C  CA  . THR A 1 65  ? -7.850  8.925   -6.237  1.00 18.52 ? 65  THR A CA  1 
ATOM   458  C  C   . THR A 1 65  ? -8.279  7.661   -5.542  1.00 17.76 ? 65  THR A C   1 
ATOM   459  O  O   . THR A 1 65  ? -8.492  6.621   -6.173  1.00 16.62 ? 65  THR A O   1 
ATOM   460  C  CB  . THR A 1 65  ? -9.069  9.452   -7.044  1.00 20.53 ? 65  THR A CB  1 
ATOM   461  O  OG1 . THR A 1 65  ? -8.653  10.605  -7.759  1.00 18.32 ? 65  THR A OG1 1 
ATOM   462  C  CG2 . THR A 1 65  ? -10.113 9.910   -6.159  1.00 22.63 ? 65  THR A CG2 1 
ATOM   463  N  N   . ILE A 1 66  ? -8.454  7.764   -4.239  1.00 16.09 ? 66  ILE A N   1 
ATOM   464  C  CA  . ILE A 1 66  ? -8.904  6.657   -3.449  1.00 17.00 ? 66  ILE A CA  1 
ATOM   465  C  C   . ILE A 1 66  ? -10.431 6.635   -3.489  1.00 18.85 ? 66  ILE A C   1 
ATOM   466  O  O   . ILE A 1 66  ? -11.065 7.578   -3.094  1.00 21.59 ? 66  ILE A O   1 
ATOM   467  C  CB  . ILE A 1 66  ? -8.409  6.853   -1.962  1.00 16.97 ? 66  ILE A CB  1 
ATOM   468  C  CG1 . ILE A 1 66  ? -6.921  6.713   -1.912  1.00 21.19 ? 66  ILE A CG1 1 
ATOM   469  C  CG2 . ILE A 1 66  ? -9.068  5.874   -1.046  1.00 17.99 ? 66  ILE A CG2 1 
ATOM   470  C  CD1 . ILE A 1 66  ? -6.196  7.177   -0.642  1.00 22.42 ? 66  ILE A CD1 1 
ATOM   471  N  N   . THR A 1 67  ? -11.050 5.547   -3.900  1.00 17.49 ? 67  THR A N   1 
ATOM   472  C  CA  . THR A 1 67  ? -12.501 5.487   -3.932  1.00 19.92 ? 67  THR A CA  1 
ATOM   473  C  C   . THR A 1 67  ? -13.129 4.629   -2.913  1.00 21.96 ? 67  THR A C   1 
ATOM   474  O  O   . THR A 1 67  ? -14.314 4.677   -2.765  1.00 17.88 ? 67  THR A O   1 
ATOM   475  C  CB  . THR A 1 67  ? -12.944 4.935   -5.301  1.00 23.30 ? 67  THR A CB  1 
ATOM   476  O  OG1 . THR A 1 67  ? -12.223 3.700   -5.564  1.00 23.20 ? 67  THR A OG1 1 
ATOM   477  C  CG2 . THR A 1 67  ? -12.439 5.882   -6.339  1.00 24.29 ? 67  THR A CG2 1 
ATOM   478  N  N   . ASN A 1 68  ? -12.372 3.817   -2.163  1.00 17.42 ? 68  ASN A N   1 
ATOM   479  C  CA  . ASN A 1 68  ? -13.033 3.069   -1.140  1.00 18.77 ? 68  ASN A CA  1 
ATOM   480  C  C   . ASN A 1 68  ? -11.910 2.480   -0.246  1.00 17.69 ? 68  ASN A C   1 
ATOM   481  O  O   . ASN A 1 68  ? -10.752 2.463   -0.650  1.00 15.06 ? 68  ASN A O   1 
ATOM   482  C  CB  . ASN A 1 68  ? -13.862 1.977   -1.768  1.00 21.43 ? 68  ASN A CB  1 
ATOM   483  C  CG  . ASN A 1 68  ? -14.876 1.422   -0.850  1.00 27.57 ? 68  ASN A CG  1 
ATOM   484  O  OD1 . ASN A 1 68  ? -15.069 1.892   0.252   1.00 24.67 ? 68  ASN A OD1 1 
ATOM   485  N  ND2 . ASN A 1 68  ? -15.544 0.402   -1.305  1.00 30.82 ? 68  ASN A ND2 1 
ATOM   486  N  N   . ALA A 1 69  ? -12.289 2.110   0.955   1.00 18.58 ? 69  ALA A N   1 
ATOM   487  C  CA  . ALA A 1 69  ? -11.398 1.430   1.908   1.00 15.75 ? 69  ALA A CA  1 
ATOM   488  C  C   . ALA A 1 69  ? -12.322 0.652   2.807   1.00 16.30 ? 69  ALA A C   1 
ATOM   489  O  O   . ALA A 1 69  ? -13.427 1.141   3.208   1.00 14.60 ? 69  ALA A O   1 
ATOM   490  C  CB  . ALA A 1 69  ? -10.634 2.436   2.664   1.00 16.95 ? 69  ALA A CB  1 
ATOM   491  N  N   . SER A 1 70  ? -11.955 -0.582  3.050   1.00 13.62 ? 70  SER A N   1 
ATOM   492  C  CA  . SER A 1 70  ? -12.702 -1.405  3.927   1.00 15.76 ? 70  SER A CA  1 
ATOM   493  C  C   . SER A 1 70  ? -11.773 -2.410  4.644   1.00 13.13 ? 70  SER A C   1 
ATOM   494  O  O   . SER A 1 70  ? -10.719 -2.741  4.164   1.00 16.93 ? 70  SER A O   1 
ATOM   495  C  CB  . SER A 1 70  ? -13.739 -2.205  3.149   1.00 18.55 ? 70  SER A CB  1 
ATOM   496  O  OG  . SER A 1 70  ? -13.064 -2.900  2.111   1.00 21.19 ? 70  SER A OG  1 
ATOM   497  N  N   . VAL A 1 71  ? -12.251 -2.930  5.742   1.00 15.08 ? 71  VAL A N   1 
ATOM   498  C  CA  . VAL A 1 71  ? -11.505 -3.918  6.524   1.00 14.72 ? 71  VAL A CA  1 
ATOM   499  C  C   . VAL A 1 71  ? -11.509 -5.238  5.789   1.00 16.98 ? 71  VAL A C   1 
ATOM   500  O  O   . VAL A 1 71  ? -12.550 -5.852  5.575   1.00 17.41 ? 71  VAL A O   1 
ATOM   501  C  CB  . VAL A 1 71  ? -12.162 -4.063  7.795   1.00 14.80 ? 71  VAL A CB  1 
ATOM   502  C  CG1 . VAL A 1 71  ? -11.485 -5.188  8.545   1.00 15.88 ? 71  VAL A CG1 1 
ATOM   503  C  CG2 . VAL A 1 71  ? -12.009 -2.731  8.617   1.00 19.29 ? 71  VAL A CG2 1 
ATOM   504  N  N   . SER A 1 72  ? -10.326 -5.725  5.468   1.00 16.06 ? 72  SER A N   1 
ATOM   505  C  CA  . SER A 1 72  ? -10.206 -7.086  4.910   1.00 18.75 ? 72  SER A CA  1 
ATOM   506  C  C   . SER A 1 72  ? -9.911  -8.122  6.015   1.00 20.87 ? 72  SER A C   1 
ATOM   507  O  O   . SER A 1 72  ? -10.266 -9.290  5.869   1.00 17.46 ? 72  SER A O   1 
ATOM   508  C  CB  . SER A 1 72  ? -9.123  -7.151  3.804   1.00 19.01 ? 72  SER A CB  1 
ATOM   509  O  OG  . SER A 1 72  ? -7.898  -6.621  4.283   1.00 33.48 ? 72  SER A OG  1 
ATOM   510  N  N   . ARG A 1 73  ? -9.150  -7.747  7.062   1.00 15.89 ? 73  ARG A N   1 
ATOM   511  C  CA  . ARG A 1 73  ? -8.995  -8.628  8.241   1.00 14.39 ? 73  ARG A CA  1 
ATOM   512  C  C   . ARG A 1 73  ? -8.970  -7.741  9.430   1.00 13.78 ? 73  ARG A C   1 
ATOM   513  O  O   . ARG A 1 73  ? -8.093  -6.911  9.561   1.00 12.38 ? 73  ARG A O   1 
ATOM   514  C  CB  . ARG A 1 73  ? -7.748  -9.503  8.159   1.00 13.23 ? 73  ARG A CB  1 
ATOM   515  C  CG  . ARG A 1 73  ? -7.567  -10.524 9.296   1.00 13.83 ? 73  ARG A CG  1 
ATOM   516  C  CD  . ARG A 1 73  ? -6.185  -11.252 9.222   1.00 17.49 ? 73  ARG A CD  1 
ATOM   517  N  NE  . ARG A 1 73  ? -6.080  -12.132 8.036   1.00 17.55 ? 73  ARG A NE  1 
ATOM   518  C  CZ  . ARG A 1 73  ? -6.696  -13.303 7.916   1.00 15.70 ? 73  ARG A CZ  1 
ATOM   519  N  NH1 . ARG A 1 73  ? -7.452  -13.786 8.855   1.00 18.24 ? 73  ARG A NH1 1 
ATOM   520  N  NH2 . ARG A 1 73  ? -6.537  -14.035 6.826   1.00 22.20 ? 73  ARG A NH2 1 
ATOM   521  N  N   . SER A 1 74  ? -9.932  -7.937  10.295  1.00 13.34 ? 74  SER A N   1 
ATOM   522  C  CA  . SER A 1 74  ? -10.073 -7.127  11.475  1.00 14.89 ? 74  SER A CA  1 
ATOM   523  C  C   . SER A 1 74  ? -8.933  -7.302  12.447  1.00 14.73 ? 74  SER A C   1 
ATOM   524  O  O   . SER A 1 74  ? -8.373  -8.392  12.575  1.00 11.90 ? 74  SER A O   1 
ATOM   525  C  CB  . SER A 1 74  ? -11.386 -7.443  12.181  1.00 17.41 ? 74  SER A CB  1 
ATOM   526  O  OG  . SER A 1 74  ? -11.426 -6.754  13.443  1.00 13.32 ? 74  SER A OG  1 
ATOM   527  N  N   . SER A 1 75  ? -8.586  -6.221  13.167  1.00 13.73 ? 75  SER A N   1 
ATOM   528  C  CA  . SER A 1 75  ? -7.670  -6.283  14.286  1.00 13.29 ? 75  SER A CA  1 
ATOM   529  C  C   . SER A 1 75  ? -8.235  -6.955  15.538  1.00 15.06 ? 75  SER A C   1 
ATOM   530  O  O   . SER A 1 75  ? -7.469  -7.232  16.497  1.00 15.42 ? 75  SER A O   1 
ATOM   531  C  CB  . SER A 1 75  ? -7.264  -4.867  14.724  1.00 11.94 ? 75  SER A CB  1 
ATOM   532  O  OG  . SER A 1 75  ? -8.348  -4.175  15.298  1.00 13.70 ? 75  SER A OG  1 
ATOM   533  N  N   . GLY A 1 76  ? -9.546  -7.100  15.555  1.00 13.53 ? 76  GLY A N   1 
ATOM   534  C  CA  . GLY A 1 76  ? -10.247 -7.528  16.756  1.00 18.20 ? 76  GLY A CA  1 
ATOM   535  C  C   . GLY A 1 76  ? -10.750 -6.333  17.605  1.00 19.41 ? 76  GLY A C   1 
ATOM   536  O  O   . GLY A 1 76  ? -11.481 -6.515  18.593  1.00 19.93 ? 76  GLY A O   1 
ATOM   537  N  N   . ASP A 1 77  ? -10.351 -5.101  17.233  1.00 15.97 ? 77  ASP A N   1 
ATOM   538  C  CA  . ASP A 1 77  ? -10.791 -3.901  17.936  1.00 15.48 ? 77  ASP A CA  1 
ATOM   539  C  C   . ASP A 1 77  ? -11.445 -3.003  16.930  1.00 14.05 ? 77  ASP A C   1 
ATOM   540  O  O   . ASP A 1 77  ? -10.823 -2.454  16.017  1.00 12.75 ? 77  ASP A O   1 
ATOM   541  C  CB  . ASP A 1 77  ? -9.582  -3.215  18.586  1.00 15.65 ? 77  ASP A CB  1 
ATOM   542  C  CG  . ASP A 1 77  ? -9.966  -1.983  19.355  1.00 18.20 ? 77  ASP A CG  1 
ATOM   543  O  OD1 . ASP A 1 77  ? -10.513 -2.126  20.464  1.00 20.39 ? 77  ASP A OD1 1 
ATOM   544  O  OD2 . ASP A 1 77  ? -9.836  -0.807  18.882  1.00 17.02 ? 77  ASP A OD2 1 
ATOM   545  N  N   . LYS A 1 78  ? -12.741 -2.860  17.036  1.00 15.16 ? 78  LYS A N   1 
ATOM   546  C  CA  . LYS A 1 78  ? -13.462 -2.140  15.990  1.00 17.17 ? 78  LYS A CA  1 
ATOM   547  C  C   . LYS A 1 78  ? -13.093 -0.636  15.872  1.00 16.16 ? 78  LYS A C   1 
ATOM   548  O  O   . LYS A 1 78  ? -13.015 -0.123  14.823  1.00 13.50 ? 78  LYS A O   1 
ATOM   549  C  CB  . LYS A 1 78  ? -14.951 -2.350  16.220  1.00 21.46 ? 78  LYS A CB  1 
ATOM   550  C  CG  . LYS A 1 78  ? -15.823 -1.608  15.216  1.00 36.58 ? 78  LYS A CG  1 
ATOM   551  C  CD  . LYS A 1 78  ? -17.275 -2.137  15.190  1.00 46.88 ? 78  LYS A CD  1 
ATOM   552  C  CE  . LYS A 1 78  ? -18.224 -1.185  14.441  1.00 53.27 ? 78  LYS A CE  1 
ATOM   553  N  NZ  . LYS A 1 78  ? -19.642 -1.614  14.739  1.00 58.28 ? 78  LYS A NZ  1 
ATOM   554  N  N   . PRO A 1 79  ? -12.856 0.086   16.969  1.00 15.75 ? 79  PRO A N   1 
ATOM   555  C  CA  . PRO A 1 79  ? -12.425 1.463   16.822  1.00 14.72 ? 79  PRO A CA  1 
ATOM   556  C  C   . PRO A 1 79  ? -11.072 1.624   16.114  1.00 12.66 ? 79  PRO A C   1 
ATOM   557  O  O   . PRO A 1 79  ? -10.892 2.551   15.304  1.00 10.53 ? 79  PRO A O   1 
ATOM   558  C  CB  . PRO A 1 79  ? -12.406 1.999   18.252  1.00 15.02 ? 79  PRO A CB  1 
ATOM   559  C  CG  . PRO A 1 79  ? -13.284 1.000   19.030  1.00 18.10 ? 79  PRO A CG  1 
ATOM   560  C  CD  . PRO A 1 79  ? -13.128 -0.274  18.355  1.00 18.15 ? 79  PRO A CD  1 
ATOM   561  N  N   . PHE A 1 80  ? -10.100 0.766   16.399  1.00 12.46 ? 80  PHE A N   1 
ATOM   562  C  CA  . PHE A 1 80  ? -8.858  0.841   15.602  1.00 12.11 ? 80  PHE A CA  1 
ATOM   563  C  C   . PHE A 1 80  ? -9.110  0.544   14.169  1.00 12.07 ? 80  PHE A C   1 
ATOM   564  O  O   . PHE A 1 80  ? -8.676  1.276   13.299  1.00 11.36 ? 80  PHE A O   1 
ATOM   565  C  CB  . PHE A 1 80  ? -7.749  -0.126  16.152  1.00 12.87 ? 80  PHE A CB  1 
ATOM   566  C  CG  . PHE A 1 80  ? -6.564  -0.143  15.310  1.00 13.17 ? 80  PHE A CG  1 
ATOM   567  C  CD1 . PHE A 1 80  ? -6.061  -1.355  14.811  1.00 10.19 ? 80  PHE A CD1 1 
ATOM   568  C  CD2 . PHE A 1 80  ? -5.970  1.055   14.960  1.00 14.59 ? 80  PHE A CD2 1 
ATOM   569  C  CE1 . PHE A 1 80  ? -5.024  -1.358  13.987  1.00 11.71 ? 80  PHE A CE1 1 
ATOM   570  C  CE2 . PHE A 1 80  ? -4.880  1.065   14.154  1.00 12.13 ? 80  PHE A CE2 1 
ATOM   571  C  CZ  . PHE A 1 80  ? -4.382  -0.176  13.614  1.00 9.14  ? 80  PHE A CZ  1 
ATOM   572  N  N   . ASP A 1 81  ? -9.879  -0.510  13.887  1.00 12.16 ? 81  ASP A N   1 
ATOM   573  C  CA  . ASP A 1 81  ? -10.226 -0.787  12.515  1.00 13.27 ? 81  ASP A CA  1 
ATOM   574  C  C   . ASP A 1 81  ? -10.847 0.436   11.791  1.00 13.46 ? 81  ASP A C   1 
ATOM   575  O  O   . ASP A 1 81  ? -10.483 0.785   10.678  1.00 11.90 ? 81  ASP A O   1 
ATOM   576  C  CB  . ASP A 1 81  ? -11.251 -1.915  12.413  1.00 15.11 ? 81  ASP A CB  1 
ATOM   577  C  CG  . ASP A 1 81  ? -10.703 -3.286  12.749  1.00 19.95 ? 81  ASP A CG  1 
ATOM   578  O  OD1 . ASP A 1 81  ? -11.572 -4.179  12.754  1.00 15.45 ? 81  ASP A OD1 1 
ATOM   579  O  OD2 . ASP A 1 81  ? -9.505  -3.561  13.048  1.00 16.34 ? 81  ASP A OD2 1 
ATOM   580  N  N   . SER A 1 82  ? -11.832 1.040   12.436  1.00 14.66 ? 82  SER A N   1 
ATOM   581  C  CA  . SER A 1 82  ? -12.513 2.159   11.837  1.00 13.56 ? 82  SER A CA  1 
ATOM   582  C  C   . SER A 1 82  ? -11.544 3.322   11.676  1.00 14.58 ? 82  SER A C   1 
ATOM   583  O  O   . SER A 1 82  ? -11.607 4.047   10.670  1.00 13.56 ? 82  SER A O   1 
ATOM   584  C  CB  . SER A 1 82  ? -13.656 2.608   12.737  1.00 14.10 ? 82  SER A CB  1 
ATOM   585  O  OG  . SER A 1 82  ? -14.659 1.624   12.745  1.00 18.68 ? 82  SER A OG  1 
ATOM   586  N  N   . SER A 1 83  ? -10.644 3.504   12.621  1.00 13.35 ? 83  SER A N   1 
ATOM   587  C  CA  . SER A 1 83  ? -9.663  4.619   12.512  1.00 13.85 ? 83  SER A CA  1 
ATOM   588  C  C   . SER A 1 83  ? -8.690  4.451   11.347  1.00 12.04 ? 83  SER A C   1 
ATOM   589  O  O   . SER A 1 83  ? -8.269  5.417   10.726  1.00 12.40 ? 83  SER A O   1 
ATOM   590  C  CB  . SER A 1 83  ? -8.879  4.757   13.838  1.00 12.53 ? 83  SER A CB  1 
ATOM   591  O  OG  . SER A 1 83  ? -7.870  3.734   13.989  1.00 11.69 ? 83  SER A OG  1 
ATOM   592  N  N   . ALA A 1 84  ? -8.350  3.218   11.023  1.00 12.34 ? 84  ALA A N   1 
ATOM   593  C  CA  . ALA A 1 84  ? -7.549  2.977   9.846   1.00 11.61 ? 84  ALA A CA  1 
ATOM   594  C  C   . ALA A 1 84  ? -8.261  3.202   8.524   1.00 11.55 ? 84  ALA A C   1 
ATOM   595  O  O   . ALA A 1 84  ? -7.695  3.849   7.650   1.00 10.92 ? 84  ALA A O   1 
ATOM   596  C  CB  . ALA A 1 84  ? -6.873  1.598   9.896   1.00 12.17 ? 84  ALA A CB  1 
ATOM   597  N  N   . VAL A 1 85  ? -9.498  2.747   8.426   1.00 12.07 ? 85  VAL A N   1 
ATOM   598  C  CA  . VAL A 1 85  ? -10.318 2.982   7.251   1.00 13.79 ? 85  VAL A CA  1 
ATOM   599  C  C   . VAL A 1 85  ? -10.515 4.498   7.049   1.00 13.25 ? 85  VAL A C   1 
ATOM   600  O  O   . VAL A 1 85  ? -10.314 4.997   5.958   1.00 12.97 ? 85  VAL A O   1 
ATOM   601  C  CB  . VAL A 1 85  ? -11.663 2.244   7.409   1.00 13.29 ? 85  VAL A CB  1 
ATOM   602  C  CG1 . VAL A 1 85  ? -12.744 2.714   6.412   1.00 18.89 ? 85  VAL A CG1 1 
ATOM   603  C  CG2 . VAL A 1 85  ? -11.450 0.785   7.309   1.00 17.42 ? 85  VAL A CG2 1 
ATOM   604  N  N   . ALA A 1 86  ? -10.804 5.231   8.115   1.00 13.81 ? 86  ALA A N   1 
ATOM   605  C  CA  . ALA A 1 86  ? -11.020 6.688   7.977   1.00 14.17 ? 86  ALA A CA  1 
ATOM   606  C  C   . ALA A 1 86  ? -9.768  7.383   7.553   1.00 14.11 ? 86  ALA A C   1 
ATOM   607  O  O   . ALA A 1 86  ? -9.767  8.313   6.734   1.00 12.90 ? 86  ALA A O   1 
ATOM   608  C  CB  . ALA A 1 86  ? -11.589 7.299   9.294   1.00 15.77 ? 86  ALA A CB  1 
ATOM   609  N  N   . ALA A 1 87  ? -8.633  6.924   8.082   1.00 13.10 ? 87  ALA A N   1 
ATOM   610  C  CA  . ALA A 1 87  ? -7.372  7.525   7.745   1.00 13.19 ? 87  ALA A CA  1 
ATOM   611  C  C   . ALA A 1 87  ? -7.061  7.300   6.252   1.00 11.58 ? 87  ALA A C   1 
ATOM   612  O  O   . ALA A 1 87  ? -6.565  8.234   5.576   1.00 12.13 ? 87  ALA A O   1 
ATOM   613  C  CB  . ALA A 1 87  ? -6.161  6.983   8.640   1.00 14.56 ? 87  ALA A CB  1 
ATOM   614  N  N   . VAL A 1 88  ? -7.326  6.093   5.753   1.00 10.75 ? 88  VAL A N   1 
ATOM   615  C  CA  . VAL A 1 88  ? -7.090  5.842   4.370   1.00 11.24 ? 88  VAL A CA  1 
ATOM   616  C  C   . VAL A 1 88  ? -7.919  6.853   3.528   1.00 12.79 ? 88  VAL A C   1 
ATOM   617  O  O   . VAL A 1 88  ? -7.417  7.399   2.575   1.00 13.48 ? 88  VAL A O   1 
ATOM   618  C  CB  . VAL A 1 88  ? -7.434  4.397   3.915   1.00 10.85 ? 88  VAL A CB  1 
ATOM   619  C  CG1 . VAL A 1 88  ? -7.337  4.208   2.375   1.00 14.75 ? 88  VAL A CG1 1 
ATOM   620  C  CG2 . VAL A 1 88  ? -6.353  3.423   4.605   1.00 9.70  ? 88  VAL A CG2 1 
ATOM   621  N  N   . ARG A 1 89  ? -9.221  6.827   3.768   1.00 13.28 ? 89  ARG A N   1 
ATOM   622  C  CA  . ARG A 1 89  ? -10.136 7.739   2.962   1.00 13.60 ? 89  ARG A CA  1 
ATOM   623  C  C   . ARG A 1 89  ? -9.664  9.210   3.039   1.00 16.88 ? 89  ARG A C   1 
ATOM   624  O  O   . ARG A 1 89  ? -9.687  9.992   2.060   1.00 16.24 ? 89  ARG A O   1 
ATOM   625  C  CB  . ARG A 1 89  ? -11.583 7.585   3.384   1.00 13.24 ? 89  ARG A CB  1 
ATOM   626  C  CG  . ARG A 1 89  ? -12.155 6.227   3.349   1.00 17.01 ? 89  ARG A CG  1 
ATOM   627  C  CD  . ARG A 1 89  ? -12.090 5.689   1.967   1.00 23.83 ? 89  ARG A CD  1 
ATOM   628  N  NE  . ARG A 1 89  ? -12.851 6.532   1.016   1.00 26.05 ? 89  ARG A NE  1 
ATOM   629  C  CZ  . ARG A 1 89  ? -14.117 6.354   0.702   1.00 29.81 ? 89  ARG A CZ  1 
ATOM   630  N  NH1 . ARG A 1 89  ? -14.852 5.342   1.173   1.00 32.49 ? 89  ARG A NH1 1 
ATOM   631  N  NH2 . ARG A 1 89  ? -14.624 7.204   -0.143  1.00 36.96 ? 89  ARG A NH2 1 
ATOM   632  N  N   . ASN A 1 90  ? -9.184  9.637   4.194   1.00 16.04 ? 90  ASN A N   1 
ATOM   633  C  CA  . ASN A 1 90  ? -8.758  10.947  4.364   1.00 14.61 ? 90  ASN A CA  1 
ATOM   634  C  C   . ASN A 1 90  ? -7.490  11.323  3.587   1.00 14.67 ? 90  ASN A C   1 
ATOM   635  O  O   . ASN A 1 90  ? -7.187  12.508  3.408   1.00 14.03 ? 90  ASN A O   1 
ATOM   636  C  CB  . ASN A 1 90  ? -8.633  11.191  5.843   1.00 16.73 ? 90  ASN A CB  1 
ATOM   637  C  CG  . ASN A 1 90  ? -9.943  11.441  6.509   1.00 25.05 ? 90  ASN A CG  1 
ATOM   638  O  OD1 . ASN A 1 90  ? -10.871 11.933  5.897   1.00 25.54 ? 90  ASN A OD1 1 
ATOM   639  N  ND2 . ASN A 1 90  ? -10.013 11.121  7.796   1.00 19.14 ? 90  ASN A ND2 1 
ATOM   640  N  N   . VAL A 1 91  ? -6.724  10.347  3.142   1.00 11.30 ? 91  VAL A N   1 
ATOM   641  C  CA  . VAL A 1 91  ? -5.561  10.669  2.387   1.00 12.63 ? 91  VAL A CA  1 
ATOM   642  C  C   . VAL A 1 91  ? -6.005  11.272  1.068   1.00 12.60 ? 91  VAL A C   1 
ATOM   643  O  O   . VAL A 1 91  ? -5.319  12.142  0.542   1.00 11.42 ? 91  VAL A O   1 
ATOM   644  C  CB  . VAL A 1 91  ? -4.780  9.439   2.078   1.00 12.68 ? 91  VAL A CB  1 
ATOM   645  C  CG1 . VAL A 1 91  ? -3.813  9.635   1.020   1.00 13.76 ? 91  VAL A CG1 1 
ATOM   646  C  CG2 . VAL A 1 91  ? -4.122  8.848   3.350   1.00 15.02 ? 91  VAL A CG2 1 
ATOM   647  N  N   . GLY A 1 92  ? -7.147  10.797  0.563   1.00 15.46 ? 92  GLY A N   1 
ATOM   648  C  CA  . GLY A 1 92  ? -7.809  11.427  -0.590  1.00 15.28 ? 92  GLY A CA  1 
ATOM   649  C  C   . GLY A 1 92  ? -7.331  10.918  -1.949  1.00 15.30 ? 92  GLY A C   1 
ATOM   650  O  O   . GLY A 1 92  ? -8.037  10.305  -2.709  1.00 17.16 ? 92  GLY A O   1 
ATOM   651  N  N   . ARG A 1 93  ? -6.043  11.110  -2.152  1.00 14.08 ? 93  ARG A N   1 
ATOM   652  C  CA  . ARG A 1 93  ? -5.334  10.777  -3.401  1.00 15.95 ? 93  ARG A CA  1 
ATOM   653  C  C   . ARG A 1 93  ? -3.853  10.525  -3.275  1.00 14.45 ? 93  ARG A C   1 
ATOM   654  O  O   . ARG A 1 93  ? -3.174  11.209  -2.553  1.00 13.95 ? 93  ARG A O   1 
ATOM   655  C  CB  . ARG A 1 93  ? -5.534  11.877  -4.456  1.00 15.45 ? 93  ARG A CB  1 
ATOM   656  C  CG  . ARG A 1 93  ? -5.181  13.308  -4.030  1.00 13.30 ? 93  ARG A CG  1 
ATOM   657  C  CD  . ARG A 1 93  ? -5.583  14.400  -5.043  1.00 17.07 ? 93  ARG A CD  1 
ATOM   658  N  NE  . ARG A 1 93  ? -4.994  14.263  -6.336  1.00 15.52 ? 93  ARG A NE  1 
ATOM   659  C  CZ  . ARG A 1 93  ? -3.895  14.878  -6.704  1.00 16.29 ? 93  ARG A CZ  1 
ATOM   660  N  NH1 . ARG A 1 93  ? -3.264  15.642  -5.865  1.00 14.75 ? 93  ARG A NH1 1 
ATOM   661  N  NH2 . ARG A 1 93  ? -3.448  14.771  -7.929  1.00 13.25 ? 93  ARG A NH2 1 
ATOM   662  N  N   . ILE A 1 94  ? -3.363  9.667   -4.130  1.00 13.71 ? 94  ILE A N   1 
ATOM   663  C  CA  . ILE A 1 94  ? -1.965  9.336   -4.203  1.00 16.21 ? 94  ILE A CA  1 
ATOM   664  C  C   . ILE A 1 94  ? -1.542  9.436   -5.663  1.00 16.88 ? 94  ILE A C   1 
ATOM   665  O  O   . ILE A 1 94  ? -1.419  8.349   -6.275  1.00 17.01 ? 94  ILE A O   1 
ATOM   666  C  CB  . ILE A 1 94  ? -1.721  7.900   -3.593  1.00 15.31 ? 94  ILE A CB  1 
ATOM   667  C  CG1 . ILE A 1 94  ? -2.327  7.877   -2.183  1.00 17.53 ? 94  ILE A CG1 1 
ATOM   668  C  CG2 . ILE A 1 94  ? -0.266  7.711   -3.490  1.00 20.79 ? 94  ILE A CG2 1 
ATOM   669  C  CD1 . ILE A 1 94  ? -2.106  6.582   -1.420  1.00 20.21 ? 94  ILE A CD1 1 
ATOM   670  N  N   . PRO A 1 95  ? -1.382  10.667  -6.211  1.00 16.40 ? 95  PRO A N   1 
ATOM   671  C  CA  . PRO A 1 95  ? -1.064  10.873  -7.662  1.00 19.20 ? 95  PRO A CA  1 
ATOM   672  C  C   . PRO A 1 95  ? 0.271   10.212  -8.088  1.00 21.66 ? 95  PRO A C   1 
ATOM   673  O  O   . PRO A 1 95  ? 0.610   9.977   -9.256  1.00 21.36 ? 95  PRO A O   1 
ATOM   674  C  CB  . PRO A 1 95  ? -1.042  12.395  -7.790  1.00 18.43 ? 95  PRO A CB  1 
ATOM   675  C  CG  . PRO A 1 95  ? -0.947  12.912  -6.342  1.00 15.91 ? 95  PRO A CG  1 
ATOM   676  C  CD  . PRO A 1 95  ? -1.634  11.920  -5.481  1.00 16.20 ? 95  PRO A CD  1 
ATOM   677  N  N   . GLU A 1 96  ? 1.072   9.907   -7.069  1.00 21.04 ? 96  GLU A N   1 
ATOM   678  C  CA  . GLU A 1 96  ? 2.281   9.120   -7.243  1.00 19.72 ? 96  GLU A CA  1 
ATOM   679  C  C   . GLU A 1 96  ? 1.956   7.851   -7.966  1.00 21.32 ? 96  GLU A C   1 
ATOM   680  O  O   . GLU A 1 96  ? 2.803   7.321   -8.732  1.00 25.43 ? 96  GLU A O   1 
ATOM   681  C  CB  . GLU A 1 96  ? 3.029   8.846   -5.897  1.00 18.16 ? 96  GLU A CB  1 
ATOM   682  C  CG  . GLU A 1 96  ? 3.569   10.101  -5.221  1.00 18.64 ? 96  GLU A CG  1 
ATOM   683  C  CD  . GLU A 1 96  ? 2.560   10.918  -4.366  1.00 18.56 ? 96  GLU A CD  1 
ATOM   684  O  OE1 . GLU A 1 96  ? 1.339   10.650  -4.398  1.00 16.56 ? 96  GLU A OE1 1 
ATOM   685  O  OE2 . GLU A 1 96  ? 3.020   11.826  -3.646  1.00 21.38 ? 96  GLU A OE2 1 
HETATM 686  N  N   . MSE A 1 97  ? 0.719   7.345   -7.885  1.00 20.70 ? 97  MSE A N   1 
HETATM 687  C  CA  . MSE A 1 97  ? 0.457   6.157   -8.584  1.00 22.13 ? 97  MSE A CA  1 
HETATM 688  C  C   . MSE A 1 97  ? 0.566   6.354   -10.066 1.00 25.26 ? 97  MSE A C   1 
HETATM 689  O  O   . MSE A 1 97  ? 0.683   5.384   -10.788 1.00 25.83 ? 97  MSE A O   1 
HETATM 690  C  CB  . MSE A 1 97  ? -0.906  5.638   -8.304  1.00 20.07 ? 97  MSE A CB  1 
HETATM 691  C  CG  . MSE A 1 97  ? -1.130  5.316   -6.887  1.00 27.17 ? 97  MSE A CG  1 
HETATM 692  SE SE  . MSE A 1 97  ? -0.184  3.546   -6.500  1.00 36.88 ? 97  MSE A SE  1 
HETATM 693  C  CE  . MSE A 1 97  ? 0.135   3.890   -4.482  1.00 27.58 ? 97  MSE A CE  1 
ATOM   694  N  N   . GLN A 1 98  ? 0.570   7.587   -10.532 1.00 27.88 ? 98  GLN A N   1 
ATOM   695  C  CA  . GLN A 1 98  ? 0.517   7.785   -11.987 1.00 29.25 ? 98  GLN A CA  1 
ATOM   696  C  C   . GLN A 1 98  ? 1.837   7.415   -12.616 1.00 33.60 ? 98  GLN A C   1 
ATOM   697  O  O   . GLN A 1 98  ? 1.965   7.424   -13.817 1.00 36.40 ? 98  GLN A O   1 
ATOM   698  C  CB  . GLN A 1 98  ? 0.185   9.217   -12.335 1.00 28.13 ? 98  GLN A CB  1 
ATOM   699  C  CG  . GLN A 1 98  ? -1.263  9.657   -12.029 1.00 28.01 ? 98  GLN A CG  1 
ATOM   700  C  CD  . GLN A 1 98  ? -1.454  11.142  -12.150 1.00 32.69 ? 98  GLN A CD  1 
ATOM   701  O  OE1 . GLN A 1 98  ? -0.781  11.794  -12.948 1.00 38.02 ? 98  GLN A OE1 1 
ATOM   702  N  NE2 . GLN A 1 98  ? -2.374  11.692  -11.364 1.00 31.12 ? 98  GLN A NE2 1 
ATOM   703  N  N   . GLN A 1 99  ? 2.831   7.094   -11.815 1.00 35.13 ? 99  GLN A N   1 
ATOM   704  C  CA  . GLN A 1 99  ? 4.149   6.708   -12.295 1.00 36.48 ? 99  GLN A CA  1 
ATOM   705  C  C   . GLN A 1 99  ? 4.225   5.276   -12.755 1.00 34.58 ? 99  GLN A C   1 
ATOM   706  O  O   . GLN A 1 99  ? 5.200   4.866   -13.391 1.00 33.87 ? 99  GLN A O   1 
ATOM   707  C  CB  . GLN A 1 99  ? 5.097   6.858   -11.152 1.00 38.76 ? 99  GLN A CB  1 
ATOM   708  C  CG  . GLN A 1 99  ? 5.151   8.358   -10.698 1.00 48.46 ? 99  GLN A CG  1 
ATOM   709  C  CD  . GLN A 1 99  ? 6.100   8.624   -9.501  1.00 61.34 ? 99  GLN A CD  1 
ATOM   710  O  OE1 . GLN A 1 99  ? 6.295   9.802   -9.085  1.00 70.25 ? 99  GLN A OE1 1 
ATOM   711  N  NE2 . GLN A 1 99  ? 6.673   7.540   -8.941  1.00 62.96 ? 99  GLN A NE2 1 
ATOM   712  N  N   . LEU A 1 100 ? 3.196   4.515   -12.457 1.00 32.29 ? 100 LEU A N   1 
ATOM   713  C  CA  . LEU A 1 100 ? 3.142   3.147   -12.871 1.00 32.13 ? 100 LEU A CA  1 
ATOM   714  C  C   . LEU A 1 100 ? 2.572   3.027   -14.301 1.00 34.92 ? 100 LEU A C   1 
ATOM   715  O  O   . LEU A 1 100 ? 1.621   3.696   -14.631 1.00 34.22 ? 100 LEU A O   1 
ATOM   716  C  CB  . LEU A 1 100 ? 2.197   2.383   -11.971 1.00 30.56 ? 100 LEU A CB  1 
ATOM   717  C  CG  . LEU A 1 100 ? 2.615   2.306   -10.503 1.00 29.17 ? 100 LEU A CG  1 
ATOM   718  C  CD1 . LEU A 1 100 ? 1.576   1.615   -9.783  1.00 29.21 ? 100 LEU A CD1 1 
ATOM   719  C  CD2 . LEU A 1 100 ? 3.896   1.522   -10.424 1.00 32.21 ? 100 LEU A CD2 1 
ATOM   720  N  N   . PRO A 1 101 ? 3.089   2.095   -15.086 1.00 36.63 ? 101 PRO A N   1 
ATOM   721  C  CA  . PRO A 1 101 ? 2.422   1.679   -16.313 1.00 36.62 ? 101 PRO A CA  1 
ATOM   722  C  C   . PRO A 1 101 ? 1.117   1.151   -15.890 1.00 36.51 ? 101 PRO A C   1 
ATOM   723  O  O   . PRO A 1 101 ? 0.985   0.561   -14.825 1.00 34.95 ? 101 PRO A O   1 
ATOM   724  C  CB  . PRO A 1 101 ? 3.254   0.474   -16.781 1.00 38.24 ? 101 PRO A CB  1 
ATOM   725  C  CG  . PRO A 1 101 ? 4.536   0.654   -16.209 1.00 37.74 ? 101 PRO A CG  1 
ATOM   726  C  CD  . PRO A 1 101 ? 4.334   1.345   -14.850 1.00 37.26 ? 101 PRO A CD  1 
ATOM   727  N  N   . ARG A 1 102 ? 0.149   1.311   -16.754 1.00 35.24 ? 102 ARG A N   1 
ATOM   728  C  CA  . ARG A 1 102 ? -1.171  0.986   -16.438 1.00 35.27 ? 102 ARG A CA  1 
ATOM   729  C  C   . ARG A 1 102 ? -1.380  -0.448  -16.106 1.00 36.48 ? 102 ARG A C   1 
ATOM   730  O  O   . ARG A 1 102 ? -2.245  -0.751  -15.263 1.00 36.06 ? 102 ARG A O   1 
ATOM   731  C  CB  . ARG A 1 102 ? -2.089  1.410   -17.564 1.00 36.94 ? 102 ARG A CB  1 
ATOM   732  C  CG  . ARG A 1 102 ? -3.533  1.103   -17.224 1.00 40.41 ? 102 ARG A CG  1 
ATOM   733  C  CD  . ARG A 1 102 ? -4.019  2.039   -16.088 1.00 45.30 ? 102 ARG A CD  1 
ATOM   734  N  NE  . ARG A 1 102 ? -5.257  2.668   -16.498 1.00 50.47 ? 102 ARG A NE  1 
ATOM   735  C  CZ  . ARG A 1 102 ? -5.374  3.918   -16.917 1.00 47.81 ? 102 ARG A CZ  1 
ATOM   736  N  NH1 . ARG A 1 102 ? -4.335  4.752   -16.955 1.00 48.95 ? 102 ARG A NH1 1 
ATOM   737  N  NH2 . ARG A 1 102 ? -6.556  4.312   -17.294 1.00 53.31 ? 102 ARG A NH2 1 
ATOM   738  N  N   . ALA A 1 103 ? -0.639  -1.372  -16.734 1.00 35.83 ? 103 ALA A N   1 
ATOM   739  C  CA  . ALA A 1 103 ? -0.936  -2.755  -16.433 1.00 36.48 ? 103 ALA A CA  1 
ATOM   740  C  C   . ALA A 1 103 ? -0.454  -3.060  -15.036 1.00 33.15 ? 103 ALA A C   1 
ATOM   741  O  O   . ALA A 1 103 ? -0.984  -3.911  -14.390 1.00 33.27 ? 103 ALA A O   1 
ATOM   742  C  CB  . ALA A 1 103 ? -0.249  -3.681  -17.391 1.00 37.34 ? 103 ALA A CB  1 
ATOM   743  N  N   . THR A 1 104 ? 0.615   -2.423  -14.634 1.00 34.06 ? 104 THR A N   1 
ATOM   744  C  CA  . THR A 1 104 ? 1.122   -2.649  -13.285 1.00 35.17 ? 104 THR A CA  1 
ATOM   745  C  C   . THR A 1 104 ? 0.125   -2.084  -12.268 1.00 31.68 ? 104 THR A C   1 
ATOM   746  O  O   . THR A 1 104 ? -0.249  -2.751  -11.304 1.00 33.25 ? 104 THR A O   1 
ATOM   747  C  CB  . THR A 1 104 ? 2.476   -2.012  -13.129 1.00 35.06 ? 104 THR A CB  1 
ATOM   748  O  OG1 . THR A 1 104 ? 3.364   -2.529  -14.121 1.00 40.27 ? 104 THR A OG1 1 
ATOM   749  C  CG2 . THR A 1 104 ? 3.118   -2.445  -11.797 1.00 37.65 ? 104 THR A CG2 1 
ATOM   750  N  N   . PHE A 1 105 ? -0.333  -0.861  -12.493 1.00 32.17 ? 105 PHE A N   1 
ATOM   751  C  CA  . PHE A 1 105 ? -1.428  -0.330  -11.677 1.00 28.27 ? 105 PHE A CA  1 
ATOM   752  C  C   . PHE A 1 105 ? -2.575  -1.262  -11.498 1.00 29.86 ? 105 PHE A C   1 
ATOM   753  O  O   . PHE A 1 105 ? -2.983  -1.623  -10.360 1.00 26.46 ? 105 PHE A O   1 
ATOM   754  C  CB  . PHE A 1 105 ? -2.012  0.956   -12.205 1.00 28.76 ? 105 PHE A CB  1 
ATOM   755  C  CG  . PHE A 1 105 ? -3.085  1.528   -11.280 1.00 24.88 ? 105 PHE A CG  1 
ATOM   756  C  CD1 . PHE A 1 105 ? -2.717  2.145   -10.094 1.00 27.86 ? 105 PHE A CD1 1 
ATOM   757  C  CD2 . PHE A 1 105 ? -4.432  1.330   -11.545 1.00 24.40 ? 105 PHE A CD2 1 
ATOM   758  C  CE1 . PHE A 1 105 ? -3.683  2.617   -9.210  1.00 22.16 ? 105 PHE A CE1 1 
ATOM   759  C  CE2 . PHE A 1 105 ? -5.427  1.808   -10.698 1.00 21.23 ? 105 PHE A CE2 1 
ATOM   760  C  CZ  . PHE A 1 105 ? -5.061  2.442   -9.511  1.00 25.00 ? 105 PHE A CZ  1 
ATOM   761  N  N   . ASP A 1 106 ? -3.116  -1.697  -12.618 1.00 29.10 ? 106 ASP A N   1 
ATOM   762  C  CA  . ASP A 1 106 ? -4.277  -2.518  -12.591 1.00 30.54 ? 106 ASP A CA  1 
ATOM   763  C  C   . ASP A 1 106 ? -4.028  -3.825  -11.839 1.00 29.57 ? 106 ASP A C   1 
ATOM   764  O  O   . ASP A 1 106 ? -4.935  -4.382  -11.219 1.00 27.74 ? 106 ASP A O   1 
ATOM   765  C  CB  . ASP A 1 106 ? -4.723  -2.870  -14.021 1.00 32.94 ? 106 ASP A CB  1 
ATOM   766  C  CG  . ASP A 1 106 ? -5.507  -1.731  -14.736 1.00 38.48 ? 106 ASP A CG  1 
ATOM   767  O  OD1 . ASP A 1 106 ? -6.088  -0.807  -14.094 1.00 41.43 ? 106 ASP A OD1 1 
ATOM   768  O  OD2 . ASP A 1 106 ? -5.637  -1.744  -15.992 1.00 42.38 ? 106 ASP A OD2 1 
ATOM   769  N  N   . SER A 1 107 ? -2.814  -4.316  -11.910 1.00 29.94 ? 107 SER A N   1 
ATOM   770  C  CA  . SER A 1 107 ? -2.564  -5.611  -11.356 1.00 32.50 ? 107 SER A CA  1 
ATOM   771  C  C   . SER A 1 107 ? -2.386  -5.487  -9.825  1.00 31.52 ? 107 SER A C   1 
ATOM   772  O  O   . SER A 1 107 ? -2.830  -6.338  -9.104  1.00 30.53 ? 107 SER A O   1 
ATOM   773  C  CB  . SER A 1 107 ? -1.281  -6.153  -11.936 1.00 33.61 ? 107 SER A CB  1 
ATOM   774  O  OG  . SER A 1 107 ? -0.776  -7.180  -11.085 1.00 41.33 ? 107 SER A OG  1 
ATOM   775  N  N   . LEU A 1 108 ? -1.724  -4.420  -9.410  1.00 29.03 ? 108 LEU A N   1 
ATOM   776  C  CA  . LEU A 1 108 ? -1.282  -4.298  -8.058  1.00 28.37 ? 108 LEU A CA  1 
ATOM   777  C  C   . LEU A 1 108 ? -1.919  -3.257  -7.163  1.00 26.42 ? 108 LEU A C   1 
ATOM   778  O  O   . LEU A 1 108 ? -1.896  -3.438  -5.922  1.00 20.92 ? 108 LEU A O   1 
ATOM   779  C  CB  . LEU A 1 108 ? 0.175   -3.987  -8.097  1.00 29.60 ? 108 LEU A CB  1 
ATOM   780  C  CG  . LEU A 1 108 ? 0.984   -5.265  -8.390  1.00 34.96 ? 108 LEU A CG  1 
ATOM   781  C  CD1 . LEU A 1 108 ? 2.425   -4.916  -8.589  1.00 36.92 ? 108 LEU A CD1 1 
ATOM   782  C  CD2 . LEU A 1 108 ? 0.864   -6.301  -7.260  1.00 37.77 ? 108 LEU A CD2 1 
ATOM   783  N  N   . TYR A 1 109 ? -2.426  -2.178  -7.748  1.00 22.11 ? 109 TYR A N   1 
ATOM   784  C  CA  . TYR A 1 109 ? -2.806  -1.000  -6.947  1.00 22.68 ? 109 TYR A CA  1 
ATOM   785  C  C   . TYR A 1 109 ? -4.179  -0.545  -7.113  1.00 23.55 ? 109 TYR A C   1 
ATOM   786  O  O   . TYR A 1 109 ? -4.675  0.233   -6.292  1.00 21.93 ? 109 TYR A O   1 
ATOM   787  C  CB  . TYR A 1 109 ? -1.861  0.172   -7.125  1.00 23.15 ? 109 TYR A CB  1 
ATOM   788  C  CG  . TYR A 1 109 ? -0.554  -0.055  -6.377  1.00 27.04 ? 109 TYR A CG  1 
ATOM   789  C  CD1 . TYR A 1 109 ? 0.562   -0.648  -6.996  1.00 27.41 ? 109 TYR A CD1 1 
ATOM   790  C  CD2 . TYR A 1 109 ? -0.453  0.218   -5.028  1.00 26.92 ? 109 TYR A CD2 1 
ATOM   791  C  CE1 . TYR A 1 109 ? 1.749   -0.823  -6.319  1.00 21.97 ? 109 TYR A CE1 1 
ATOM   792  C  CE2 . TYR A 1 109 ? 0.755   -0.049  -4.318  1.00 27.54 ? 109 TYR A CE2 1 
ATOM   793  C  CZ  . TYR A 1 109 ? 1.833   -0.577  -4.972  1.00 27.75 ? 109 TYR A CZ  1 
ATOM   794  O  OH  . TYR A 1 109 ? 3.060   -0.832  -4.317  1.00 27.95 ? 109 TYR A OH  1 
ATOM   795  N  N   . ARG A 1 110 ? -4.872  -1.046  -8.133  1.00 23.37 ? 110 ARG A N   1 
ATOM   796  C  CA  . ARG A 1 110 ? -6.278  -0.784  -8.204  1.00 24.41 ? 110 ARG A CA  1 
ATOM   797  C  C   . ARG A 1 110 ? -7.070  -1.293  -7.017  1.00 23.59 ? 110 ARG A C   1 
ATOM   798  O  O   . ARG A 1 110 ? -8.060  -0.645  -6.536  1.00 22.85 ? 110 ARG A O   1 
ATOM   799  C  CB  . ARG A 1 110 ? -6.857  -1.312  -9.544  1.00 25.92 ? 110 ARG A CB  1 
ATOM   800  C  CG  . ARG A 1 110 ? -8.242  -0.799  -9.815  1.00 28.99 ? 110 ARG A CG  1 
ATOM   801  C  CD  . ARG A 1 110 ? -8.812  -1.211  -11.201 1.00 33.06 ? 110 ARG A CD  1 
ATOM   802  N  NE  . ARG A 1 110 ? -8.151  -0.591  -12.362 1.00 36.45 ? 110 ARG A NE  1 
ATOM   803  C  CZ  . ARG A 1 110 ? -8.560  0.561   -12.975 1.00 32.40 ? 110 ARG A CZ  1 
ATOM   804  N  NH1 . ARG A 1 110 ? -9.571  1.263   -12.512 1.00 35.29 ? 110 ARG A NH1 1 
ATOM   805  N  NH2 . ARG A 1 110 ? -7.937  1.018   -14.048 1.00 35.92 ? 110 ARG A NH2 1 
ATOM   806  N  N   . GLN A 1 111 ? -6.692  -2.454  -6.496  1.00 23.27 ? 111 GLN A N   1 
ATOM   807  C  CA  . GLN A 1 111 ? -7.291  -2.948  -5.294  1.00 23.11 ? 111 GLN A CA  1 
ATOM   808  C  C   . GLN A 1 111 ? -6.054  -3.445  -4.562  1.00 24.65 ? 111 GLN A C   1 
ATOM   809  O  O   . GLN A 1 111 ? -5.315  -4.238  -5.114  1.00 24.33 ? 111 GLN A O   1 
ATOM   810  C  CB  . GLN A 1 111 ? -8.235  -4.108  -5.543  1.00 26.19 ? 111 GLN A CB  1 
ATOM   811  C  CG  . GLN A 1 111 ? -9.687  -3.745  -5.912  1.00 34.39 ? 111 GLN A CG  1 
ATOM   812  C  CD  . GLN A 1 111 ? -10.638 -4.873  -5.502  1.00 43.33 ? 111 GLN A CD  1 
ATOM   813  O  OE1 . GLN A 1 111 ? -11.771 -4.618  -5.175  1.00 49.67 ? 111 GLN A OE1 1 
ATOM   814  N  NE2 . GLN A 1 111 ? -10.142 -6.122  -5.487  1.00 50.99 ? 111 GLN A NE2 1 
ATOM   815  N  N   . ARG A 1 112 ? -5.729  -2.893  -3.408  1.00 20.53 ? 112 ARG A N   1 
ATOM   816  C  CA  . ARG A 1 112 ? -4.492  -3.318  -2.723  1.00 21.06 ? 112 ARG A CA  1 
ATOM   817  C  C   . ARG A 1 112 ? -4.775  -3.515  -1.225  1.00 20.65 ? 112 ARG A C   1 
ATOM   818  O  O   . ARG A 1 112 ? -5.398  -2.617  -0.624  1.00 17.12 ? 112 ARG A O   1 
ATOM   819  C  CB  . ARG A 1 112 ? -3.331  -2.339  -2.838  1.00 21.85 ? 112 ARG A CB  1 
ATOM   820  C  CG  . ARG A 1 112 ? -1.952  -3.048  -2.532  1.00 24.60 ? 112 ARG A CG  1 
ATOM   821  C  CD  . ARG A 1 112 ? -0.712  -2.434  -3.043  1.00 26.34 ? 112 ARG A CD  1 
ATOM   822  N  NE  . ARG A 1 112 ? 0.538   -3.025  -2.544  1.00 25.40 ? 112 ARG A NE  1 
ATOM   823  C  CZ  . ARG A 1 112 ? 1.133   -4.100  -3.042  1.00 32.57 ? 112 ARG A CZ  1 
ATOM   824  N  NH1 . ARG A 1 112 ? 0.637   -4.704  -4.106  1.00 33.27 ? 112 ARG A NH1 1 
ATOM   825  N  NH2 . ARG A 1 112 ? 2.274   -4.524  -2.496  1.00 28.17 ? 112 ARG A NH2 1 
ATOM   826  N  N   . ARG A 1 113 ? -4.341  -4.627  -0.619  1.00 18.08 ? 113 ARG A N   1 
ATOM   827  C  CA  . ARG A 1 113 ? -4.538  -4.830  0.810   1.00 17.59 ? 113 ARG A CA  1 
ATOM   828  C  C   . ARG A 1 113 ? -3.291  -4.464  1.536   1.00 15.65 ? 113 ARG A C   1 
ATOM   829  O  O   . ARG A 1 113 ? -2.228  -5.067  1.284   1.00 14.02 ? 113 ARG A O   1 
ATOM   830  C  CB  . ARG A 1 113 ? -4.879  -6.297  1.066   1.00 18.84 ? 113 ARG A CB  1 
ATOM   831  C  CG  . ARG A 1 113 ? -6.228  -6.720  0.552   1.00 20.42 ? 113 ARG A CG  1 
ATOM   832  C  CD  . ARG A 1 113 ? -6.487  -8.261  0.678   1.00 30.75 ? 113 ARG A CD  1 
ATOM   833  N  NE  . ARG A 1 113 ? -7.873  -8.511  0.367   1.00 38.21 ? 113 ARG A NE  1 
ATOM   834  C  CZ  . ARG A 1 113 ? -8.415  -8.446  -0.860  1.00 52.01 ? 113 ARG A CZ  1 
ATOM   835  N  NH1 . ARG A 1 113 ? -7.674  -8.184  -1.937  1.00 53.23 ? 113 ARG A NH1 1 
ATOM   836  N  NH2 . ARG A 1 113 ? -9.721  -8.665  -1.035  1.00 55.06 ? 113 ARG A NH2 1 
ATOM   837  N  N   . ILE A 1 114 ? -3.402  -3.526  2.466   1.00 14.72 ? 114 ILE A N   1 
ATOM   838  C  CA  . ILE A 1 114 ? -2.224  -3.081  3.263   1.00 14.89 ? 114 ILE A CA  1 
ATOM   839  C  C   . ILE A 1 114 ? -2.521  -3.338  4.749   1.00 12.81 ? 114 ILE A C   1 
ATOM   840  O  O   . ILE A 1 114 ? -3.631  -3.146  5.203   1.00 12.50 ? 114 ILE A O   1 
ATOM   841  C  CB  . ILE A 1 114 ? -2.084  -1.586  3.045   1.00 16.87 ? 114 ILE A CB  1 
ATOM   842  C  CG1 . ILE A 1 114 ? -1.776  -1.243  1.567   1.00 18.46 ? 114 ILE A CG1 1 
ATOM   843  C  CG2 . ILE A 1 114 ? -0.999  -1.021  3.880   1.00 14.76 ? 114 ILE A CG2 1 
ATOM   844  C  CD1 . ILE A 1 114 ? -0.384  -1.676  1.153   1.00 22.28 ? 114 ILE A CD1 1 
ATOM   845  N  N   . ILE A 1 115 ? -1.528  -3.800  5.487   1.00 11.30 ? 115 ILE A N   1 
ATOM   846  C  CA  . ILE A 1 115 ? -1.663  -4.026  6.892   1.00 10.59 ? 115 ILE A CA  1 
ATOM   847  C  C   . ILE A 1 115 ? -1.199  -2.823  7.609   1.00 10.60 ? 115 ILE A C   1 
ATOM   848  O  O   . ILE A 1 115 ? -0.104  -2.336  7.388   1.00 13.92 ? 115 ILE A O   1 
ATOM   849  C  CB  . ILE A 1 115 ? -0.806  -5.245  7.272   1.00 12.44 ? 115 ILE A CB  1 
ATOM   850  C  CG1 . ILE A 1 115 ? -1.457  -6.517  6.677   1.00 14.47 ? 115 ILE A CG1 1 
ATOM   851  C  CG2 . ILE A 1 115 ? -0.722  -5.400  8.807   1.00 12.85 ? 115 ILE A CG2 1 
ATOM   852  C  CD1 . ILE A 1 115 ? -0.532  -7.751  6.892   1.00 20.93 ? 115 ILE A CD1 1 
ATOM   853  N  N   . PHE A 1 116 ? -2.031  -2.345  8.493   1.00 10.68 ? 116 PHE A N   1 
ATOM   854  C  CA  . PHE A 1 116 ? -1.678  -1.240  9.371   1.00 11.03 ? 116 PHE A CA  1 
ATOM   855  C  C   . PHE A 1 116 ? -1.566  -1.628  10.817  1.00 12.20 ? 116 PHE A C   1 
ATOM   856  O  O   . PHE A 1 116 ? -2.413  -2.398  11.297  1.00 11.41 ? 116 PHE A O   1 
ATOM   857  C  CB  . PHE A 1 116 ? -2.746  -0.132  9.256   1.00 12.40 ? 116 PHE A CB  1 
ATOM   858  C  CG  . PHE A 1 116 ? -2.820  0.450   7.850   1.00 10.40 ? 116 PHE A CG  1 
ATOM   859  C  CD1 . PHE A 1 116 ? -1.814  1.248   7.375   1.00 16.73 ? 116 PHE A CD1 1 
ATOM   860  C  CD2 . PHE A 1 116 ? -3.885  0.193   7.010   1.00 17.01 ? 116 PHE A CD2 1 
ATOM   861  C  CE1 . PHE A 1 116 ? -1.883  1.822   6.110   1.00 13.01 ? 116 PHE A CE1 1 
ATOM   862  C  CE2 . PHE A 1 116 ? -3.895  0.740   5.738   1.00 14.58 ? 116 PHE A CE2 1 
ATOM   863  C  CZ  . PHE A 1 116 ? -2.909  1.573   5.320   1.00 15.83 ? 116 PHE A CZ  1 
ATOM   864  N  N   . LYS A 1 117 ? -0.603  -1.065  11.547  1.00 12.12 ? 117 LYS A N   1 
ATOM   865  C  CA  . LYS A 1 117 ? -0.394  -1.300  12.988  1.00 10.35 ? 117 LYS A CA  1 
ATOM   866  C  C   . LYS A 1 117 ? -0.370  0.050   13.688  1.00 10.39 ? 117 LYS A C   1 
ATOM   867  O  O   . LYS A 1 117 ? 0.240   1.028   13.189  1.00 9.89  ? 117 LYS A O   1 
ATOM   868  C  CB  . LYS A 1 117 ? 0.956   -2.007  13.247  1.00 13.24 ? 117 LYS A CB  1 
ATOM   869  C  CG  . LYS A 1 117 ? 1.161   -3.240  12.455  1.00 14.81 ? 117 LYS A CG  1 
ATOM   870  C  CD  . LYS A 1 117 ? 2.538   -3.890  12.707  1.00 17.42 ? 117 LYS A CD  1 
ATOM   871  C  CE  . LYS A 1 117 ? 2.863   -5.166  11.828  1.00 21.15 ? 117 LYS A CE  1 
ATOM   872  N  NZ  . LYS A 1 117 ? 4.249   -5.671  12.346  1.00 15.46 ? 117 LYS A NZ  1 
ATOM   873  N  N   . PRO A 1 118 ? -0.927  0.142   14.865  1.00 9.78  ? 118 PRO A N   1 
ATOM   874  C  CA  . PRO A 1 118 ? -0.915  1.424   15.592  1.00 10.38 ? 118 PRO A CA  1 
ATOM   875  C  C   . PRO A 1 118 ? 0.483   1.936   15.783  1.00 11.69 ? 118 PRO A C   1 
ATOM   876  O  O   . PRO A 1 118 ? 0.662   3.137   15.706  1.00 11.80 ? 118 PRO A O   1 
ATOM   877  C  CB  . PRO A 1 118 ? -1.502  1.057   16.961  1.00 9.67  ? 118 PRO A CB  1 
ATOM   878  C  CG  . PRO A 1 118 ? -2.457  -0.043  16.682  1.00 11.48 ? 118 PRO A CG  1 
ATOM   879  C  CD  . PRO A 1 118 ? -1.641  -0.898  15.632  1.00 10.35 ? 118 PRO A CD  1 
ATOM   880  N  N   . GLU A 1 119 ? 1.447   1.055   16.088  1.00 10.62 ? 119 GLU A N   1 
ATOM   881  C  CA  . GLU A 1 119 ? 2.763   1.557   16.394  1.00 12.03 ? 119 GLU A CA  1 
ATOM   882  C  C   . GLU A 1 119 ? 3.445   2.132   15.123  1.00 11.95 ? 119 GLU A C   1 
ATOM   883  O  O   . GLU A 1 119 ? 4.184   3.106   15.190  1.00 11.55 ? 119 GLU A O   1 
ATOM   884  C  CB  . GLU A 1 119 ? 3.631   0.474   17.043  1.00 12.09 ? 119 GLU A CB  1 
ATOM   885  C  CG  . GLU A 1 119 ? 3.689   -0.780  16.267  1.00 12.83 ? 119 GLU A CG  1 
ATOM   886  C  CD  . GLU A 1 119 ? 2.622   -1.840  16.675  1.00 19.98 ? 119 GLU A CD  1 
ATOM   887  O  OE1 . GLU A 1 119 ? 1.426   -1.522  16.880  1.00 13.79 ? 119 GLU A OE1 1 
ATOM   888  O  OE2 . GLU A 1 119 ? 2.979   -3.013  16.803  1.00 16.45 ? 119 GLU A OE2 1 
ATOM   889  N  N   . ASP A 1 120 ? 3.172   1.552   13.952  1.00 9.90  ? 120 ASP A N   1 
ATOM   890  C  CA  . ASP A 1 120 ? 3.740   2.074   12.748  1.00 11.12 ? 120 ASP A CA  1 
ATOM   891  C  C   . ASP A 1 120 ? 3.046   3.345   12.286  1.00 9.34  ? 120 ASP A C   1 
ATOM   892  O  O   . ASP A 1 120 ? 3.640   4.289   11.747  1.00 9.87  ? 120 ASP A O   1 
ATOM   893  C  CB  . ASP A 1 120 ? 3.687   0.998   11.708  1.00 12.38 ? 120 ASP A CB  1 
ATOM   894  C  CG  . ASP A 1 120 ? 4.818   -0.030  11.877  1.00 15.63 ? 120 ASP A CG  1 
ATOM   895  O  OD1 . ASP A 1 120 ? 5.895   0.313   12.488  1.00 12.58 ? 120 ASP A OD1 1 
ATOM   896  O  OD2 . ASP A 1 120 ? 4.695   -1.191  11.434  1.00 14.34 ? 120 ASP A OD2 1 
ATOM   897  N  N   . LEU A 1 121 ? 1.742   3.393   12.460  1.00 10.26 ? 121 LEU A N   1 
ATOM   898  C  CA  . LEU A 1 121 ? 1.049   4.636   12.199  1.00 9.57  ? 121 LEU A CA  1 
ATOM   899  C  C   . LEU A 1 121 ? 1.534   5.780   13.111  1.00 12.51 ? 121 LEU A C   1 
ATOM   900  O  O   . LEU A 1 121 ? 1.720   6.918   12.687  1.00 13.34 ? 121 LEU A O   1 
ATOM   901  C  CB  . LEU A 1 121 ? -0.447  4.433   12.414  1.00 9.69  ? 121 LEU A CB  1 
ATOM   902  C  CG  . LEU A 1 121 ? -1.140  3.530   11.370  1.00 12.04 ? 121 LEU A CG  1 
ATOM   903  C  CD1 . LEU A 1 121 ? -2.517  3.075   11.883  1.00 16.82 ? 121 LEU A CD1 1 
ATOM   904  C  CD2 . LEU A 1 121 ? -1.290  4.063   9.982   1.00 13.25 ? 121 LEU A CD2 1 
ATOM   905  N  N   . SER A 1 122 ? 1.790   5.466   14.374  1.00 11.90 ? 122 SER A N   1 
ATOM   906  C  CA  . SER A 1 122 ? 2.316   6.488   15.330  1.00 12.34 ? 122 SER A CA  1 
ATOM   907  C  C   . SER A 1 122 ? 3.742   6.873   14.932  1.00 10.98 ? 122 SER A C   1 
ATOM   908  O  O   . SER A 1 122 ? 4.058   8.064   14.858  1.00 12.57 ? 122 SER A O   1 
ATOM   909  C  CB  . SER A 1 122 ? 2.329   5.952   16.783  1.00 13.21 ? 122 SER A CB  1 
ATOM   910  O  OG  . SER A 1 122 ? 2.767   7.048   17.617  1.00 18.13 ? 122 SER A OG  1 
ATOM   911  N  N   . LEU A 1 123 ? 4.558   5.867   14.568  1.00 8.69  ? 123 LEU A N   1 
ATOM   912  C  CA  . LEU A 1 123 ? 5.928   6.109   14.109  1.00 11.22 ? 123 LEU A CA  1 
ATOM   913  C  C   . LEU A 1 123 ? 5.945   7.168   12.997  1.00 11.83 ? 123 LEU A C   1 
ATOM   914  O  O   . LEU A 1 123 ? 6.822   8.007   12.961  1.00 11.01 ? 123 LEU A O   1 
ATOM   915  C  CB  . LEU A 1 123 ? 6.560   4.831   13.588  1.00 10.11 ? 123 LEU A CB  1 
ATOM   916  C  CG  . LEU A 1 123 ? 8.018   4.819   13.136  1.00 13.13 ? 123 LEU A CG  1 
ATOM   917  C  CD1 . LEU A 1 123 ? 8.814   5.081   14.435  1.00 14.76 ? 123 LEU A CD1 1 
ATOM   918  C  CD2 . LEU A 1 123 ? 8.388   3.461   12.612  1.00 18.32 ? 123 LEU A CD2 1 
ATOM   919  N  N   . HIS A 1 124 ? 5.045   7.039   12.029  1.00 13.32 ? 124 HIS A N   1 
ATOM   920  C  CA  . HIS A 1 124 ? 5.061   7.913   10.876  1.00 12.46 ? 124 HIS A CA  1 
ATOM   921  C  C   . HIS A 1 124 ? 4.044   9.030   10.900  1.00 16.03 ? 124 HIS A C   1 
ATOM   922  O  O   . HIS A 1 124 ? 3.812   9.693   9.846   1.00 16.41 ? 124 HIS A O   1 
ATOM   923  C  CB  . HIS A 1 124 ? 4.887   7.074   9.597   1.00 12.56 ? 124 HIS A CB  1 
ATOM   924  C  CG  . HIS A 1 124 ? 6.108   6.302   9.293   1.00 13.29 ? 124 HIS A CG  1 
ATOM   925  N  ND1 . HIS A 1 124 ? 6.182   4.926   9.477   1.00 15.92 ? 124 HIS A ND1 1 
ATOM   926  C  CD2 . HIS A 1 124 ? 7.348   6.704   8.947   1.00 10.13 ? 124 HIS A CD2 1 
ATOM   927  C  CE1 . HIS A 1 124 ? 7.419   4.527   9.207   1.00 12.90 ? 124 HIS A CE1 1 
ATOM   928  N  NE2 . HIS A 1 124 ? 8.137   5.576   8.874   1.00 14.86 ? 124 HIS A NE2 1 
ATOM   929  N  N   . HIS A 1 125 ? 3.445   9.279   12.037  1.00 13.86 ? 125 HIS A N   1 
ATOM   930  C  CA  . HIS A 1 125 ? 2.362   10.257  12.110  1.00 15.45 ? 125 HIS A CA  1 
ATOM   931  C  C   . HIS A 1 125 ? 2.927   11.677  11.872  1.00 24.59 ? 125 HIS A C   1 
ATOM   932  O  O   . HIS A 1 125 ? 2.254   12.427  11.134  1.00 29.28 ? 125 HIS A O   1 
ATOM   933  C  CB  . HIS A 1 125 ? 1.606   10.118  13.411  1.00 13.11 ? 125 HIS A CB  1 
ATOM   934  C  CG  . HIS A 1 125 ? 0.543   11.149  13.655  1.00 11.86 ? 125 HIS A CG  1 
ATOM   935  N  ND1 . HIS A 1 125 ? -0.587  11.162  12.864  1.00 15.93 ? 125 HIS A ND1 1 
ATOM   936  C  CD2 . HIS A 1 125 ? 0.343   12.024  14.686  1.00 13.58 ? 125 HIS A CD2 1 
ATOM   937  C  CE1 . HIS A 1 125 ? -1.378  12.146  13.280  1.00 19.71 ? 125 HIS A CE1 1 
ATOM   938  N  NE2 . HIS A 1 125 ? -0.863  12.652  14.391  1.00 18.32 ? 125 HIS A NE2 1 
ATOM   939  N  N   . HIS A 1 126 ? 4.130   12.035  12.273  1.00 29.65 ? 126 HIS A N   1 
ATOM   940  C  CA  . HIS A 1 126 ? 4.601   13.351  11.808  1.00 32.94 ? 126 HIS A CA  1 
ATOM   941  C  C   . HIS A 1 126 ? 4.852   13.713  10.331  1.00 34.55 ? 126 HIS A C   1 
ATOM   942  O  O   . HIS A 1 126 ? 5.222   12.867  9.516   1.00 37.11 ? 126 HIS A O   1 
ATOM   943  C  CB  . HIS A 1 126 ? 5.758   13.772  12.664  1.00 31.81 ? 126 HIS A CB  1 
ATOM   944  C  CG  . HIS A 1 126 ? 5.363   13.855  14.075  1.00 33.20 ? 126 HIS A CG  1 
ATOM   945  N  ND1 . HIS A 1 126 ? 4.608   14.892  14.561  1.00 45.43 ? 126 HIS A ND1 1 
ATOM   946  C  CD2 . HIS A 1 126 ? 5.496   12.979  15.105  1.00 48.11 ? 126 HIS A CD2 1 
ATOM   947  C  CE1 . HIS A 1 126 ? 4.343   14.685  15.852  1.00 49.04 ? 126 HIS A CE1 1 
ATOM   948  N  NE2 . HIS A 1 126 ? 4.868   13.528  16.212  1.00 49.69 ? 126 HIS A NE2 1 
ATOM   949  N  N   . HIS A 1 127 ? 4.657   15.018  10.053  1.00 36.51 ? 127 HIS A N   1 
ATOM   950  C  CA  . HIS A 1 127 ? 4.987   15.658  8.780   1.00 40.58 ? 127 HIS A CA  1 
ATOM   951  C  C   . HIS A 1 127 ? 6.393   16.209  8.763   1.00 44.01 ? 127 HIS A C   1 
ATOM   952  O  O   . HIS A 1 127 ? 6.896   16.637  9.790   1.00 42.42 ? 127 HIS A O   1 
ATOM   953  C  CB  . HIS A 1 127 ? 4.063   16.858  8.506   1.00 39.71 ? 127 HIS A CB  1 
ATOM   954  C  CG  . HIS A 1 127 ? 2.738   16.445  7.977   1.00 39.64 ? 127 HIS A CG  1 
ATOM   955  N  ND1 . HIS A 1 127 ? 2.551   16.096  6.654   1.00 34.35 ? 127 HIS A ND1 1 
ATOM   956  C  CD2 . HIS A 1 127 ? 1.545   16.260  8.593   1.00 35.49 ? 127 HIS A CD2 1 
ATOM   957  C  CE1 . HIS A 1 127 ? 1.305   15.699  6.483   1.00 34.39 ? 127 HIS A CE1 1 
ATOM   958  N  NE2 . HIS A 1 127 ? 0.667   15.823  7.633   1.00 36.16 ? 127 HIS A NE2 1 
ATOM   959  N  N   . HIS A 1 128 ? 6.964   16.166  7.561   1.00 50.36 ? 128 HIS A N   1 
ATOM   960  C  CA  . HIS A 1 128 ? 8.071   17.019  7.029   1.00 55.53 ? 128 HIS A CA  1 
ATOM   961  C  C   . HIS A 1 128 ? 9.088   16.229  6.148   1.00 57.89 ? 128 HIS A C   1 
ATOM   962  O  O   . HIS A 1 128 ? 9.893   16.766  5.373   1.00 61.15 ? 128 HIS A O   1 
ATOM   963  C  CB  . HIS A 1 128 ? 8.808   17.804  8.106   1.00 56.77 ? 128 HIS A CB  1 
ATOM   964  C  CG  . HIS A 1 128 ? 8.514   19.274  8.121   1.00 60.93 ? 128 HIS A CG  1 
ATOM   965  N  ND1 . HIS A 1 128 ? 8.054   19.912  9.250   1.00 66.25 ? 128 HIS A ND1 1 
ATOM   966  C  CD2 . HIS A 1 128 ? 8.688   20.245  7.184   1.00 66.42 ? 128 HIS A CD2 1 
ATOM   967  C  CE1 . HIS A 1 128 ? 7.919   21.204  9.003   1.00 66.91 ? 128 HIS A CE1 1 
ATOM   968  N  NE2 . HIS A 1 128 ? 8.298   21.434  7.755   1.00 67.77 ? 128 HIS A NE2 1 
HETATM 969  ZN ZN  . ZN  B 2 .   ? -1.094  13.960  15.928  1.00 51.65 ? 130 ZN  A ZN  1 
HETATM 970  ZN ZN  . ZN  C 2 .   ? 5.624   11.597  18.643  0.33 60.19 ? 131 ZN  A ZN  1 
HETATM 971  C  C   . TRS D 3 .   ? 6.772   -3.491  19.232  0.33 9.09  ? 303 TRS A C   1 
HETATM 972  C  C1  . TRS D 3 .   ? 6.652   -4.000  20.693  0.33 9.98  ? 303 TRS A C1  1 
HETATM 973  C  C2  . TRS D 3 .   ? 5.642   -4.186  18.433  0.33 9.39  ? 303 TRS A C2  1 
HETATM 974  C  C3  . TRS D 3 .   ? 8.082   -4.084  18.686  0.33 8.28  ? 303 TRS A C3  1 
HETATM 975  N  N   . TRS D 3 .   ? 6.860   -2.044  19.041  0.33 7.05  ? 303 TRS A N   1 
HETATM 976  O  O1  . TRS D 3 .   ? 5.486   -3.495  21.345  0.33 10.73 ? 303 TRS A O1  1 
HETATM 977  O  O2  . TRS D 3 .   ? 5.540   -3.648  17.108  0.33 7.46  ? 303 TRS A O2  1 
HETATM 978  O  O3  . TRS D 3 .   ? 9.182   -3.369  19.244  0.33 9.64  ? 303 TRS A O3  1 
HETATM 979  O  O   . HOH E 4 .   ? -14.124 4.517   9.485   1.00 17.38 ? 304 HOH A O   1 
HETATM 980  O  O   . HOH E 4 .   ? -8.344  7.989   11.772  1.00 12.69 ? 305 HOH A O   1 
HETATM 981  O  O   . HOH E 4 .   ? -11.365 3.324   21.418  1.00 13.44 ? 306 HOH A O   1 
HETATM 982  O  O   . HOH E 4 .   ? -4.726  -7.300  16.022  1.00 14.64 ? 307 HOH A O   1 
HETATM 983  O  O   . HOH E 4 .   ? 0.477   -8.105  11.151  1.00 20.91 ? 308 HOH A O   1 
HETATM 984  O  O   . HOH E 4 .   ? 3.868   2.975   19.951  1.00 17.20 ? 309 HOH A O   1 
HETATM 985  O  O   . HOH E 4 .   ? 1.093   -4.519  3.980   1.00 15.55 ? 310 HOH A O   1 
HETATM 986  O  O   . HOH E 4 .   ? 5.996   -3.403  11.742  1.00 14.97 ? 311 HOH A O   1 
HETATM 987  O  O   . HOH E 4 .   ? -10.703 10.291  -2.692  1.00 21.22 ? 312 HOH A O   1 
HETATM 988  O  O   . HOH E 4 .   ? -12.320 4.863   15.664  1.00 20.62 ? 313 HOH A O   1 
HETATM 989  O  O   . HOH E 4 .   ? 4.223   5.669   19.601  1.00 21.77 ? 314 HOH A O   1 
HETATM 990  O  O   . HOH E 4 .   ? -5.478  -8.427  10.925  1.00 25.20 ? 315 HOH A O   1 
HETATM 991  O  O   . HOH E 4 .   ? 1.187   -4.893  15.675  1.00 16.22 ? 316 HOH A O   1 
HETATM 992  O  O   . HOH E 4 .   ? -3.027  -6.570  -2.336  1.00 25.04 ? 317 HOH A O   1 
HETATM 993  O  O   . HOH E 4 .   ? -1.470  -9.610  10.185  1.00 19.46 ? 318 HOH A O   1 
HETATM 994  O  O   . HOH E 4 .   ? -12.355 -1.161  -0.137  1.00 23.42 ? 319 HOH A O   1 
HETATM 995  O  O   . HOH E 4 .   ? -0.989  -8.605  14.940  1.00 28.05 ? 320 HOH A O   1 
HETATM 996  O  O   . HOH E 4 .   ? -9.958  -4.161  21.917  1.00 36.03 ? 321 HOH A O   1 
HETATM 997  O  O   . HOH E 4 .   ? -4.352  -10.352 6.702   1.00 20.49 ? 322 HOH A O   1 
HETATM 998  O  O   . HOH E 4 .   ? 7.830   9.421   8.587   1.00 16.70 ? 323 HOH A O   1 
HETATM 999  O  O   . HOH E 4 .   ? -14.663 -1.012  11.878  1.00 33.58 ? 324 HOH A O   1 
HETATM 1000 O  O   . HOH E 4 .   ? -13.391 4.890   20.320  1.00 26.09 ? 325 HOH A O   1 
HETATM 1001 O  O   . HOH E 4 .   ? -14.184 -3.715  12.173  1.00 25.50 ? 326 HOH A O   1 
HETATM 1002 O  O   . HOH E 4 .   ? -15.990 1.700   15.551  1.00 44.98 ? 327 HOH A O   1 
HETATM 1003 O  O   . HOH E 4 .   ? -1.930  12.069  4.102   1.00 22.55 ? 328 HOH A O   1 
HETATM 1004 O  O   . HOH E 4 .   ? -3.483  -2.520  27.427  1.00 35.30 ? 329 HOH A O   1 
HETATM 1005 O  O   . HOH E 4 .   ? -8.193  -12.843 11.501  1.00 28.14 ? 330 HOH A O   1 
HETATM 1006 O  O   . HOH E 4 .   ? -7.570  -1.765  23.870  1.00 24.73 ? 331 HOH A O   1 
HETATM 1007 O  O   . HOH E 4 .   ? -15.676 2.426   8.930   1.00 24.98 ? 332 HOH A O   1 
HETATM 1008 O  O   . HOH E 4 .   ? -14.171 -3.904  19.289  1.00 24.74 ? 333 HOH A O   1 
HETATM 1009 O  O   . HOH E 4 .   ? 3.054   8.853   19.921  1.00 23.42 ? 334 HOH A O   1 
HETATM 1010 O  O   . HOH E 4 .   ? -7.360  13.285  -10.813 1.00 35.94 ? 335 HOH A O   1 
HETATM 1011 O  O   . HOH E 4 .   ? 2.150   -2.597  5.688   1.00 25.98 ? 336 HOH A O   1 
HETATM 1012 O  O   . HOH E 4 .   ? 7.351   11.147  10.325  1.00 27.27 ? 337 HOH A O   1 
HETATM 1013 O  O   . HOH E 4 .   ? -12.622 -0.928  21.857  1.00 24.16 ? 338 HOH A O   1 
HETATM 1014 O  O   . HOH E 4 .   ? -10.197 3.520   -14.424 1.00 37.78 ? 339 HOH A O   1 
HETATM 1015 O  O   . HOH E 4 .   ? -10.581 8.125   13.186  1.00 21.24 ? 340 HOH A O   1 
HETATM 1016 O  O   . HOH E 4 .   ? -11.699 -9.969  10.102  1.00 28.74 ? 341 HOH A O   1 
HETATM 1017 O  O   . HOH E 4 .   ? 3.161   -5.491  21.434  1.00 30.59 ? 342 HOH A O   1 
HETATM 1018 O  O   . HOH E 4 .   ? -2.340  -5.882  -5.024  1.00 26.13 ? 343 HOH A O   1 
HETATM 1019 O  O   . HOH E 4 .   ? -8.451  10.081  9.937   1.00 19.52 ? 344 HOH A O   1 
HETATM 1020 O  O   . HOH E 4 .   ? -7.252  8.415   21.728  1.00 24.18 ? 345 HOH A O   1 
HETATM 1021 O  O   . HOH E 4 .   ? 10.926  0.430   0.920   1.00 26.79 ? 346 HOH A O   1 
HETATM 1022 O  O   . HOH E 4 .   ? 2.654   9.904   16.680  1.00 16.41 ? 347 HOH A O   1 
HETATM 1023 O  O   . HOH E 4 .   ? -12.623 6.293   13.236  1.00 27.55 ? 348 HOH A O   1 
HETATM 1024 O  O   . HOH E 4 .   ? -8.195  7.685   -13.029 1.00 21.25 ? 349 HOH A O   1 
HETATM 1025 O  O   . HOH E 4 .   ? -14.806 -1.824  6.530   1.00 28.52 ? 350 HOH A O   1 
HETATM 1026 O  O   . HOH E 4 .   ? -5.426  12.261  -8.493  1.00 31.24 ? 351 HOH A O   1 
HETATM 1027 O  O   . HOH E 4 .   ? 10.961  4.133   0.962   1.00 30.54 ? 352 HOH A O   1 
HETATM 1028 O  O   . HOH E 4 .   ? -8.771  14.602  4.183   1.00 25.11 ? 353 HOH A O   1 
HETATM 1029 O  O   . HOH E 4 .   ? 7.211   6.679   -3.993  1.00 45.99 ? 354 HOH A O   1 
HETATM 1030 O  O   . HOH E 4 .   ? -1.480  4.890   -12.440 1.00 34.15 ? 355 HOH A O   1 
HETATM 1031 O  O   . HOH E 4 .   ? -15.607 4.917   5.054   1.00 31.06 ? 356 HOH A O   1 
HETATM 1032 O  O   . HOH E 4 .   ? 0.109   -5.733  0.052   1.00 30.05 ? 357 HOH A O   1 
HETATM 1033 O  O   . HOH E 4 .   ? -9.167  -11.789 5.616   1.00 29.35 ? 358 HOH A O   1 
HETATM 1034 O  O   . HOH E 4 .   ? -3.653  -8.600  8.891   1.00 22.74 ? 359 HOH A O   1 
HETATM 1035 O  O   . HOH E 4 .   ? 11.864  0.359   -1.756  1.00 35.72 ? 360 HOH A O   1 
HETATM 1036 O  O   . HOH E 4 .   ? -2.458  -6.137  21.257  1.00 40.04 ? 361 HOH A O   1 
HETATM 1037 O  O   . HOH E 4 .   ? 2.340   -4.415  1.198   1.00 38.52 ? 362 HOH A O   1 
HETATM 1038 O  O   . HOH E 4 .   ? 5.081   10.409  7.566   1.00 33.77 ? 363 HOH A O   1 
HETATM 1039 O  O   . HOH E 4 .   ? 2.738   -6.245  5.229   1.00 32.10 ? 364 HOH A O   1 
HETATM 1040 O  O   . HOH E 4 .   ? 2.515   -7.398  9.396   1.00 31.92 ? 365 HOH A O   1 
HETATM 1041 O  O   . HOH E 4 .   ? -7.039  -7.086  19.533  1.00 44.00 ? 366 HOH A O   1 
HETATM 1042 O  O   . HOH E 4 .   ? -4.248  -5.646  22.450  1.00 43.75 ? 367 HOH A O   1 
HETATM 1043 O  O   . HOH E 4 .   ? 5.946   11.571  -2.617  1.00 36.92 ? 368 HOH A O   1 
HETATM 1044 O  O   . HOH E 4 .   ? 2.259   -7.076  -4.066  1.00 43.69 ? 369 HOH A O   1 
HETATM 1045 O  O   . HOH E 4 .   ? 2.233   -0.927  9.270   1.00 37.90 ? 370 HOH A O   1 
HETATM 1046 O  O   . HOH E 4 .   ? -14.412 -0.136  9.598   1.00 31.39 ? 371 HOH A O   1 
HETATM 1047 O  O   . HOH E 4 .   ? 4.838   -7.779  10.734  1.00 39.37 ? 372 HOH A O   1 
HETATM 1048 O  O   . HOH E 4 .   ? -5.303  -4.411  -8.231  1.00 32.51 ? 373 HOH A O   1 
HETATM 1049 O  O   . HOH E 4 .   ? 3.685   -7.418  19.238  1.00 41.69 ? 374 HOH A O   1 
HETATM 1050 O  O   . HOH E 4 .   ? 5.708   12.543  3.596   1.00 53.46 ? 375 HOH A O   1 
HETATM 1051 O  O   . HOH E 4 .   ? -1.540  3.769   -15.015 1.00 40.08 ? 376 HOH A O   1 
HETATM 1052 O  O   . HOH E 4 .   ? 2.957   -6.818  15.028  1.00 38.16 ? 377 HOH A O   1 
HETATM 1053 O  O   . HOH E 4 .   ? 0.779   0.989   9.807   1.00 22.19 ? 378 HOH A O   1 
HETATM 1054 O  O   . HOH E 4 .   ? -15.150 4.255   16.223  1.00 47.79 ? 379 HOH A O   1 
HETATM 1055 O  O   . HOH E 4 .   ? -8.078  15.386  6.463   1.00 30.68 ? 380 HOH A O   1 
HETATM 1056 O  O   . HOH E 4 .   ? -15.757 0.420   4.796   1.00 32.91 ? 381 HOH A O   1 
HETATM 1057 O  O   . HOH E 4 .   ? -14.140 6.070   7.027   1.00 37.08 ? 382 HOH A O   1 
HETATM 1058 O  O   . HOH E 4 .   ? -13.119 -5.664  2.262   1.00 36.28 ? 383 HOH A O   1 
HETATM 1059 O  O   . HOH E 4 .   ? -11.683 13.965  4.152   1.00 44.90 ? 384 HOH A O   1 
HETATM 1060 O  O   . HOH E 4 .   ? -2.229  -4.577  25.362  1.00 35.13 ? 385 HOH A O   1 
HETATM 1061 O  O   . HOH E 4 .   ? -6.981  10.827  18.584  1.00 38.06 ? 386 HOH A O   1 
HETATM 1062 O  O   . HOH E 4 .   ? -12.566 11.514  9.454   1.00 44.56 ? 387 HOH A O   1 
HETATM 1063 O  O   . HOH E 4 .   ? -4.490  -7.946  19.130  1.00 52.10 ? 388 HOH A O   1 
HETATM 1064 O  O   . HOH E 4 .   ? 7.973   14.137  14.746  1.00 83.54 ? 389 HOH A O   1 
HETATM 1065 O  O   . HOH E 4 .   ? -12.750 9.426   6.398   1.00 40.01 ? 390 HOH A O   1 
HETATM 1066 O  O   . HOH E 4 .   ? -4.311  12.871  16.955  1.00 51.99 ? 391 HOH A O   1 
HETATM 1067 O  O   . HOH E 4 .   ? 5.184   20.906  7.384   1.00 43.73 ? 392 HOH A O   1 
HETATM 1068 O  O   . HOH E 4 .   ? -16.754 2.434   6.497   1.00 38.13 ? 393 HOH A O   1 
HETATM 1069 O  O   . HOH E 4 .   ? -0.175  -0.825  -19.389 1.00 46.26 ? 394 HOH A O   1 
HETATM 1070 O  O   . HOH E 4 .   ? -15.049 6.302   11.465  1.00 31.69 ? 395 HOH A O   1 
HETATM 1071 O  O   . HOH E 4 .   ? 1.907   -10.716 12.740  0.50 33.03 ? 396 HOH A O   1 
HETATM 1072 O  O   . HOH E 4 .   ? -13.866 10.263  4.244   1.00 47.60 ? 397 HOH A O   1 
HETATM 1073 O  O   . HOH E 4 .   ? 6.624   -1.996  2.295   1.00 50.07 ? 398 HOH A O   1 
HETATM 1074 O  O   . HOH E 4 .   ? 3.490   17.267  12.323  1.00 48.12 ? 399 HOH A O   1 
HETATM 1075 O  O   . HOH E 4 .   ? -9.575  -10.653 12.575  1.00 41.95 ? 400 HOH A O   1 
HETATM 1076 O  O   . HOH E 4 .   ? -14.939 -4.135  -2.107  1.00 45.20 ? 401 HOH A O   1 
HETATM 1077 O  O   . HOH E 4 .   ? 6.010   10.930  13.424  1.00 38.41 ? 402 HOH A O   1 
HETATM 1078 O  O   . HOH E 4 .   ? -2.910  10.262  15.772  1.00 20.06 ? 403 HOH A O   1 
HETATM 1079 O  O   . HOH E 4 .   ? -14.512 3.709   3.158   1.00 23.54 ? 404 HOH A O   1 
HETATM 1080 O  O   . HOH E 4 .   ? 0.110   14.351  11.001  1.00 32.65 ? 405 HOH A O   1 
HETATM 1081 O  O   . HOH E 4 .   ? 4.469   -9.525  12.175  1.00 44.66 ? 406 HOH A O   1 
HETATM 1082 O  O   . HOH E 4 .   ? 1.992   -10.111 7.977   1.00 35.23 ? 407 HOH A O   1 
HETATM 1083 O  O   . HOH E 4 .   ? 5.412   -3.499  0.306   1.00 36.96 ? 408 HOH A O   1 
HETATM 1084 O  O   . HOH E 4 .   ? -11.594 -7.734  1.365   1.00 40.02 ? 409 HOH A O   1 
HETATM 1085 O  O   . HOH E 4 .   ? 8.487   6.131   -0.035  1.00 32.55 ? 410 HOH A O   1 
HETATM 1086 O  O   . HOH E 4 .   ? 20.909  -11.159 -22.730 1.00 55.68 ? 411 HOH A O   1 
HETATM 1087 O  O   . HOH E 4 .   ? 7.464   -4.688  -1.467  1.00 53.01 ? 412 HOH A O   1 
HETATM 1088 O  O   . HOH E 4 .   ? 14.242  -0.930  -1.950  1.00 39.15 ? 413 HOH A O   1 
HETATM 1089 O  O   . HOH E 4 .   ? -6.006  -4.839  24.035  1.00 46.58 ? 414 HOH A O   1 
HETATM 1090 O  O   . HOH E 4 .   ? -14.795 8.714   7.212   1.00 47.19 ? 415 HOH A O   1 
HETATM 1091 O  O   . HOH E 4 .   ? -7.005  0.154   -16.941 1.00 50.51 ? 416 HOH A O   1 
HETATM 1092 O  O   . HOH E 4 .   ? -14.847 -1.696  21.080  1.00 45.22 ? 417 HOH A O   1 
HETATM 1093 O  O   . HOH E 4 .   ? 6.042   1.894   19.327  0.33 17.28 ? 418 HOH A O   1 
HETATM 1094 O  O   . HOH E 4 .   ? -6.647  -11.231 4.293   1.00 24.22 ? 419 HOH A O   1 
HETATM 1095 O  O   . HOH E 4 .   ? -14.103 -9.819  7.360   1.00 57.18 ? 420 HOH A O   1 
HETATM 1096 O  O   . HOH E 4 .   ? 0.789   13.312  17.499  1.00 44.30 ? 421 HOH A O   1 
HETATM 1097 O  O   . HOH E 4 .   ? -7.948  -10.755 16.381  1.00 45.54 ? 422 HOH A O   1 
HETATM 1098 O  O   . HOH E 4 .   ? 18.229  -21.122 -33.722 1.00 46.58 ? 423 HOH A O   1 
HETATM 1099 O  O   . HOH E 4 .   ? 16.165  -21.597 -31.726 1.00 53.19 ? 424 HOH A O   1 
HETATM 1100 O  O   . HOH E 4 .   ? -18.238 5.907   8.587   1.00 48.79 ? 425 HOH A O   1 
# 
